data_5T89
#
_entry.id   5T89
#
_cell.length_a   166.710
_cell.length_b   123.090
_cell.length_c   167.370
_cell.angle_alpha   90.000
_cell.angle_beta   109.560
_cell.angle_gamma   90.000
#
_symmetry.space_group_name_H-M   'C 1 2 1'
#
loop_
_entity.id
_entity.type
_entity.pdbx_description
1 polymer 'Vascular endothelial growth factor A'
2 polymer 'Vascular endothelial growth factor receptor 1'
3 branched 2-acetamido-2-deoxy-beta-D-glucopyranose-(1-4)-2-acetamido-2-deoxy-beta-D-glucopyranose
4 non-polymer 2-acetamido-2-deoxy-beta-D-glucopyranose
#
loop_
_entity_poly.entity_id
_entity_poly.type
_entity_poly.pdbx_seq_one_letter_code
_entity_poly.pdbx_strand_id
1 'polypeptide(L)'
;GSHHHHHHGSAPMAEGGGQNHHEVVKFMDVYQRSYCHPIETLVDIFQEYPDEIEYIFKPSCVPLMRCGGCCNDEGLECVP
TEESNITMQIMRIKPHQGQHIGEMSFLQHNKCECRPKKDRARQENCDKPRR
;
V,W
2 'polypeptide(L)'
;SKLKDPELSLKGTQHIMQAGQTLHLQCRGEAAHKWSLPEMVSKESERLSITKSACGRNGKQFCSTLTLNTAQANHTGFYS
CKYLAVPTSKKKETESAIYIFISDTGRPFVEMYSEIPEIIHMTEGRELVIPCRVTSPNITVTLKKFPLDTLIPDGKRIIW
DSRKGFIISNATYKEIGLLTCEATVNGHLYKTNYLTHRQTNTIIDVQISTPRPVKLLRGHTLVLNCTATTPLNTRVQMTW
SYPDEKNKRASVRRRIDQSNSHANIFYSVLTIDKMQNKDKGLYTCRVRSGPSFKSVNTSVHIYDKAFITVKHRKQQVLET
VAGKRSYRLSMKVKAFPSPEVVWLKDGLPATEKSARYLTRGYSLIIKDVTEEDAGNYTILLSIKQSNVFKNLTATLIVNV
KPQIYEKAVSSFPDPALYPLGSRQILTCTAYGIPQPTIKWFWHPCNHNHSEARCDFCSNNEESFILDADSNMGNRIESIT
QRMAIIEGKNKMASTLVVADSRISGIYICIASNKVGTVGRNISFYITDVPNGFHVNLEKMPTEGEDLKLSCTVNKFLYRD
VTWILLRTVNNRTMHYSISKQKMAITKEHSITLNLTIMNVSLQDSGTYACRARNVYTGEEILQKKEITIRDQEAIEGRHH
HHHHHH
;
X,Y
#
loop_
_chem_comp.id
_chem_comp.type
_chem_comp.name
_chem_comp.formula
NAG D-saccharide, beta linking 2-acetamido-2-deoxy-beta-D-glucopyranose 'C8 H15 N O6'
#
# COMPACT_ATOMS: atom_id res chain seq x y z
N GLU A 23 -58.59 24.54 -0.17
CA GLU A 23 -57.78 23.67 -1.03
C GLU A 23 -56.41 23.43 -0.42
N VAL A 24 -55.95 24.37 0.40
CA VAL A 24 -54.66 24.28 1.08
C VAL A 24 -54.87 23.77 2.49
N VAL A 25 -54.14 22.72 2.86
CA VAL A 25 -54.29 22.13 4.19
C VAL A 25 -53.75 23.08 5.25
N LYS A 26 -54.51 23.24 6.33
CA LYS A 26 -54.15 24.18 7.38
C LYS A 26 -52.94 23.66 8.17
N PHE A 27 -52.33 24.58 8.92
CA PHE A 27 -51.10 24.25 9.64
C PHE A 27 -51.35 23.26 10.77
N MET A 28 -52.42 23.46 11.53
CA MET A 28 -52.66 22.59 12.69
C MET A 28 -52.98 21.16 12.26
N ASP A 29 -53.60 20.97 11.10
CA ASP A 29 -53.88 19.63 10.64
C ASP A 29 -52.60 18.88 10.29
N VAL A 30 -51.61 19.59 9.74
CA VAL A 30 -50.36 18.95 9.35
C VAL A 30 -49.56 18.55 10.58
N TYR A 31 -49.57 19.40 11.61
CA TYR A 31 -48.75 19.14 12.80
C TYR A 31 -49.29 17.94 13.58
N GLN A 32 -50.62 17.83 13.69
CA GLN A 32 -51.20 16.75 14.48
C GLN A 32 -51.08 15.42 13.75
N ARG A 33 -51.34 15.40 12.44
CA ARG A 33 -51.26 14.17 11.64
C ARG A 33 -49.83 13.70 11.44
N SER A 34 -48.83 14.50 11.80
CA SER A 34 -47.43 14.13 11.62
C SER A 34 -46.67 14.03 12.94
N TYR A 35 -47.32 14.28 14.07
CA TYR A 35 -46.64 14.15 15.36
C TYR A 35 -46.50 12.69 15.73
N CYS A 36 -45.45 12.38 16.50
CA CYS A 36 -45.10 11.04 16.92
C CYS A 36 -46.29 10.26 17.46
N HIS A 37 -46.80 9.34 16.66
CA HIS A 37 -47.98 8.55 17.00
C HIS A 37 -47.90 7.22 16.26
N PRO A 38 -48.54 6.17 16.79
CA PRO A 38 -48.60 4.89 16.06
C PRO A 38 -49.38 5.05 14.75
N ILE A 39 -48.75 4.66 13.64
CA ILE A 39 -49.35 4.74 12.32
C ILE A 39 -49.15 3.40 11.61
N GLU A 40 -50.04 3.10 10.67
CA GLU A 40 -49.97 1.86 9.92
C GLU A 40 -48.79 1.88 8.96
N THR A 41 -47.88 0.93 9.12
CA THR A 41 -46.68 0.83 8.31
C THR A 41 -46.58 -0.57 7.71
N LEU A 42 -46.02 -0.66 6.50
CA LEU A 42 -45.88 -1.92 5.77
C LEU A 42 -44.45 -2.42 5.95
N VAL A 43 -44.25 -3.26 6.95
CA VAL A 43 -42.93 -3.78 7.29
C VAL A 43 -42.65 -5.01 6.45
N ASP A 44 -41.46 -5.07 5.86
CA ASP A 44 -41.02 -6.26 5.17
C ASP A 44 -40.82 -7.39 6.17
N ILE A 45 -41.37 -8.57 5.84
CA ILE A 45 -41.31 -9.69 6.78
C ILE A 45 -39.87 -10.14 7.01
N PHE A 46 -39.05 -10.08 5.95
CA PHE A 46 -37.66 -10.52 6.06
C PHE A 46 -36.88 -9.71 7.09
N GLN A 47 -37.28 -8.46 7.30
CA GLN A 47 -36.60 -7.63 8.31
C GLN A 47 -36.92 -8.09 9.73
N GLU A 48 -38.11 -8.66 9.94
CA GLU A 48 -38.49 -9.15 11.25
C GLU A 48 -38.05 -10.59 11.51
N TYR A 49 -37.82 -11.36 10.46
CA TYR A 49 -37.37 -12.75 10.58
C TYR A 49 -36.34 -13.06 9.51
N PRO A 50 -35.07 -12.71 9.75
CA PRO A 50 -34.00 -13.02 8.81
C PRO A 50 -33.39 -14.40 8.94
N ASP A 51 -33.95 -15.27 9.78
CA ASP A 51 -33.39 -16.60 9.97
C ASP A 51 -34.06 -17.66 9.10
N GLU A 52 -35.27 -17.39 8.61
CA GLU A 52 -35.96 -18.33 7.72
C GLU A 52 -35.77 -17.90 6.27
N ILE A 53 -34.54 -18.14 5.78
CA ILE A 53 -34.16 -17.77 4.42
C ILE A 53 -34.50 -18.85 3.40
N GLU A 54 -35.02 -20.00 3.84
CA GLU A 54 -35.37 -21.09 2.95
C GLU A 54 -36.84 -21.06 2.53
N TYR A 55 -37.55 -19.94 2.78
CA TYR A 55 -38.95 -19.81 2.45
C TYR A 55 -39.18 -18.54 1.63
N ILE A 56 -40.12 -18.61 0.70
CA ILE A 56 -40.64 -17.44 -0.01
C ILE A 56 -42.01 -17.15 0.55
N PHE A 57 -42.16 -15.98 1.18
CA PHE A 57 -43.40 -15.62 1.85
C PHE A 57 -44.27 -14.79 0.91
N LYS A 58 -45.59 -14.98 1.02
CA LYS A 58 -46.57 -14.18 0.29
C LYS A 58 -47.73 -13.85 1.21
N PRO A 59 -47.98 -12.55 1.49
CA PRO A 59 -47.23 -11.42 0.94
C PRO A 59 -45.89 -11.20 1.63
N SER A 60 -44.92 -10.62 0.91
CA SER A 60 -43.60 -10.40 1.48
C SER A 60 -43.60 -9.31 2.55
N CYS A 61 -44.63 -8.47 2.58
CA CYS A 61 -44.76 -7.38 3.53
C CYS A 61 -46.11 -7.48 4.25
N VAL A 62 -46.14 -6.97 5.47
CA VAL A 62 -47.36 -7.00 6.28
C VAL A 62 -47.62 -5.61 6.86
N PRO A 63 -48.86 -5.13 6.85
CA PRO A 63 -49.16 -3.83 7.47
C PRO A 63 -49.11 -3.95 8.99
N LEU A 64 -48.30 -3.11 9.63
CA LEU A 64 -48.09 -3.15 11.07
C LEU A 64 -48.18 -1.73 11.65
N MET A 65 -48.72 -1.64 12.86
CA MET A 65 -48.83 -0.36 13.56
C MET A 65 -47.50 -0.10 14.26
N ARG A 66 -46.66 0.72 13.63
CA ARG A 66 -45.35 1.07 14.17
C ARG A 66 -45.25 2.56 14.39
N CYS A 67 -44.34 2.95 15.27
CA CYS A 67 -44.17 4.35 15.61
C CYS A 67 -43.64 5.12 14.40
N GLY A 68 -44.44 6.05 13.90
CA GLY A 68 -44.01 6.94 12.83
C GLY A 68 -44.21 8.39 13.24
N GLY A 69 -43.58 9.28 12.48
CA GLY A 69 -43.70 10.70 12.72
C GLY A 69 -42.45 11.27 13.37
N CYS A 70 -42.41 12.60 13.41
CA CYS A 70 -41.27 13.33 13.93
C CYS A 70 -41.61 13.98 15.27
N CYS A 71 -40.57 14.29 16.02
CA CYS A 71 -40.70 14.99 17.30
C CYS A 71 -40.36 16.47 17.18
N ASN A 72 -40.00 16.94 15.99
CA ASN A 72 -39.65 18.34 15.73
C ASN A 72 -38.51 18.80 16.63
N ASP A 73 -37.63 17.86 17.00
CA ASP A 73 -36.48 18.17 17.84
C ASP A 73 -35.43 17.08 17.58
N GLU A 74 -34.25 17.50 17.12
CA GLU A 74 -33.22 16.53 16.74
C GLU A 74 -32.70 15.71 17.92
N GLY A 75 -32.96 16.14 19.14
CA GLY A 75 -32.58 15.37 20.31
C GLY A 75 -33.64 14.43 20.84
N LEU A 76 -34.76 14.28 20.13
CA LEU A 76 -35.84 13.40 20.52
C LEU A 76 -36.12 12.40 19.40
N GLU A 77 -36.51 11.18 19.79
CA GLU A 77 -36.77 10.10 18.85
C GLU A 77 -38.10 9.43 19.19
N CYS A 78 -38.88 9.13 18.15
CA CYS A 78 -40.22 8.56 18.33
C CYS A 78 -40.08 7.08 18.64
N VAL A 79 -40.13 6.74 19.93
CA VAL A 79 -39.93 5.36 20.38
C VAL A 79 -41.24 4.85 20.96
N PRO A 80 -41.46 3.54 20.98
CA PRO A 80 -42.68 2.99 21.57
C PRO A 80 -42.59 2.86 23.08
N THR A 81 -43.73 3.09 23.72
CA THR A 81 -43.87 2.88 25.15
C THR A 81 -44.87 1.78 25.50
N GLU A 82 -45.68 1.33 24.55
CA GLU A 82 -46.63 0.23 24.76
C GLU A 82 -46.67 -0.61 23.50
N GLU A 83 -46.34 -1.89 23.62
CA GLU A 83 -46.24 -2.80 22.47
C GLU A 83 -47.19 -3.97 22.65
N SER A 84 -47.48 -4.63 21.52
CA SER A 84 -48.34 -5.82 21.51
C SER A 84 -47.92 -6.73 20.37
N ASN A 85 -48.50 -7.92 20.34
CA ASN A 85 -48.18 -8.94 19.36
C ASN A 85 -49.45 -9.34 18.61
N ILE A 86 -49.33 -9.55 17.30
CA ILE A 86 -50.47 -9.87 16.44
C ILE A 86 -50.10 -11.07 15.56
N THR A 87 -51.08 -11.91 15.30
CA THR A 87 -50.90 -13.12 14.51
C THR A 87 -51.59 -12.98 13.15
N MET A 88 -50.84 -13.26 12.08
CA MET A 88 -51.36 -13.16 10.73
C MET A 88 -51.06 -14.44 9.96
N GLN A 89 -51.93 -14.73 8.99
CA GLN A 89 -51.78 -15.88 8.11
C GLN A 89 -50.91 -15.49 6.93
N ILE A 90 -49.72 -16.08 6.85
CA ILE A 90 -48.79 -15.81 5.76
C ILE A 90 -48.55 -17.11 5.01
N MET A 91 -48.48 -17.02 3.68
CA MET A 91 -48.23 -18.17 2.84
C MET A 91 -46.73 -18.42 2.74
N ARG A 92 -46.31 -19.62 3.09
CA ARG A 92 -44.90 -20.02 3.05
C ARG A 92 -44.68 -20.96 1.87
N ILE A 93 -43.73 -20.61 1.00
CA ILE A 93 -43.46 -21.36 -0.23
C ILE A 93 -42.04 -21.90 -0.15
N LYS A 94 -41.91 -23.28 -0.01
CA LYS A 94 -40.58 -23.88 -0.03
C LYS A 94 -40.19 -24.20 -1.48
N PRO A 95 -38.93 -23.96 -1.86
CA PRO A 95 -38.53 -24.14 -3.26
C PRO A 95 -38.73 -25.57 -3.77
N HIS A 96 -39.63 -25.74 -4.74
CA HIS A 96 -40.00 -26.97 -5.45
C HIS A 96 -40.50 -28.10 -4.55
N GLN A 97 -40.56 -27.93 -3.24
CA GLN A 97 -40.96 -28.99 -2.32
C GLN A 97 -42.10 -28.49 -1.43
N GLY A 98 -43.28 -28.33 -2.04
CA GLY A 98 -44.49 -28.01 -1.28
C GLY A 98 -44.56 -26.62 -0.70
N GLN A 99 -45.78 -26.14 -0.47
CA GLN A 99 -46.03 -24.84 0.15
C GLN A 99 -47.26 -24.94 1.05
N HIS A 100 -47.13 -24.44 2.27
CA HIS A 100 -48.20 -24.52 3.26
C HIS A 100 -48.46 -23.14 3.86
N ILE A 101 -49.65 -22.99 4.42
CA ILE A 101 -50.07 -21.75 5.05
C ILE A 101 -49.68 -21.77 6.52
N GLY A 102 -49.07 -20.70 7.00
CA GLY A 102 -48.64 -20.62 8.38
C GLY A 102 -49.05 -19.32 9.02
N GLU A 103 -49.16 -19.36 10.35
CA GLU A 103 -49.51 -18.19 11.16
C GLU A 103 -48.24 -17.64 11.78
N MET A 104 -47.78 -16.50 11.27
CA MET A 104 -46.60 -15.83 11.79
C MET A 104 -46.99 -14.61 12.60
N SER A 105 -46.20 -14.33 13.62
CA SER A 105 -46.48 -13.27 14.57
C SER A 105 -45.56 -12.08 14.34
N PHE A 106 -46.09 -10.88 14.56
CA PHE A 106 -45.35 -9.64 14.34
C PHE A 106 -45.58 -8.69 15.51
N LEU A 107 -44.67 -7.74 15.66
CA LEU A 107 -44.75 -6.75 16.72
C LEU A 107 -45.47 -5.50 16.25
N GLN A 108 -46.30 -4.93 17.13
CA GLN A 108 -47.01 -3.69 16.87
C GLN A 108 -46.86 -2.73 18.03
N HIS A 109 -47.09 -1.45 17.76
CA HIS A 109 -46.94 -0.38 18.74
C HIS A 109 -48.28 0.27 19.00
N ASN A 110 -48.69 0.29 20.27
CA ASN A 110 -49.98 0.89 20.64
C ASN A 110 -49.84 2.36 21.00
N LYS A 111 -48.73 2.74 21.63
CA LYS A 111 -48.50 4.14 22.00
C LYS A 111 -47.04 4.49 21.78
N CYS A 112 -46.81 5.70 21.29
CA CYS A 112 -45.49 6.21 20.98
C CYS A 112 -45.24 7.52 21.75
N GLU A 113 -43.99 7.74 22.12
CA GLU A 113 -43.59 8.90 22.88
C GLU A 113 -42.24 9.39 22.37
N CYS A 114 -41.98 10.67 22.57
CA CYS A 114 -40.70 11.26 22.20
C CYS A 114 -39.76 11.23 23.41
N ARG A 115 -38.64 10.55 23.28
CA ARG A 115 -37.65 10.41 24.33
C ARG A 115 -36.30 10.89 23.83
N PRO A 116 -35.36 11.17 24.73
CA PRO A 116 -34.00 11.49 24.30
C PRO A 116 -33.31 10.27 23.71
N LYS A 117 -32.51 10.49 22.67
CA LYS A 117 -31.80 9.41 21.99
C LYS A 117 -30.55 9.02 22.76
N LYS A 118 -30.21 7.74 22.70
CA LYS A 118 -29.05 7.17 23.39
C LYS A 118 -29.12 7.43 24.90
N GLU B 23 -59.54 -13.94 16.16
CA GLU B 23 -58.32 -13.64 16.90
C GLU B 23 -57.12 -13.51 15.96
N VAL B 24 -57.12 -14.32 14.91
CA VAL B 24 -56.05 -14.33 13.92
C VAL B 24 -56.52 -13.57 12.69
N VAL B 25 -55.62 -12.76 12.12
CA VAL B 25 -55.97 -11.95 10.97
C VAL B 25 -56.08 -12.84 9.73
N LYS B 26 -57.10 -12.61 8.93
CA LYS B 26 -57.35 -13.45 7.76
C LYS B 26 -56.32 -13.18 6.67
N PHE B 27 -56.05 -14.21 5.86
CA PHE B 27 -55.01 -14.12 4.84
C PHE B 27 -55.41 -13.17 3.71
N MET B 28 -56.69 -13.18 3.33
CA MET B 28 -57.14 -12.32 2.24
C MET B 28 -56.99 -10.85 2.59
N ASP B 29 -57.23 -10.49 3.85
CA ASP B 29 -57.05 -9.11 4.26
C ASP B 29 -55.57 -8.74 4.31
N VAL B 30 -54.72 -9.65 4.77
CA VAL B 30 -53.29 -9.35 4.85
C VAL B 30 -52.71 -9.14 3.46
N TYR B 31 -53.18 -9.93 2.49
CA TYR B 31 -52.63 -9.83 1.14
C TYR B 31 -53.04 -8.53 0.46
N GLN B 32 -54.34 -8.21 0.50
CA GLN B 32 -54.82 -7.04 -0.22
C GLN B 32 -54.36 -5.73 0.42
N ARG B 33 -54.25 -5.70 1.75
CA ARG B 33 -53.75 -4.54 2.46
C ARG B 33 -52.23 -4.35 2.32
N SER B 34 -51.53 -5.34 1.76
CA SER B 34 -50.09 -5.27 1.59
C SER B 34 -49.65 -5.22 0.13
N TYR B 35 -50.58 -5.32 -0.81
CA TYR B 35 -50.23 -5.18 -2.21
C TYR B 35 -49.91 -3.72 -2.54
N CYS B 36 -49.20 -3.52 -3.65
CA CYS B 36 -48.77 -2.19 -4.09
C CYS B 36 -49.94 -1.23 -4.27
N HIS B 37 -50.09 -0.26 -3.36
CA HIS B 37 -51.19 0.70 -3.38
C HIS B 37 -50.74 1.97 -2.70
N PRO B 38 -51.35 3.10 -3.02
CA PRO B 38 -51.02 4.36 -2.32
C PRO B 38 -51.48 4.31 -0.86
N ILE B 39 -50.52 4.49 0.06
CA ILE B 39 -50.81 4.50 1.49
C ILE B 39 -50.16 5.73 2.10
N GLU B 40 -50.73 6.18 3.23
CA GLU B 40 -50.22 7.37 3.91
C GLU B 40 -48.86 7.09 4.53
N THR B 41 -47.83 7.79 4.06
CA THR B 41 -46.48 7.66 4.57
C THR B 41 -46.01 9.00 5.12
N LEU B 42 -45.21 8.95 6.19
CA LEU B 42 -44.72 10.16 6.85
C LEU B 42 -43.34 10.51 6.29
N VAL B 43 -43.31 11.47 5.36
CA VAL B 43 -42.10 11.87 4.66
C VAL B 43 -41.41 12.97 5.44
N ASP B 44 -40.08 12.89 5.54
CA ASP B 44 -39.30 13.97 6.13
C ASP B 44 -39.11 15.07 5.11
N ILE B 45 -39.38 16.32 5.52
CA ILE B 45 -39.37 17.44 4.59
C ILE B 45 -37.99 17.65 4.00
N PHE B 46 -36.95 17.44 4.81
CA PHE B 46 -35.58 17.65 4.35
C PHE B 46 -35.23 16.71 3.18
N GLN B 47 -35.87 15.54 3.12
CA GLN B 47 -35.67 14.66 1.98
C GLN B 47 -36.30 15.25 0.72
N GLU B 48 -37.44 15.93 0.86
CA GLU B 48 -38.11 16.49 -0.29
C GLU B 48 -37.49 17.81 -0.74
N TYR B 49 -36.89 18.55 0.19
CA TYR B 49 -36.23 19.81 -0.12
C TYR B 49 -34.88 19.84 0.60
N PRO B 50 -33.86 19.24 -0.01
CA PRO B 50 -32.52 19.26 0.60
C PRO B 50 -31.75 20.54 0.34
N ASP B 51 -32.34 21.52 -0.36
CA ASP B 51 -31.63 22.75 -0.67
C ASP B 51 -31.78 23.80 0.42
N GLU B 52 -32.95 23.87 1.05
CA GLU B 52 -33.19 24.83 2.14
C GLU B 52 -32.64 24.24 3.43
N ILE B 53 -31.35 24.51 3.66
CA ILE B 53 -30.63 24.03 4.84
C ILE B 53 -30.52 25.07 5.94
N GLU B 54 -30.99 26.30 5.70
CA GLU B 54 -30.92 27.34 6.71
C GLU B 54 -32.19 27.46 7.54
N TYR B 55 -33.18 26.59 7.32
CA TYR B 55 -34.46 26.66 8.00
C TYR B 55 -34.68 25.41 8.85
N ILE B 56 -35.46 25.57 9.92
CA ILE B 56 -35.93 24.46 10.75
C ILE B 56 -37.43 24.33 10.53
N PHE B 57 -37.85 23.27 9.85
CA PHE B 57 -39.26 23.11 9.53
C PHE B 57 -40.02 22.50 10.69
N LYS B 58 -41.22 23.05 10.94
CA LYS B 58 -42.13 22.52 11.95
C LYS B 58 -43.51 22.43 11.31
N PRO B 59 -44.10 21.23 11.22
CA PRO B 59 -43.46 19.99 11.67
C PRO B 59 -42.40 19.50 10.68
N SER B 60 -41.32 18.90 11.18
CA SER B 60 -40.21 18.49 10.32
C SER B 60 -40.60 17.36 9.36
N CYS B 61 -41.75 16.72 9.58
CA CYS B 61 -42.25 15.66 8.71
C CYS B 61 -43.70 15.97 8.33
N VAL B 62 -44.14 15.45 7.19
CA VAL B 62 -45.49 15.71 6.72
C VAL B 62 -46.14 14.40 6.26
N PRO B 63 -47.43 14.19 6.52
CA PRO B 63 -48.10 12.98 6.02
C PRO B 63 -48.54 13.15 4.58
N LEU B 64 -48.05 12.26 3.71
CA LEU B 64 -48.34 12.31 2.28
C LEU B 64 -48.75 10.93 1.78
N MET B 65 -49.62 10.92 0.77
CA MET B 65 -50.07 9.68 0.15
C MET B 65 -49.03 9.26 -0.89
N ARG B 66 -48.18 8.30 -0.51
CA ARG B 66 -47.13 7.81 -1.38
C ARG B 66 -47.32 6.32 -1.65
N CYS B 67 -46.52 5.79 -2.57
CA CYS B 67 -46.61 4.38 -2.94
C CYS B 67 -45.94 3.53 -1.88
N GLY B 68 -46.73 2.68 -1.23
CA GLY B 68 -46.20 1.71 -0.29
C GLY B 68 -46.71 0.32 -0.60
N GLY B 69 -46.07 -0.67 -0.01
CA GLY B 69 -46.47 -2.05 -0.16
C GLY B 69 -45.45 -2.86 -0.93
N CYS B 70 -45.84 -4.10 -1.23
CA CYS B 70 -44.98 -5.07 -1.88
C CYS B 70 -45.72 -5.76 -3.02
N CYS B 71 -45.01 -5.99 -4.11
CA CYS B 71 -45.55 -6.73 -5.25
C CYS B 71 -45.44 -8.24 -5.09
N ASN B 72 -44.83 -8.70 -4.00
CA ASN B 72 -44.65 -10.14 -3.72
C ASN B 72 -43.80 -10.82 -4.80
N ASP B 73 -42.93 -10.05 -5.44
CA ASP B 73 -42.06 -10.55 -6.49
C ASP B 73 -40.80 -9.69 -6.49
N GLU B 74 -39.66 -10.33 -6.29
CA GLU B 74 -38.40 -9.59 -6.16
C GLU B 74 -38.04 -8.82 -7.43
N GLY B 75 -38.58 -9.21 -8.59
CA GLY B 75 -38.25 -8.52 -9.83
C GLY B 75 -39.09 -7.28 -10.08
N LEU B 76 -40.27 -7.21 -9.50
CA LEU B 76 -41.16 -6.07 -9.69
C LEU B 76 -40.98 -5.06 -8.57
N GLU B 77 -41.41 -3.83 -8.83
CA GLU B 77 -41.32 -2.74 -7.86
C GLU B 77 -42.60 -1.92 -7.90
N CYS B 78 -42.93 -1.34 -6.75
CA CYS B 78 -44.17 -0.54 -6.60
C CYS B 78 -43.85 0.90 -7.00
N VAL B 79 -44.20 1.25 -8.24
CA VAL B 79 -43.93 2.59 -8.77
C VAL B 79 -45.25 3.31 -9.02
N PRO B 80 -45.26 4.64 -8.99
CA PRO B 80 -46.50 5.37 -9.25
C PRO B 80 -46.76 5.55 -10.73
N THR B 81 -48.05 5.51 -11.09
CA THR B 81 -48.49 5.78 -12.45
C THR B 81 -49.28 7.07 -12.59
N GLU B 82 -49.78 7.62 -11.48
CA GLU B 82 -50.50 8.89 -11.47
C GLU B 82 -50.17 9.64 -10.19
N GLU B 83 -49.77 10.90 -10.33
CA GLU B 83 -49.32 11.70 -9.21
C GLU B 83 -50.02 13.06 -9.21
N SER B 84 -49.78 13.82 -8.14
CA SER B 84 -50.28 15.16 -7.96
C SER B 84 -49.59 15.77 -6.75
N ASN B 85 -49.64 17.09 -6.67
CA ASN B 85 -49.03 17.80 -5.55
C ASN B 85 -50.11 18.45 -4.69
N ILE B 86 -49.81 18.59 -3.40
CA ILE B 86 -50.70 19.17 -2.41
C ILE B 86 -49.94 20.22 -1.62
N THR B 87 -50.56 21.37 -1.41
CA THR B 87 -49.92 22.49 -0.72
C THR B 87 -50.28 22.49 0.75
N MET B 88 -49.27 22.57 1.61
CA MET B 88 -49.45 22.60 3.05
C MET B 88 -48.73 23.81 3.64
N GLN B 89 -49.16 24.20 4.84
CA GLN B 89 -48.59 25.33 5.56
C GLN B 89 -47.56 24.80 6.54
N ILE B 90 -46.30 25.08 6.26
CA ILE B 90 -45.19 24.61 7.10
C ILE B 90 -44.55 25.82 7.76
N MET B 91 -44.22 25.67 9.03
CA MET B 91 -43.58 26.74 9.78
C MET B 91 -42.08 26.73 9.52
N ARG B 92 -41.53 27.90 9.19
CA ARG B 92 -40.11 28.05 8.87
C ARG B 92 -39.46 28.90 9.95
N ILE B 93 -38.42 28.37 10.60
CA ILE B 93 -37.80 29.00 11.76
C ILE B 93 -36.34 29.31 11.42
N LYS B 94 -36.07 30.53 10.99
CA LYS B 94 -34.68 30.88 10.73
C LYS B 94 -33.98 31.23 12.04
N PRO B 95 -32.72 30.79 12.23
CA PRO B 95 -32.02 31.03 13.51
C PRO B 95 -31.90 32.49 13.90
N HIS B 96 -32.58 32.88 14.99
CA HIS B 96 -32.49 34.22 15.56
C HIS B 96 -32.94 35.31 14.60
N GLN B 97 -33.30 34.92 13.37
CA GLN B 97 -33.72 35.94 12.42
C GLN B 97 -35.20 35.82 12.06
N GLY B 98 -36.10 36.03 13.02
CA GLY B 98 -37.52 36.01 12.71
C GLY B 98 -38.10 34.66 12.37
N GLN B 99 -39.43 34.55 12.36
CA GLN B 99 -40.13 33.32 12.00
C GLN B 99 -41.41 33.68 11.25
N HIS B 100 -41.74 32.88 10.23
CA HIS B 100 -42.90 33.14 9.39
C HIS B 100 -43.49 31.82 8.96
N ILE B 101 -44.74 31.88 8.50
CA ILE B 101 -45.47 30.72 8.01
C ILE B 101 -45.47 30.76 6.49
N GLY B 102 -45.14 29.64 5.86
CA GLY B 102 -45.07 29.57 4.42
C GLY B 102 -45.83 28.39 3.87
N GLU B 103 -46.38 28.58 2.67
CA GLU B 103 -47.07 27.53 1.94
C GLU B 103 -46.10 26.79 1.04
N MET B 104 -45.91 25.50 1.30
CA MET B 104 -44.98 24.68 0.54
C MET B 104 -45.71 23.56 -0.16
N SER B 105 -45.14 23.10 -1.27
CA SER B 105 -45.71 22.04 -2.09
C SER B 105 -45.10 20.70 -1.73
N PHE B 106 -45.89 19.64 -1.89
CA PHE B 106 -45.48 18.28 -1.54
C PHE B 106 -46.09 17.29 -2.52
N LEU B 107 -45.26 16.41 -3.07
CA LEU B 107 -45.73 15.43 -4.05
C LEU B 107 -46.51 14.32 -3.36
N GLN B 108 -47.54 13.83 -4.06
CA GLN B 108 -48.33 12.69 -3.61
C GLN B 108 -48.53 11.73 -4.78
N HIS B 109 -48.81 10.48 -4.43
CA HIS B 109 -49.04 9.41 -5.41
C HIS B 109 -50.50 8.99 -5.33
N ASN B 110 -51.23 9.17 -6.43
CA ASN B 110 -52.64 8.81 -6.49
C ASN B 110 -52.87 7.34 -6.86
N LYS B 111 -52.01 6.78 -7.72
CA LYS B 111 -52.13 5.39 -8.13
C LYS B 111 -50.75 4.78 -8.29
N CYS B 112 -50.60 3.54 -7.83
CA CYS B 112 -49.36 2.79 -7.91
C CYS B 112 -49.59 1.47 -8.64
N GLU B 113 -48.51 0.92 -9.18
CA GLU B 113 -48.59 -0.31 -9.95
C GLU B 113 -47.24 -1.00 -9.93
N CYS B 114 -47.26 -2.31 -10.22
CA CYS B 114 -46.04 -3.11 -10.24
C CYS B 114 -45.45 -3.10 -11.64
N ARG B 115 -44.20 -2.72 -11.75
CA ARG B 115 -43.47 -2.64 -13.01
C ARG B 115 -42.08 -3.24 -12.84
N PRO B 116 -41.48 -3.71 -13.93
CA PRO B 116 -40.09 -4.20 -13.84
C PRO B 116 -39.11 -3.05 -13.66
N LYS B 117 -38.05 -3.30 -12.88
CA LYS B 117 -37.09 -2.25 -12.58
C LYS B 117 -36.11 -2.02 -13.72
N LYS B 118 -35.75 -3.06 -14.47
CA LYS B 118 -34.82 -2.92 -15.59
C LYS B 118 -35.53 -3.14 -16.92
N PRO C 6 -62.14 -48.55 -30.19
CA PRO C 6 -62.84 -48.47 -28.90
C PRO C 6 -64.11 -47.61 -28.94
N GLU C 7 -65.26 -48.26 -29.07
CA GLU C 7 -66.54 -47.57 -29.10
C GLU C 7 -67.10 -47.42 -27.69
N LEU C 8 -67.62 -46.24 -27.40
CA LEU C 8 -68.17 -45.92 -26.10
C LEU C 8 -69.69 -45.91 -26.15
N SER C 9 -70.31 -46.07 -24.98
CA SER C 9 -71.77 -46.11 -24.91
C SER C 9 -72.36 -44.74 -25.20
N LEU C 10 -72.07 -43.75 -24.37
CA LEU C 10 -72.58 -42.40 -24.55
C LEU C 10 -71.92 -41.78 -25.77
N LYS C 11 -72.61 -41.84 -26.91
CA LYS C 11 -72.04 -41.37 -28.17
C LYS C 11 -71.88 -39.85 -28.14
N GLY C 12 -70.66 -39.39 -28.40
CA GLY C 12 -70.36 -37.97 -28.41
C GLY C 12 -69.24 -37.64 -27.43
N THR C 13 -68.93 -36.35 -27.39
CA THR C 13 -67.91 -35.84 -26.47
C THR C 13 -68.50 -35.13 -25.26
N GLN C 14 -69.72 -34.62 -25.36
CA GLN C 14 -70.38 -33.92 -24.26
C GLN C 14 -71.39 -34.84 -23.57
N HIS C 15 -71.68 -34.51 -22.31
CA HIS C 15 -72.62 -35.27 -21.51
C HIS C 15 -73.21 -34.35 -20.44
N ILE C 16 -74.50 -34.55 -20.15
CA ILE C 16 -75.20 -33.77 -19.15
C ILE C 16 -75.53 -34.68 -17.98
N MET C 17 -75.29 -34.18 -16.77
CA MET C 17 -75.52 -34.99 -15.57
C MET C 17 -75.66 -34.04 -14.38
N GLN C 18 -76.50 -34.45 -13.43
CA GLN C 18 -76.76 -33.68 -12.23
C GLN C 18 -76.14 -34.38 -11.02
N ALA C 19 -76.26 -33.74 -9.86
CA ALA C 19 -75.73 -34.30 -8.62
C ALA C 19 -76.63 -35.40 -8.10
N GLY C 20 -76.01 -36.44 -7.54
CA GLY C 20 -76.72 -37.57 -7.00
C GLY C 20 -77.06 -38.67 -7.98
N GLN C 21 -76.73 -38.50 -9.26
CA GLN C 21 -77.06 -39.48 -10.28
C GLN C 21 -75.97 -40.55 -10.35
N THR C 22 -75.99 -41.37 -11.40
CA THR C 22 -75.02 -42.44 -11.58
C THR C 22 -74.49 -42.43 -13.00
N LEU C 23 -73.19 -42.72 -13.13
CA LEU C 23 -72.56 -42.79 -14.43
C LEU C 23 -72.62 -44.20 -14.99
N HIS C 24 -72.77 -44.30 -16.31
CA HIS C 24 -72.86 -45.61 -16.97
C HIS C 24 -72.19 -45.47 -18.34
N LEU C 25 -70.96 -45.95 -18.45
CA LEU C 25 -70.20 -45.88 -19.68
C LEU C 25 -69.68 -47.26 -20.04
N GLN C 26 -69.72 -47.58 -21.33
CA GLN C 26 -69.24 -48.86 -21.84
C GLN C 26 -68.11 -48.64 -22.83
N CYS C 27 -67.37 -49.71 -23.12
CA CYS C 27 -66.28 -49.63 -24.08
C CYS C 27 -66.06 -51.04 -24.65
N ARG C 28 -66.84 -51.38 -25.67
CA ARG C 28 -66.79 -52.71 -26.26
C ARG C 28 -65.62 -52.81 -27.23
N GLY C 29 -64.96 -53.96 -27.21
CA GLY C 29 -63.83 -54.21 -28.11
C GLY C 29 -63.42 -55.67 -28.15
N GLU C 30 -62.13 -55.91 -28.35
CA GLU C 30 -61.59 -57.27 -28.40
C GLU C 30 -60.58 -57.54 -27.30
N ALA C 31 -59.69 -56.60 -27.00
CA ALA C 31 -58.70 -56.74 -25.95
C ALA C 31 -59.08 -55.84 -24.77
N ALA C 32 -58.29 -55.93 -23.70
CA ALA C 32 -58.56 -55.15 -22.50
C ALA C 32 -58.38 -53.65 -22.77
N HIS C 33 -59.12 -52.85 -22.02
CA HIS C 33 -59.09 -51.39 -22.15
C HIS C 33 -58.60 -50.75 -20.86
N LYS C 34 -57.86 -49.66 -21.00
CA LYS C 34 -57.41 -48.87 -19.86
C LYS C 34 -58.30 -47.65 -19.71
N TRP C 35 -58.68 -47.36 -18.46
CA TRP C 35 -59.57 -46.24 -18.15
C TRP C 35 -58.76 -45.06 -17.65
N SER C 36 -58.95 -43.90 -18.29
CA SER C 36 -58.31 -42.65 -17.89
C SER C 36 -59.34 -41.76 -17.22
N LEU C 37 -59.04 -41.32 -16.01
CA LEU C 37 -59.96 -40.52 -15.21
C LEU C 37 -59.26 -39.26 -14.72
N PRO C 38 -60.01 -38.17 -14.53
CA PRO C 38 -59.40 -36.94 -14.04
C PRO C 38 -59.08 -37.03 -12.55
N GLU C 39 -60.07 -37.46 -11.77
CA GLU C 39 -59.93 -37.61 -10.33
C GLU C 39 -60.20 -39.06 -9.96
N MET C 40 -59.27 -39.66 -9.22
CA MET C 40 -59.37 -41.06 -8.80
C MET C 40 -59.51 -41.08 -7.28
N VAL C 41 -60.71 -41.34 -6.80
CA VAL C 41 -60.99 -41.39 -5.36
C VAL C 41 -60.53 -42.76 -4.85
N SER C 42 -61.33 -43.44 -4.02
CA SER C 42 -60.91 -44.73 -3.47
C SER C 42 -62.14 -45.47 -2.95
N LYS C 43 -62.37 -46.69 -3.43
CA LYS C 43 -63.43 -47.58 -2.94
C LYS C 43 -64.81 -46.93 -3.02
N GLU C 44 -65.04 -46.11 -4.04
CA GLU C 44 -66.33 -45.45 -4.22
C GLU C 44 -67.14 -46.13 -5.32
N SER C 45 -66.59 -46.22 -6.52
CA SER C 45 -67.24 -46.87 -7.64
C SER C 45 -66.56 -48.19 -7.96
N GLU C 46 -67.06 -48.86 -8.98
CA GLU C 46 -66.55 -50.16 -9.39
C GLU C 46 -66.56 -50.25 -10.91
N ARG C 47 -65.93 -51.31 -11.42
CA ARG C 47 -65.89 -51.58 -12.85
C ARG C 47 -65.67 -53.09 -13.04
N LEU C 48 -65.85 -53.54 -14.27
CA LEU C 48 -65.63 -54.94 -14.62
C LEU C 48 -65.39 -55.05 -16.12
N SER C 49 -65.12 -56.28 -16.57
CA SER C 49 -64.88 -56.57 -17.97
C SER C 49 -65.17 -58.04 -18.23
N ILE C 50 -65.82 -58.31 -19.37
CA ILE C 50 -66.19 -59.67 -19.75
C ILE C 50 -65.46 -60.09 -21.02
N GLY C 59 -68.46 -64.96 -31.77
CA GLY C 59 -68.07 -65.88 -30.72
C GLY C 59 -68.31 -65.31 -29.34
N LYS C 60 -67.30 -64.63 -28.80
CA LYS C 60 -67.41 -63.97 -27.50
C LYS C 60 -66.72 -62.63 -27.59
N GLN C 61 -67.50 -61.55 -27.50
CA GLN C 61 -67.00 -60.20 -27.68
C GLN C 61 -66.63 -59.58 -26.33
N PHE C 62 -65.44 -59.01 -26.26
CA PHE C 62 -65.00 -58.33 -25.05
C PHE C 62 -65.76 -57.02 -24.86
N CYS C 63 -66.08 -56.70 -23.59
CA CYS C 63 -66.80 -55.48 -23.28
C CYS C 63 -66.39 -54.99 -21.90
N SER C 64 -65.93 -53.74 -21.83
CA SER C 64 -65.56 -53.11 -20.58
C SER C 64 -66.56 -52.02 -20.23
N THR C 65 -66.74 -51.78 -18.93
CA THR C 65 -67.73 -50.82 -18.45
C THR C 65 -67.19 -50.11 -17.22
N LEU C 66 -67.92 -49.07 -16.81
CA LEU C 66 -67.54 -48.29 -15.62
C LEU C 66 -68.79 -47.59 -15.10
N THR C 67 -69.12 -47.84 -13.84
CA THR C 67 -70.28 -47.26 -13.18
C THR C 67 -69.82 -46.25 -12.13
N LEU C 68 -70.80 -45.66 -11.43
CA LEU C 68 -70.51 -44.68 -10.40
C LEU C 68 -71.72 -44.55 -9.48
N ASN C 69 -71.48 -44.38 -8.19
CA ASN C 69 -72.53 -44.14 -7.20
C ASN C 69 -72.49 -42.68 -6.78
N THR C 70 -73.66 -42.06 -6.70
CA THR C 70 -73.81 -40.63 -6.41
C THR C 70 -73.05 -39.79 -7.44
N ALA C 71 -73.07 -38.47 -7.26
CA ALA C 71 -72.42 -37.57 -8.22
C ALA C 71 -71.97 -36.30 -7.51
N GLN C 72 -70.73 -35.89 -7.75
CA GLN C 72 -70.17 -34.72 -7.11
C GLN C 72 -69.44 -33.89 -8.16
N ALA C 73 -69.39 -32.57 -7.91
CA ALA C 73 -68.77 -31.67 -8.88
C ALA C 73 -67.25 -31.82 -8.94
N ASN C 74 -66.63 -32.42 -7.92
CA ASN C 74 -65.19 -32.62 -7.91
C ASN C 74 -64.75 -33.84 -8.73
N HIS C 75 -65.66 -34.47 -9.47
CA HIS C 75 -65.30 -35.57 -10.34
C HIS C 75 -65.71 -35.26 -11.78
N THR C 76 -65.20 -34.17 -12.33
CA THR C 76 -65.59 -33.70 -13.65
C THR C 76 -64.36 -33.41 -14.48
N GLY C 77 -64.30 -33.96 -15.69
CA GLY C 77 -63.19 -33.69 -16.58
C GLY C 77 -63.01 -34.66 -17.74
N PHE C 78 -61.77 -35.01 -18.02
CA PHE C 78 -61.43 -35.85 -19.17
C PHE C 78 -61.64 -37.32 -18.81
N TYR C 79 -62.61 -37.95 -19.45
CA TYR C 79 -62.85 -39.39 -19.32
C TYR C 79 -62.60 -40.05 -20.66
N SER C 80 -61.73 -41.06 -20.67
CA SER C 80 -61.27 -41.67 -21.91
C SER C 80 -61.09 -43.17 -21.74
N CYS C 81 -61.43 -43.93 -22.79
CA CYS C 81 -61.19 -45.37 -22.85
C CYS C 81 -59.99 -45.59 -23.77
N LYS C 82 -58.89 -46.06 -23.19
CA LYS C 82 -57.65 -46.24 -23.92
C LYS C 82 -57.56 -47.69 -24.41
N TYR C 83 -57.53 -47.86 -25.73
CA TYR C 83 -57.26 -49.16 -26.35
C TYR C 83 -55.76 -49.36 -26.59
N LEU C 84 -54.92 -48.79 -25.74
CA LEU C 84 -53.46 -48.85 -25.90
C LEU C 84 -52.83 -49.90 -25.00
N ALA C 85 -53.64 -50.73 -24.34
CA ALA C 85 -53.12 -51.72 -23.40
C ALA C 85 -52.59 -52.96 -24.12
N VAL C 86 -52.10 -52.79 -25.34
CA VAL C 86 -51.51 -53.88 -26.11
C VAL C 86 -50.14 -53.43 -26.61
N PRO C 87 -49.07 -54.21 -26.36
CA PRO C 87 -47.75 -53.80 -26.83
C PRO C 87 -47.65 -53.71 -28.35
N THR C 88 -48.47 -54.45 -29.08
CA THR C 88 -48.46 -54.39 -30.53
C THR C 88 -49.26 -53.21 -31.08
N SER C 89 -50.19 -52.68 -30.29
CA SER C 89 -51.04 -51.58 -30.72
C SER C 89 -50.37 -50.21 -30.61
N LYS C 90 -49.03 -50.17 -30.55
CA LYS C 90 -48.31 -48.91 -30.48
C LYS C 90 -48.40 -48.15 -31.79
N THR C 94 -55.70 -46.04 -31.40
CA THR C 94 -57.06 -45.51 -31.39
C THR C 94 -57.58 -45.40 -29.96
N GLU C 95 -58.00 -44.20 -29.58
CA GLU C 95 -58.45 -43.93 -28.21
C GLU C 95 -59.70 -43.06 -28.25
N SER C 96 -60.69 -43.43 -27.45
CA SER C 96 -61.91 -42.65 -27.31
C SER C 96 -61.78 -41.67 -26.16
N ALA C 97 -62.59 -40.60 -26.21
CA ALA C 97 -62.57 -39.58 -25.19
C ALA C 97 -63.93 -38.92 -25.11
N ILE C 98 -64.35 -38.57 -23.90
CA ILE C 98 -65.65 -37.94 -23.66
C ILE C 98 -65.57 -37.13 -22.38
N TYR C 99 -66.26 -35.99 -22.37
CA TYR C 99 -66.29 -35.11 -21.20
C TYR C 99 -67.54 -35.41 -20.37
N ILE C 100 -67.34 -35.53 -19.06
CA ILE C 100 -68.42 -35.80 -18.12
C ILE C 100 -68.48 -34.62 -17.16
N PHE C 101 -69.66 -34.00 -17.06
CA PHE C 101 -69.88 -32.83 -16.20
C PHE C 101 -70.92 -33.18 -15.15
N ILE C 102 -70.65 -32.81 -13.90
CA ILE C 102 -71.59 -33.01 -12.80
C ILE C 102 -71.93 -31.63 -12.25
N SER C 103 -73.17 -31.20 -12.45
CA SER C 103 -73.61 -29.88 -12.03
C SER C 103 -74.23 -29.94 -10.63
N ASP C 104 -74.42 -28.76 -10.05
CA ASP C 104 -74.99 -28.65 -8.71
C ASP C 104 -75.56 -27.25 -8.53
N THR C 105 -76.51 -27.13 -7.61
CA THR C 105 -77.13 -25.85 -7.28
C THR C 105 -76.34 -25.08 -6.23
N GLY C 106 -75.25 -25.64 -5.71
CA GLY C 106 -74.45 -24.98 -4.72
C GLY C 106 -73.15 -24.41 -5.26
N ARG C 107 -72.14 -25.25 -5.39
CA ARG C 107 -70.84 -24.83 -5.89
C ARG C 107 -70.71 -25.17 -7.36
N PRO C 108 -70.51 -24.19 -8.25
CA PRO C 108 -70.35 -24.48 -9.68
C PRO C 108 -68.92 -24.75 -10.11
N PHE C 109 -67.95 -24.65 -9.21
CA PHE C 109 -66.56 -24.88 -9.55
C PHE C 109 -66.13 -26.26 -9.08
N VAL C 110 -65.23 -26.86 -9.86
CA VAL C 110 -64.63 -28.13 -9.47
C VAL C 110 -63.56 -27.92 -8.40
N GLU C 111 -62.70 -26.92 -8.61
CA GLU C 111 -61.64 -26.58 -7.65
C GLU C 111 -62.04 -25.30 -6.93
N MET C 112 -62.58 -25.44 -5.72
CA MET C 112 -63.06 -24.30 -4.95
C MET C 112 -61.93 -23.77 -4.08
N TYR C 113 -61.44 -22.57 -4.39
CA TYR C 113 -60.43 -21.88 -3.59
C TYR C 113 -60.98 -20.49 -3.29
N SER C 114 -61.77 -20.38 -2.23
CA SER C 114 -62.41 -19.12 -1.85
C SER C 114 -61.57 -18.34 -0.84
N GLU C 115 -61.21 -18.96 0.28
CA GLU C 115 -60.40 -18.28 1.28
C GLU C 115 -58.95 -18.17 0.83
N ILE C 116 -58.28 -19.31 0.67
CA ILE C 116 -56.87 -19.36 0.31
C ILE C 116 -56.77 -19.71 -1.17
N PRO C 117 -56.14 -18.88 -2.00
CA PRO C 117 -55.98 -19.24 -3.41
C PRO C 117 -55.00 -20.38 -3.59
N GLU C 118 -55.08 -21.00 -4.77
CA GLU C 118 -54.15 -22.05 -5.13
C GLU C 118 -52.93 -21.45 -5.82
N ILE C 119 -51.76 -22.02 -5.54
CA ILE C 119 -50.49 -21.52 -6.05
C ILE C 119 -50.23 -22.10 -7.43
N ILE C 120 -49.73 -21.27 -8.34
CA ILE C 120 -49.48 -21.65 -9.73
C ILE C 120 -48.04 -21.26 -10.07
N HIS C 121 -47.14 -22.22 -10.11
CA HIS C 121 -45.78 -21.95 -10.54
C HIS C 121 -45.76 -21.65 -12.03
N MET C 122 -45.29 -20.47 -12.40
CA MET C 122 -45.29 -20.05 -13.79
C MET C 122 -43.92 -19.48 -14.14
N THR C 123 -43.81 -18.94 -15.35
CA THR C 123 -42.58 -18.34 -15.83
C THR C 123 -42.94 -17.23 -16.80
N GLU C 124 -42.26 -16.09 -16.66
CA GLU C 124 -42.54 -14.94 -17.49
C GLU C 124 -42.10 -15.19 -18.93
N GLY C 125 -42.99 -14.91 -19.87
CA GLY C 125 -42.70 -15.02 -21.28
C GLY C 125 -43.25 -16.26 -21.95
N ARG C 126 -43.53 -17.31 -21.20
CA ARG C 126 -44.03 -18.56 -21.74
C ARG C 126 -45.54 -18.65 -21.57
N GLU C 127 -46.10 -19.84 -21.70
CA GLU C 127 -47.54 -20.04 -21.63
C GLU C 127 -48.00 -20.12 -20.19
N LEU C 128 -49.26 -19.74 -19.98
CA LEU C 128 -49.86 -19.78 -18.65
C LEU C 128 -51.30 -20.23 -18.81
N VAL C 129 -51.71 -21.20 -17.99
CA VAL C 129 -53.05 -21.78 -18.05
C VAL C 129 -53.71 -21.61 -16.69
N ILE C 130 -54.90 -21.01 -16.67
CA ILE C 130 -55.65 -20.77 -15.44
C ILE C 130 -56.68 -21.89 -15.29
N PRO C 131 -56.52 -22.81 -14.31
CA PRO C 131 -57.41 -23.98 -14.21
C PRO C 131 -58.66 -23.73 -13.37
N CYS C 132 -59.44 -22.74 -13.78
CA CYS C 132 -60.73 -22.50 -13.13
C CYS C 132 -61.85 -22.97 -14.05
N ARG C 133 -61.90 -24.29 -14.21
CA ARG C 133 -62.92 -24.91 -15.04
C ARG C 133 -64.22 -25.05 -14.28
N VAL C 134 -65.34 -24.90 -15.00
CA VAL C 134 -66.67 -24.98 -14.39
C VAL C 134 -67.32 -26.30 -14.77
N THR C 135 -68.57 -26.49 -14.36
CA THR C 135 -69.32 -27.71 -14.66
C THR C 135 -70.27 -27.55 -15.84
N SER C 136 -71.00 -26.42 -15.92
CA SER C 136 -71.88 -26.22 -17.06
C SER C 136 -71.16 -25.47 -18.17
N PRO C 137 -71.25 -25.91 -19.42
CA PRO C 137 -70.53 -25.22 -20.51
C PRO C 137 -71.15 -23.89 -20.91
N ASN C 138 -72.32 -23.54 -20.39
CA ASN C 138 -72.97 -22.28 -20.70
C ASN C 138 -72.71 -21.20 -19.65
N ILE C 139 -72.01 -21.52 -18.56
CA ILE C 139 -71.71 -20.53 -17.55
C ILE C 139 -70.68 -19.54 -18.08
N THR C 140 -70.97 -18.25 -17.96
CA THR C 140 -70.05 -17.21 -18.41
C THR C 140 -69.13 -16.83 -17.25
N VAL C 141 -67.83 -17.05 -17.44
CA VAL C 141 -66.81 -16.80 -16.41
C VAL C 141 -66.00 -15.59 -16.82
N THR C 142 -65.65 -14.77 -15.84
CA THR C 142 -64.86 -13.56 -16.04
C THR C 142 -63.58 -13.65 -15.23
N LEU C 143 -62.45 -13.39 -15.87
CA LEU C 143 -61.14 -13.42 -15.22
C LEU C 143 -60.68 -11.99 -14.94
N LYS C 144 -60.40 -11.70 -13.67
CA LYS C 144 -59.99 -10.38 -13.23
C LYS C 144 -58.62 -10.45 -12.57
N LYS C 145 -57.86 -9.36 -12.70
CA LYS C 145 -56.58 -9.20 -12.03
C LYS C 145 -56.71 -8.17 -10.92
N PHE C 146 -56.11 -8.47 -9.78
CA PHE C 146 -56.19 -7.56 -8.64
C PHE C 146 -55.46 -6.26 -8.98
N PRO C 147 -56.05 -5.09 -8.69
CA PRO C 147 -57.39 -4.97 -8.10
C PRO C 147 -58.47 -4.44 -9.05
N LEU C 148 -58.07 -3.67 -10.07
CA LEU C 148 -59.00 -2.97 -10.95
C LEU C 148 -58.75 -3.35 -12.40
N ASP C 149 -58.43 -4.62 -12.66
CA ASP C 149 -58.16 -5.12 -14.00
C ASP C 149 -59.07 -6.30 -14.30
N THR C 150 -59.44 -6.43 -15.57
CA THR C 150 -60.28 -7.53 -16.04
C THR C 150 -59.77 -7.97 -17.41
N LEU C 151 -59.27 -9.20 -17.50
CA LEU C 151 -58.79 -9.73 -18.77
C LEU C 151 -59.96 -10.23 -19.60
N ILE C 152 -60.06 -9.73 -20.83
CA ILE C 152 -61.13 -10.10 -21.76
C ILE C 152 -60.56 -11.09 -22.76
N PRO C 153 -61.09 -12.32 -22.85
CA PRO C 153 -60.58 -13.28 -23.83
C PRO C 153 -60.84 -12.79 -25.25
N ASP C 154 -59.83 -12.92 -26.12
CA ASP C 154 -59.92 -12.47 -27.49
C ASP C 154 -59.91 -13.63 -28.50
N GLY C 155 -59.76 -14.86 -28.03
CA GLY C 155 -59.71 -16.01 -28.91
C GLY C 155 -58.38 -16.28 -29.56
N LYS C 156 -57.38 -15.42 -29.36
CA LYS C 156 -56.05 -15.63 -29.93
C LYS C 156 -55.01 -15.77 -28.83
N ARG C 157 -54.58 -14.64 -28.26
CA ARG C 157 -53.59 -14.67 -27.19
C ARG C 157 -54.20 -15.20 -25.90
N ILE C 158 -55.46 -14.88 -25.65
CA ILE C 158 -56.19 -15.33 -24.46
C ILE C 158 -57.46 -16.03 -24.94
N ILE C 159 -57.54 -17.33 -24.70
CA ILE C 159 -58.66 -18.16 -25.14
C ILE C 159 -59.35 -18.75 -23.91
N TRP C 160 -60.68 -18.73 -23.92
CA TRP C 160 -61.47 -19.28 -22.83
C TRP C 160 -62.03 -20.64 -23.23
N ASP C 161 -61.95 -21.59 -22.30
CA ASP C 161 -62.42 -22.95 -22.51
C ASP C 161 -63.14 -23.41 -21.25
N SER C 162 -64.41 -23.77 -21.38
CA SER C 162 -65.20 -24.17 -20.21
C SER C 162 -64.74 -25.51 -19.64
N ARG C 163 -64.01 -26.30 -20.42
CA ARG C 163 -63.46 -27.57 -19.95
C ARG C 163 -62.04 -27.47 -19.44
N LYS C 164 -61.24 -26.55 -19.98
CA LYS C 164 -59.84 -26.40 -19.59
C LYS C 164 -59.62 -25.17 -18.71
N GLY C 165 -60.00 -23.99 -19.19
CA GLY C 165 -59.82 -22.77 -18.43
C GLY C 165 -59.40 -21.59 -19.29
N PHE C 166 -58.44 -20.81 -18.81
CA PHE C 166 -57.91 -19.68 -19.57
C PHE C 166 -56.51 -20.01 -20.05
N ILE C 167 -56.26 -19.81 -21.35
CA ILE C 167 -54.97 -20.07 -21.97
C ILE C 167 -54.38 -18.73 -22.39
N ILE C 168 -53.21 -18.41 -21.84
CA ILE C 168 -52.56 -17.11 -22.08
C ILE C 168 -51.26 -17.37 -22.84
N SER C 169 -51.15 -16.77 -24.02
CA SER C 169 -49.94 -16.88 -24.83
C SER C 169 -48.98 -15.76 -24.47
N ASN C 170 -47.71 -16.12 -24.25
CA ASN C 170 -46.68 -15.18 -23.82
C ASN C 170 -47.08 -14.44 -22.56
N ALA C 171 -46.94 -15.09 -21.41
CA ALA C 171 -47.31 -14.48 -20.14
C ALA C 171 -46.29 -13.39 -19.79
N THR C 172 -46.74 -12.13 -19.82
CA THR C 172 -45.88 -11.00 -19.49
C THR C 172 -45.80 -10.82 -17.98
N TYR C 173 -45.30 -9.67 -17.54
CA TYR C 173 -45.21 -9.39 -16.11
C TYR C 173 -46.55 -8.97 -15.50
N LYS C 174 -47.50 -8.51 -16.32
CA LYS C 174 -48.80 -8.05 -15.84
C LYS C 174 -49.74 -9.20 -15.49
N GLU C 175 -49.22 -10.42 -15.40
CA GLU C 175 -50.00 -11.57 -15.00
C GLU C 175 -49.46 -12.26 -13.76
N ILE C 176 -48.37 -11.75 -13.18
CA ILE C 176 -47.79 -12.32 -11.97
C ILE C 176 -48.47 -11.62 -10.79
N GLY C 177 -49.37 -12.34 -10.12
CA GLY C 177 -50.08 -11.76 -8.98
C GLY C 177 -51.28 -12.60 -8.60
N LEU C 178 -52.32 -11.92 -8.13
CA LEU C 178 -53.55 -12.56 -7.67
C LEU C 178 -54.61 -12.46 -8.77
N LEU C 179 -54.97 -13.59 -9.33
CA LEU C 179 -56.02 -13.69 -10.35
C LEU C 179 -57.22 -14.42 -9.78
N THR C 180 -58.40 -14.08 -10.29
CA THR C 180 -59.65 -14.63 -9.77
C THR C 180 -60.62 -14.82 -10.93
N CYS C 181 -61.30 -15.97 -10.94
CA CYS C 181 -62.38 -16.24 -11.88
C CYS C 181 -63.71 -16.09 -11.17
N GLU C 182 -64.65 -15.40 -11.81
CA GLU C 182 -65.96 -15.12 -11.24
C GLU C 182 -67.06 -15.58 -12.19
N ALA C 183 -68.15 -16.06 -11.62
CA ALA C 183 -69.29 -16.54 -12.39
C ALA C 183 -70.57 -16.36 -11.59
N THR C 184 -71.66 -16.04 -12.28
CA THR C 184 -72.95 -15.80 -11.64
C THR C 184 -73.93 -16.90 -12.06
N VAL C 185 -74.51 -17.58 -11.08
CA VAL C 185 -75.47 -18.65 -11.31
C VAL C 185 -76.68 -18.40 -10.43
N ASN C 186 -77.85 -18.21 -11.06
CA ASN C 186 -79.11 -17.99 -10.35
C ASN C 186 -79.00 -16.80 -9.39
N GLY C 187 -78.49 -15.68 -9.91
CA GLY C 187 -78.34 -14.48 -9.12
C GLY C 187 -77.35 -14.56 -7.98
N HIS C 188 -76.57 -15.65 -7.89
CA HIS C 188 -75.59 -15.83 -6.84
C HIS C 188 -74.20 -15.83 -7.46
N LEU C 189 -73.33 -14.97 -6.94
CA LEU C 189 -71.97 -14.80 -7.48
C LEU C 189 -71.00 -15.67 -6.69
N TYR C 190 -70.23 -16.49 -7.41
CA TYR C 190 -69.21 -17.34 -6.83
C TYR C 190 -67.86 -16.98 -7.45
N LYS C 191 -66.78 -17.19 -6.68
CA LYS C 191 -65.45 -16.83 -7.15
C LYS C 191 -64.41 -17.75 -6.53
N THR C 192 -63.43 -18.15 -7.35
CA THR C 192 -62.27 -18.91 -6.91
C THR C 192 -61.00 -18.12 -7.21
N ASN C 193 -60.01 -18.25 -6.32
CA ASN C 193 -58.81 -17.43 -6.37
C ASN C 193 -57.58 -18.28 -6.69
N TYR C 194 -56.70 -17.73 -7.53
CA TYR C 194 -55.45 -18.37 -7.88
C TYR C 194 -54.32 -17.35 -7.73
N LEU C 195 -53.11 -17.87 -7.55
CA LEU C 195 -51.94 -17.04 -7.32
C LEU C 195 -50.79 -17.51 -8.20
N THR C 196 -50.43 -16.70 -9.19
CA THR C 196 -49.30 -17.03 -10.06
C THR C 196 -47.99 -16.63 -9.38
N HIS C 197 -47.08 -17.59 -9.27
CA HIS C 197 -45.85 -17.44 -8.51
C HIS C 197 -44.66 -17.68 -9.43
N ARG C 198 -44.05 -16.61 -9.92
CA ARG C 198 -42.82 -16.73 -10.69
C ARG C 198 -41.69 -17.15 -9.77
N GLN C 199 -41.06 -18.29 -10.06
CA GLN C 199 -40.01 -18.82 -9.22
C GLN C 199 -39.08 -19.69 -10.06
N THR C 200 -37.78 -19.54 -9.85
CA THR C 200 -36.73 -20.35 -10.46
C THR C 200 -35.93 -21.06 -9.35
N ASN C 201 -34.89 -21.78 -9.76
CA ASN C 201 -34.05 -22.47 -8.79
C ASN C 201 -32.66 -22.69 -9.35
N THR C 202 -31.87 -21.62 -9.43
CA THR C 202 -30.55 -21.62 -10.05
C THR C 202 -29.52 -21.27 -8.99
N ILE C 203 -29.13 -22.25 -8.16
CA ILE C 203 -28.04 -22.05 -7.22
C ILE C 203 -26.77 -21.83 -8.02
N ILE C 204 -26.40 -20.55 -8.23
CA ILE C 204 -25.30 -20.17 -9.11
C ILE C 204 -23.98 -20.73 -8.58
N ASP C 205 -23.45 -20.13 -7.52
CA ASP C 205 -22.20 -20.61 -6.95
C ASP C 205 -22.19 -20.34 -5.45
N VAL C 206 -21.28 -21.02 -4.76
CA VAL C 206 -21.06 -20.86 -3.33
C VAL C 206 -19.57 -20.66 -3.10
N GLN C 207 -19.24 -20.10 -1.94
CA GLN C 207 -17.85 -19.76 -1.63
C GLN C 207 -17.72 -19.59 -0.13
N ILE C 208 -16.74 -20.27 0.46
CA ILE C 208 -16.41 -20.13 1.88
C ILE C 208 -15.25 -19.17 2.02
N SER C 209 -15.37 -18.22 2.95
CA SER C 209 -14.34 -17.22 3.21
C SER C 209 -13.81 -17.41 4.62
N THR C 210 -12.52 -17.74 4.74
CA THR C 210 -11.62 -17.91 3.60
C THR C 210 -11.37 -19.39 3.32
N PRO C 211 -11.07 -19.73 2.06
CA PRO C 211 -10.82 -21.15 1.72
C PRO C 211 -9.54 -21.71 2.32
N ARG C 212 -8.80 -20.94 3.11
CA ARG C 212 -7.55 -21.40 3.70
C ARG C 212 -7.83 -22.33 4.88
N PRO C 213 -7.01 -23.36 5.07
CA PRO C 213 -7.12 -24.16 6.29
C PRO C 213 -6.90 -23.33 7.54
N VAL C 214 -7.94 -23.12 8.31
CA VAL C 214 -7.90 -22.22 9.45
C VAL C 214 -7.22 -22.92 10.63
N LYS C 215 -6.34 -22.18 11.31
CA LYS C 215 -5.66 -22.64 12.52
C LYS C 215 -6.12 -21.79 13.70
N LEU C 216 -6.30 -22.43 14.85
CA LEU C 216 -6.77 -21.73 16.04
C LEU C 216 -6.15 -22.38 17.28
N LEU C 217 -6.45 -21.78 18.44
CA LEU C 217 -5.97 -22.23 19.73
C LEU C 217 -6.98 -23.19 20.37
N ARG C 218 -6.49 -24.04 21.26
CA ARG C 218 -7.35 -24.89 22.06
C ARG C 218 -8.13 -24.01 23.03
N GLY C 219 -9.36 -23.68 22.67
CA GLY C 219 -10.19 -22.77 23.46
C GLY C 219 -10.58 -21.50 22.75
N HIS C 220 -10.14 -21.28 21.51
CA HIS C 220 -10.52 -20.10 20.75
C HIS C 220 -11.92 -20.30 20.16
N THR C 221 -12.34 -19.37 19.31
CA THR C 221 -13.67 -19.37 18.70
C THR C 221 -13.52 -19.56 17.20
N LEU C 222 -14.23 -20.52 16.64
CA LEU C 222 -14.22 -20.79 15.21
C LEU C 222 -15.32 -19.98 14.51
N VAL C 223 -14.94 -19.22 13.49
CA VAL C 223 -15.86 -18.39 12.72
C VAL C 223 -15.73 -18.78 11.25
N LEU C 224 -16.85 -19.19 10.65
CA LEU C 224 -16.87 -19.60 9.25
C LEU C 224 -17.97 -18.84 8.52
N ASN C 225 -17.68 -18.43 7.29
CA ASN C 225 -18.59 -17.67 6.46
C ASN C 225 -18.81 -18.40 5.15
N CYS C 226 -20.07 -18.70 4.84
CA CYS C 226 -20.45 -19.35 3.59
C CYS C 226 -21.43 -18.47 2.85
N THR C 227 -21.11 -18.16 1.60
CA THR C 227 -21.90 -17.24 0.79
C THR C 227 -22.48 -17.97 -0.41
N ALA C 228 -23.76 -17.77 -0.66
CA ALA C 228 -24.46 -18.36 -1.79
C ALA C 228 -24.95 -17.26 -2.72
N THR C 229 -25.12 -17.60 -4.00
CA THR C 229 -25.57 -16.67 -5.02
C THR C 229 -26.66 -17.33 -5.86
N THR C 230 -27.79 -16.65 -6.00
CA THR C 230 -28.93 -17.10 -6.77
C THR C 230 -29.51 -15.91 -7.51
N PRO C 231 -30.32 -16.14 -8.57
CA PRO C 231 -31.01 -15.02 -9.21
C PRO C 231 -32.20 -14.55 -8.38
N LEU C 232 -33.22 -14.04 -9.06
CA LEU C 232 -34.40 -13.56 -8.34
C LEU C 232 -35.42 -14.66 -8.19
N ASN C 233 -36.29 -14.49 -7.19
CA ASN C 233 -37.40 -15.40 -6.93
C ASN C 233 -36.90 -16.82 -6.61
N THR C 234 -35.93 -16.90 -5.71
CA THR C 234 -35.35 -18.20 -5.37
C THR C 234 -34.68 -18.10 -4.01
N ARG C 235 -34.75 -19.20 -3.26
CA ARG C 235 -34.14 -19.32 -1.94
C ARG C 235 -33.19 -20.52 -1.92
N VAL C 236 -32.44 -20.64 -0.82
CA VAL C 236 -31.54 -21.75 -0.57
C VAL C 236 -31.80 -22.25 0.84
N GLN C 237 -31.07 -23.29 1.24
CA GLN C 237 -31.18 -23.79 2.60
C GLN C 237 -29.80 -24.31 2.99
N MET C 238 -29.08 -23.53 3.78
CA MET C 238 -27.68 -23.76 4.06
C MET C 238 -27.50 -24.50 5.37
N THR C 239 -26.55 -25.43 5.39
CA THR C 239 -26.26 -26.21 6.59
C THR C 239 -24.78 -26.59 6.61
N TRP C 240 -24.26 -26.76 7.83
CA TRP C 240 -22.85 -27.07 8.05
C TRP C 240 -22.69 -28.52 8.47
N SER C 241 -21.75 -29.21 7.83
CA SER C 241 -21.45 -30.61 8.13
C SER C 241 -20.18 -30.64 8.98
N TYR C 242 -20.35 -30.83 10.30
CA TYR C 242 -19.24 -30.90 11.22
C TYR C 242 -19.12 -32.31 11.81
N PRO C 243 -17.89 -32.77 12.08
CA PRO C 243 -17.72 -34.17 12.51
C PRO C 243 -18.25 -34.44 13.91
N ASP C 244 -18.10 -33.50 14.83
CA ASP C 244 -18.44 -33.74 16.23
C ASP C 244 -19.94 -33.66 16.44
N GLU C 245 -20.36 -33.64 17.70
CA GLU C 245 -21.76 -33.53 18.05
C GLU C 245 -22.13 -32.04 18.19
N LYS C 246 -23.29 -31.77 18.78
CA LYS C 246 -23.83 -30.42 18.90
C LYS C 246 -22.85 -29.49 19.62
N ASN C 247 -22.20 -28.61 18.87
CA ASN C 247 -21.23 -27.68 19.44
C ASN C 247 -21.91 -26.40 19.93
N LYS C 248 -22.07 -25.42 19.03
CA LYS C 248 -22.68 -24.15 19.40
C LYS C 248 -23.73 -23.70 18.40
N ARG C 249 -23.85 -22.40 18.20
CA ARG C 249 -24.90 -21.82 17.37
C ARG C 249 -24.42 -21.61 15.93
N ALA C 250 -25.35 -21.20 15.07
CA ALA C 250 -25.06 -20.95 13.66
C ALA C 250 -26.19 -20.10 13.10
N SER C 251 -25.90 -18.83 12.83
CA SER C 251 -26.90 -17.90 12.33
C SER C 251 -26.83 -17.79 10.81
N VAL C 252 -27.98 -17.57 10.19
CA VAL C 252 -28.08 -17.38 8.75
C VAL C 252 -28.85 -16.08 8.50
N ARG C 253 -28.64 -15.52 7.32
CA ARG C 253 -29.31 -14.28 6.92
C ARG C 253 -29.36 -14.20 5.40
N ARG C 254 -29.91 -13.09 4.90
CA ARG C 254 -30.11 -12.87 3.47
C ARG C 254 -29.92 -11.40 3.14
N ARG C 255 -29.44 -11.14 1.92
CA ARG C 255 -29.20 -9.77 1.45
C ARG C 255 -29.55 -9.69 -0.02
N ILE C 256 -30.27 -8.63 -0.41
CA ILE C 256 -30.62 -8.40 -1.80
C ILE C 256 -29.73 -7.31 -2.36
N ASP C 257 -29.27 -7.48 -3.60
CA ASP C 257 -28.46 -6.46 -4.26
C ASP C 257 -29.27 -5.25 -4.71
N GLN C 258 -30.60 -5.34 -4.63
CA GLN C 258 -31.47 -4.24 -5.04
C GLN C 258 -31.60 -3.18 -3.96
N SER C 261 -30.75 -4.55 -10.47
CA SER C 261 -30.50 -5.71 -11.33
C SER C 261 -31.28 -6.93 -10.87
N HIS C 262 -30.62 -8.08 -10.83
CA HIS C 262 -31.29 -9.32 -10.42
C HIS C 262 -30.24 -10.22 -9.77
N ALA C 263 -30.18 -10.18 -8.43
CA ALA C 263 -29.22 -10.99 -7.70
C ALA C 263 -29.62 -11.06 -6.23
N ASN C 264 -29.52 -12.26 -5.66
CA ASN C 264 -29.79 -12.51 -4.25
C ASN C 264 -28.54 -13.11 -3.61
N ILE C 265 -28.21 -12.64 -2.42
CA ILE C 265 -27.04 -13.11 -1.69
C ILE C 265 -27.52 -13.75 -0.39
N PHE C 266 -26.89 -14.87 -0.02
CA PHE C 266 -27.26 -15.59 1.18
C PHE C 266 -26.01 -15.83 2.02
N TYR C 267 -26.02 -15.34 3.26
CA TYR C 267 -24.92 -15.56 4.19
C TYR C 267 -25.26 -16.69 5.14
N SER C 268 -24.22 -17.35 5.67
CA SER C 268 -24.40 -18.40 6.66
C SER C 268 -23.17 -18.37 7.57
N VAL C 269 -23.38 -18.01 8.83
CA VAL C 269 -22.30 -17.83 9.79
C VAL C 269 -22.33 -18.97 10.79
N LEU C 270 -21.24 -19.72 10.87
CA LEU C 270 -21.09 -20.80 11.84
C LEU C 270 -20.13 -20.33 12.93
N THR C 271 -20.50 -20.57 14.17
CA THR C 271 -19.71 -20.11 15.32
C THR C 271 -19.64 -21.22 16.34
N ILE C 272 -18.43 -21.50 16.83
CA ILE C 272 -18.21 -22.46 17.90
C ILE C 272 -17.37 -21.76 18.95
N ASP C 273 -18.02 -21.24 19.99
CA ASP C 273 -17.32 -20.46 21.01
C ASP C 273 -16.31 -21.30 21.77
N LYS C 274 -16.68 -22.53 22.12
CA LYS C 274 -15.80 -23.42 22.87
C LYS C 274 -15.20 -24.43 21.89
N MET C 275 -13.96 -24.19 21.50
CA MET C 275 -13.25 -25.06 20.57
C MET C 275 -12.27 -25.94 21.34
N GLN C 276 -12.26 -27.23 21.02
CA GLN C 276 -11.38 -28.19 21.68
C GLN C 276 -10.61 -29.01 20.64
N ASN C 277 -9.86 -30.01 21.11
CA ASN C 277 -9.06 -30.82 20.18
C ASN C 277 -9.94 -31.65 19.27
N LYS C 278 -11.12 -32.05 19.74
CA LYS C 278 -12.01 -32.86 18.91
C LYS C 278 -12.65 -32.03 17.80
N ASP C 279 -12.71 -30.71 17.95
CA ASP C 279 -13.39 -29.90 16.95
C ASP C 279 -12.60 -29.85 15.65
N LYS C 280 -11.35 -30.30 15.67
CA LYS C 280 -10.54 -30.33 14.46
C LYS C 280 -11.12 -31.32 13.47
N GLY C 281 -11.34 -30.87 12.24
CA GLY C 281 -11.90 -31.74 11.22
C GLY C 281 -12.28 -30.95 9.99
N LEU C 282 -13.16 -31.56 9.19
CA LEU C 282 -13.64 -30.98 7.94
C LEU C 282 -15.03 -30.39 8.14
N TYR C 283 -15.25 -29.22 7.58
CA TYR C 283 -16.53 -28.52 7.64
C TYR C 283 -17.00 -28.24 6.22
N THR C 284 -18.21 -28.69 5.90
CA THR C 284 -18.75 -28.58 4.55
C THR C 284 -20.04 -27.78 4.59
N CYS C 285 -20.12 -26.76 3.75
CA CYS C 285 -21.32 -25.94 3.60
C CYS C 285 -22.17 -26.53 2.48
N ARG C 286 -23.37 -26.98 2.83
CA ARG C 286 -24.27 -27.64 1.89
C ARG C 286 -25.45 -26.73 1.59
N VAL C 287 -25.61 -26.36 0.32
CA VAL C 287 -26.64 -25.43 -0.13
C VAL C 287 -27.60 -26.20 -1.03
N ARG C 288 -28.73 -26.60 -0.47
CA ARG C 288 -29.72 -27.42 -1.18
C ARG C 288 -30.99 -26.62 -1.43
N SER C 289 -31.57 -26.79 -2.62
CA SER C 289 -32.84 -26.13 -2.94
C SER C 289 -33.73 -27.01 -3.79
N GLY C 290 -33.63 -28.33 -3.64
CA GLY C 290 -34.44 -29.24 -4.41
C GLY C 290 -33.64 -29.99 -5.45
N PRO C 291 -33.86 -29.66 -6.73
CA PRO C 291 -33.12 -30.34 -7.81
C PRO C 291 -31.62 -30.05 -7.77
N SER C 292 -31.24 -28.79 -7.90
CA SER C 292 -29.83 -28.42 -7.90
C SER C 292 -29.27 -28.44 -6.47
N PHE C 293 -27.98 -28.76 -6.37
CA PHE C 293 -27.32 -28.90 -5.07
C PHE C 293 -25.85 -28.50 -5.21
N LYS C 294 -25.33 -27.82 -4.19
CA LYS C 294 -23.95 -27.37 -4.13
C LYS C 294 -23.38 -27.66 -2.75
N SER C 295 -22.08 -27.91 -2.70
CA SER C 295 -21.41 -28.20 -1.44
C SER C 295 -19.94 -27.86 -1.59
N VAL C 296 -19.46 -26.94 -0.76
CA VAL C 296 -18.05 -26.58 -0.74
C VAL C 296 -17.50 -26.89 0.65
N ASN C 297 -16.29 -27.44 0.69
CA ASN C 297 -15.71 -27.91 1.93
C ASN C 297 -14.40 -27.19 2.22
N THR C 298 -14.04 -27.19 3.51
CA THR C 298 -12.79 -26.59 3.97
C THR C 298 -12.45 -27.20 5.32
N SER C 299 -11.16 -27.18 5.64
CA SER C 299 -10.65 -27.83 6.84
C SER C 299 -10.30 -26.81 7.92
N VAL C 300 -10.19 -27.30 9.15
CA VAL C 300 -9.86 -26.47 10.31
C VAL C 300 -8.93 -27.26 11.22
N HIS C 301 -7.79 -26.65 11.57
CA HIS C 301 -6.84 -27.22 12.51
C HIS C 301 -6.85 -26.43 13.81
N ILE C 302 -6.40 -27.08 14.89
CA ILE C 302 -6.48 -26.50 16.22
C ILE C 302 -5.47 -27.16 17.15
N TYR C 303 -5.51 -26.77 18.44
CA TYR C 303 -4.80 -27.39 19.56
C TYR C 303 -3.39 -26.81 19.76
N ASP C 304 -2.88 -26.11 18.75
CA ASP C 304 -1.58 -25.47 18.87
C ASP C 304 -1.61 -24.41 19.97
N LYS C 305 -0.61 -24.42 20.86
CA LYS C 305 -0.52 -23.47 21.95
C LYS C 305 0.40 -22.30 21.60
N ALA C 306 1.69 -22.57 21.42
CA ALA C 306 2.68 -21.57 21.01
C ALA C 306 3.60 -22.25 20.02
N PHE C 307 3.52 -21.84 18.76
CA PHE C 307 4.11 -22.58 17.65
C PHE C 307 5.19 -21.73 16.99
N ILE C 308 6.45 -22.11 17.22
CA ILE C 308 7.60 -21.55 16.50
C ILE C 308 8.60 -22.67 16.27
N THR C 309 8.85 -22.99 15.00
CA THR C 309 9.84 -24.01 14.66
C THR C 309 10.51 -23.60 13.36
N VAL C 310 11.81 -23.33 13.42
CA VAL C 310 12.56 -22.78 12.29
C VAL C 310 13.70 -23.73 11.96
N LYS C 311 13.65 -24.31 10.77
CA LYS C 311 14.76 -25.05 10.18
C LYS C 311 15.20 -24.29 8.92
N HIS C 312 16.13 -24.87 8.18
CA HIS C 312 16.62 -24.19 6.97
C HIS C 312 16.86 -25.15 5.82
N ARG C 313 17.86 -24.84 4.99
CA ARG C 313 18.18 -25.62 3.81
C ARG C 313 19.50 -26.35 3.96
N LYS C 314 20.61 -25.60 4.16
CA LYS C 314 21.92 -26.21 4.33
C LYS C 314 22.76 -25.43 5.33
N GLN C 315 22.12 -24.86 6.35
CA GLN C 315 22.83 -24.10 7.37
C GLN C 315 23.69 -25.04 8.23
N GLN C 316 24.83 -24.51 8.69
CA GLN C 316 25.24 -23.14 8.41
C GLN C 316 26.54 -23.11 7.64
N VAL C 317 26.59 -23.88 6.55
CA VAL C 317 27.78 -23.91 5.71
C VAL C 317 27.46 -23.20 4.41
N LEU C 318 26.87 -22.01 4.49
CA LEU C 318 26.56 -21.25 3.29
C LEU C 318 27.84 -20.67 2.73
N GLU C 319 28.27 -21.17 1.57
CA GLU C 319 29.53 -20.80 0.94
C GLU C 319 29.23 -20.24 -0.44
N THR C 320 29.22 -18.91 -0.56
CA THR C 320 29.02 -18.24 -1.83
C THR C 320 30.33 -17.63 -2.30
N VAL C 321 30.34 -17.18 -3.55
CA VAL C 321 31.53 -16.63 -4.19
C VAL C 321 31.32 -15.13 -4.42
N ALA C 322 32.41 -14.36 -4.31
CA ALA C 322 32.34 -12.94 -4.56
C ALA C 322 31.94 -12.68 -6.02
N GLY C 323 31.38 -11.50 -6.25
CA GLY C 323 30.86 -11.16 -7.56
C GLY C 323 29.52 -11.80 -7.90
N LYS C 324 28.95 -12.57 -6.97
CA LYS C 324 27.66 -13.21 -7.22
C LYS C 324 26.56 -12.16 -7.31
N ARG C 325 25.75 -12.28 -8.36
CA ARG C 325 24.63 -11.38 -8.57
C ARG C 325 23.34 -12.09 -8.18
N SER C 326 22.57 -11.44 -7.30
CA SER C 326 21.26 -11.94 -6.85
C SER C 326 21.37 -13.28 -6.11
N TYR C 327 22.27 -13.33 -5.14
CA TYR C 327 22.33 -14.45 -4.21
C TYR C 327 21.10 -14.46 -3.32
N ARG C 328 20.82 -15.61 -2.71
CA ARG C 328 19.64 -15.71 -1.85
C ARG C 328 19.84 -16.79 -0.80
N LEU C 329 19.57 -16.44 0.45
CA LEU C 329 19.46 -17.40 1.54
C LEU C 329 17.99 -17.69 1.81
N SER C 330 17.74 -18.77 2.54
CA SER C 330 16.37 -19.15 2.86
C SER C 330 16.37 -20.07 4.07
N MET C 331 15.20 -20.18 4.69
CA MET C 331 15.00 -21.11 5.80
C MET C 331 13.50 -21.31 6.01
N LYS C 332 13.13 -22.55 6.31
CA LYS C 332 11.73 -22.93 6.50
C LYS C 332 11.30 -22.67 7.94
N VAL C 333 10.13 -22.05 8.10
CA VAL C 333 9.63 -21.63 9.41
C VAL C 333 8.24 -22.22 9.60
N LYS C 334 8.10 -23.11 10.58
CA LYS C 334 6.80 -23.59 11.02
C LYS C 334 6.39 -22.78 12.24
N ALA C 335 5.40 -21.91 12.07
CA ALA C 335 5.01 -20.99 13.15
C ALA C 335 3.51 -20.74 13.10
N PHE C 336 3.00 -20.21 14.22
CA PHE C 336 1.60 -19.83 14.38
C PHE C 336 1.43 -19.00 15.64
N PRO C 337 0.87 -17.78 15.54
CA PRO C 337 0.36 -17.15 14.32
C PRO C 337 1.43 -16.44 13.49
N SER C 338 1.05 -15.36 12.82
CA SER C 338 1.96 -14.63 11.94
C SER C 338 3.07 -13.99 12.75
N PRO C 339 4.33 -14.29 12.50
CA PRO C 339 5.43 -13.70 13.28
C PRO C 339 5.98 -12.45 12.62
N GLU C 340 6.73 -11.70 13.42
CA GLU C 340 7.50 -10.55 12.94
C GLU C 340 8.93 -11.00 12.76
N VAL C 341 9.41 -10.99 11.51
CA VAL C 341 10.72 -11.51 11.15
C VAL C 341 11.63 -10.32 10.85
N VAL C 342 12.76 -10.26 11.56
CA VAL C 342 13.78 -9.25 11.35
C VAL C 342 15.12 -9.95 11.14
N TRP C 343 15.84 -9.55 10.10
CA TRP C 343 17.10 -10.18 9.75
C TRP C 343 18.28 -9.38 10.30
N LEU C 344 19.38 -10.10 10.57
CA LEU C 344 20.53 -9.53 11.25
C LEU C 344 21.81 -10.04 10.59
N LYS C 345 22.91 -9.30 10.78
CA LYS C 345 24.20 -9.64 10.19
C LYS C 345 25.32 -9.44 11.20
N ASP C 346 26.14 -10.47 11.38
CA ASP C 346 27.21 -10.49 12.38
C ASP C 346 26.67 -10.04 13.74
N GLY C 347 25.77 -10.87 14.27
CA GLY C 347 24.77 -10.30 15.15
C GLY C 347 23.80 -9.60 14.22
N LEU C 348 23.44 -8.35 14.51
CA LEU C 348 23.73 -7.71 15.78
C LEU C 348 22.56 -6.75 16.11
N PRO C 349 22.21 -5.80 15.21
CA PRO C 349 20.82 -5.29 15.23
C PRO C 349 19.87 -5.93 14.21
N ALA C 350 20.13 -5.99 12.90
CA ALA C 350 21.24 -5.38 12.17
C ALA C 350 20.94 -3.93 11.72
N THR C 351 19.80 -3.63 11.08
CA THR C 351 18.82 -4.57 10.55
C THR C 351 19.04 -4.69 9.05
N GLU C 352 18.85 -3.55 8.38
CA GLU C 352 19.28 -3.39 7.00
C GLU C 352 20.42 -2.38 7.00
N LYS C 353 21.49 -2.70 7.75
CA LYS C 353 22.60 -1.77 7.93
C LYS C 353 23.32 -1.50 6.62
N SER C 354 23.53 -2.53 5.80
CA SER C 354 24.25 -2.34 4.55
C SER C 354 23.39 -1.72 3.46
N ALA C 355 22.12 -1.40 3.75
CA ALA C 355 21.19 -0.73 2.83
C ALA C 355 20.90 -1.56 1.59
N ARG C 356 21.81 -2.45 1.20
CA ARG C 356 21.57 -3.38 0.11
C ARG C 356 20.75 -4.54 0.62
N TYR C 357 20.97 -5.73 0.05
CA TYR C 357 20.25 -6.93 0.47
C TYR C 357 18.75 -6.72 0.31
N LEU C 358 17.97 -7.59 0.94
CA LEU C 358 16.51 -7.48 0.95
C LEU C 358 15.98 -8.60 1.84
N THR C 359 14.76 -8.40 2.33
CA THR C 359 14.11 -9.37 3.20
C THR C 359 13.03 -10.11 2.44
N ARG C 360 11.84 -10.25 3.05
CA ARG C 360 10.65 -10.83 2.46
C ARG C 360 10.81 -12.32 2.15
N GLY C 361 9.83 -13.10 2.60
CA GLY C 361 9.80 -14.52 2.28
C GLY C 361 10.62 -15.42 3.17
N TYR C 362 10.83 -15.06 4.43
CA TYR C 362 11.69 -15.81 5.34
C TYR C 362 13.06 -16.04 4.73
N SER C 363 13.45 -15.14 3.84
CA SER C 363 14.64 -15.29 3.03
C SER C 363 15.58 -14.12 3.29
N LEU C 364 16.70 -14.12 2.57
CA LEU C 364 17.71 -13.09 2.71
C LEU C 364 18.45 -13.06 1.37
N ILE C 365 17.90 -12.29 0.44
CA ILE C 365 18.49 -12.16 -0.89
C ILE C 365 19.59 -11.11 -0.86
N ILE C 366 20.80 -11.50 -1.26
CA ILE C 366 21.96 -10.61 -1.33
C ILE C 366 22.03 -10.01 -2.73
N LYS C 367 22.20 -8.69 -2.81
CA LYS C 367 22.31 -8.05 -4.12
C LYS C 367 23.59 -8.49 -4.84
N ASP C 368 24.71 -7.86 -4.50
CA ASP C 368 26.02 -8.25 -5.02
C ASP C 368 26.91 -8.60 -3.84
N VAL C 369 27.59 -9.73 -3.95
CA VAL C 369 28.36 -10.27 -2.85
C VAL C 369 29.80 -9.77 -2.93
N THR C 370 30.32 -9.29 -1.82
CA THR C 370 31.73 -8.95 -1.67
C THR C 370 32.30 -9.75 -0.50
N GLU C 371 33.64 -9.80 -0.44
CA GLU C 371 34.31 -10.57 0.61
C GLU C 371 34.02 -10.04 2.00
N GLU C 372 33.45 -8.85 2.13
CA GLU C 372 33.11 -8.28 3.42
C GLU C 372 31.72 -8.71 3.90
N ASP C 373 31.00 -9.50 3.10
CA ASP C 373 29.65 -9.92 3.46
C ASP C 373 29.63 -11.15 4.36
N ALA C 374 30.79 -11.60 4.84
CA ALA C 374 30.83 -12.77 5.70
C ALA C 374 30.33 -12.41 7.10
N GLY C 375 30.13 -13.45 7.92
CA GLY C 375 29.72 -13.25 9.30
C GLY C 375 28.51 -14.09 9.70
N ASN C 376 28.29 -14.24 11.00
CA ASN C 376 27.16 -15.03 11.48
C ASN C 376 25.89 -14.20 11.35
N TYR C 377 25.16 -14.42 10.26
CA TYR C 377 23.86 -13.78 10.07
C TYR C 377 22.84 -14.36 11.04
N THR C 378 22.37 -13.53 11.97
CA THR C 378 21.32 -13.92 12.90
C THR C 378 19.95 -13.60 12.29
N ILE C 379 18.92 -14.26 12.81
CA ILE C 379 17.53 -14.00 12.44
C ILE C 379 16.65 -14.19 13.66
N LEU C 380 15.90 -13.16 14.01
CA LEU C 380 15.05 -13.14 15.20
C LEU C 380 13.59 -13.10 14.77
N LEU C 381 12.86 -14.17 15.09
CA LEU C 381 11.43 -14.29 14.77
C LEU C 381 10.65 -14.00 16.05
N SER C 382 9.93 -12.88 16.06
CA SER C 382 9.23 -12.39 17.24
C SER C 382 7.73 -12.57 17.03
N ILE C 383 7.12 -13.45 17.82
CA ILE C 383 5.67 -13.59 17.90
C ILE C 383 5.22 -12.87 19.16
N LYS C 384 4.62 -11.70 19.00
CA LYS C 384 4.16 -10.92 20.14
C LYS C 384 2.85 -11.50 20.66
N GLN C 385 2.16 -10.75 21.53
CA GLN C 385 0.93 -11.18 22.19
C GLN C 385 1.10 -12.43 23.03
N SER C 386 2.34 -12.91 23.18
CA SER C 386 2.62 -14.11 23.97
C SER C 386 4.07 -14.12 24.42
N ASN C 387 4.85 -13.16 23.93
CA ASN C 387 6.27 -13.01 24.29
C ASN C 387 7.05 -14.29 23.99
N VAL C 388 6.97 -14.74 22.73
CA VAL C 388 7.64 -15.96 22.28
C VAL C 388 8.58 -15.57 21.15
N PHE C 389 9.87 -15.43 21.47
CA PHE C 389 10.90 -15.09 20.50
C PHE C 389 11.83 -16.28 20.28
N LYS C 390 12.41 -16.35 19.09
CA LYS C 390 13.36 -17.42 18.76
C LYS C 390 14.42 -16.86 17.83
N ASN C 391 15.65 -16.72 18.34
CA ASN C 391 16.78 -16.29 17.54
C ASN C 391 17.49 -17.48 16.90
N LEU C 392 18.15 -17.23 15.78
CA LEU C 392 18.82 -18.29 15.03
C LEU C 392 20.06 -17.75 14.35
N THR C 393 21.18 -18.45 14.53
CA THR C 393 22.45 -18.07 13.93
C THR C 393 22.61 -18.77 12.58
N ALA C 394 23.20 -18.05 11.62
CA ALA C 394 23.44 -18.62 10.29
C ALA C 394 24.72 -17.99 9.75
N THR C 395 25.79 -18.78 9.68
CA THR C 395 27.09 -18.27 9.28
C THR C 395 27.24 -18.31 7.76
N LEU C 396 27.76 -17.23 7.20
CA LEU C 396 28.02 -17.12 5.77
C LEU C 396 29.50 -16.85 5.53
N ILE C 397 30.11 -17.65 4.66
CA ILE C 397 31.50 -17.49 4.27
C ILE C 397 31.56 -17.21 2.77
N VAL C 398 32.18 -16.09 2.40
CA VAL C 398 32.25 -15.66 1.01
C VAL C 398 33.62 -16.02 0.43
N ASN C 399 33.62 -16.74 -0.68
CA ASN C 399 34.85 -16.99 -1.42
C ASN C 399 35.23 -15.74 -2.22
N VAL C 400 36.54 -15.52 -2.35
CA VAL C 400 37.04 -14.32 -2.99
C VAL C 400 37.64 -14.59 -4.35
N LYS C 401 38.08 -15.81 -4.64
CA LYS C 401 38.80 -16.17 -5.87
C LYS C 401 40.18 -15.51 -5.85
N PRO C 402 41.17 -16.10 -6.50
CA PRO C 402 42.51 -15.52 -6.47
C PRO C 402 42.64 -14.32 -7.38
N GLN C 403 43.62 -13.48 -7.05
CA GLN C 403 43.95 -12.31 -7.85
C GLN C 403 45.40 -11.95 -7.56
N ILE C 404 46.25 -12.02 -8.59
CA ILE C 404 47.67 -11.78 -8.43
C ILE C 404 47.91 -10.27 -8.48
N TYR C 405 48.34 -9.70 -7.36
CA TYR C 405 48.45 -8.26 -7.29
C TYR C 405 49.60 -7.71 -8.14
N GLU C 406 50.61 -8.53 -8.42
CA GLU C 406 51.70 -8.00 -9.22
C GLU C 406 51.28 -7.73 -10.67
N LYS C 407 50.14 -8.26 -11.09
CA LYS C 407 49.67 -8.01 -12.44
C LYS C 407 49.33 -6.54 -12.65
N ALA C 408 48.83 -5.87 -11.60
CA ALA C 408 48.33 -4.51 -11.73
C ALA C 408 49.47 -3.48 -11.81
N VAL C 409 50.53 -3.68 -11.02
CA VAL C 409 51.64 -2.73 -11.01
C VAL C 409 52.35 -2.75 -12.36
N SER C 410 52.47 -1.59 -12.97
CA SER C 410 53.17 -1.47 -14.25
C SER C 410 54.65 -1.25 -13.96
N SER C 411 55.44 -2.31 -14.10
CA SER C 411 56.89 -2.21 -13.95
C SER C 411 57.48 -1.67 -15.25
N PHE C 412 57.89 -0.41 -15.23
CA PHE C 412 58.42 0.22 -16.43
C PHE C 412 59.65 -0.47 -17.02
N PRO C 413 60.67 -0.90 -16.23
CA PRO C 413 61.84 -1.54 -16.84
C PRO C 413 61.47 -2.55 -17.91
N ASP C 414 61.57 -2.10 -19.17
CA ASP C 414 61.21 -2.80 -20.40
C ASP C 414 61.51 -4.28 -20.29
N PRO C 415 60.65 -5.16 -20.90
CA PRO C 415 60.79 -6.61 -20.75
C PRO C 415 62.16 -7.08 -20.28
N ALA C 416 62.21 -7.46 -19.00
CA ALA C 416 63.47 -7.49 -18.26
C ALA C 416 64.47 -8.47 -18.87
N LEU C 417 65.68 -7.96 -19.16
CA LEU C 417 66.80 -8.79 -19.58
C LEU C 417 67.86 -8.79 -18.50
N TYR C 418 68.38 -9.97 -18.17
CA TYR C 418 69.27 -10.10 -17.04
C TYR C 418 70.65 -10.55 -17.50
N PRO C 419 71.71 -10.13 -16.81
CA PRO C 419 73.05 -10.56 -17.20
C PRO C 419 73.19 -12.06 -17.09
N LEU C 420 74.02 -12.63 -17.97
CA LEU C 420 74.25 -14.07 -17.97
C LEU C 420 74.89 -14.49 -16.66
N GLY C 421 74.50 -15.67 -16.18
CA GLY C 421 75.11 -16.23 -15.01
C GLY C 421 74.84 -15.49 -13.73
N SER C 422 73.80 -14.68 -13.69
CA SER C 422 73.44 -13.89 -12.52
C SER C 422 72.29 -14.57 -11.77
N ARG C 423 72.27 -14.35 -10.46
CA ARG C 423 71.17 -14.83 -9.65
C ARG C 423 70.01 -13.85 -9.75
N GLN C 424 68.82 -14.38 -10.03
CA GLN C 424 67.61 -13.58 -10.05
C GLN C 424 66.60 -14.20 -9.11
N ILE C 425 65.63 -13.37 -8.70
CA ILE C 425 64.57 -13.80 -7.80
C ILE C 425 63.26 -13.19 -8.26
N LEU C 426 62.21 -14.01 -8.30
CA LEU C 426 60.89 -13.56 -8.73
C LEU C 426 59.92 -13.64 -7.58
N THR C 427 58.74 -13.04 -7.76
CA THR C 427 57.74 -13.07 -6.70
C THR C 427 56.36 -12.87 -7.29
N CYS C 428 55.41 -13.66 -6.82
CA CYS C 428 53.99 -13.50 -7.14
C CYS C 428 53.20 -13.52 -5.84
N THR C 429 52.36 -12.50 -5.66
CA THR C 429 51.49 -12.37 -4.49
C THR C 429 50.02 -12.43 -4.94
N ALA C 430 49.25 -13.27 -4.27
CA ALA C 430 47.83 -13.45 -4.58
C ALA C 430 47.07 -13.66 -3.28
N TYR C 431 45.75 -13.44 -3.33
CA TYR C 431 44.90 -13.52 -2.16
C TYR C 431 43.53 -14.01 -2.59
N GLY C 432 42.85 -14.68 -1.66
CA GLY C 432 41.51 -15.18 -1.91
C GLY C 432 41.07 -16.07 -0.76
N ILE C 433 39.79 -16.42 -0.80
CA ILE C 433 39.22 -17.33 0.18
C ILE C 433 38.67 -18.54 -0.57
N PRO C 434 39.12 -19.76 -0.26
CA PRO C 434 40.20 -20.02 0.71
C PRO C 434 41.55 -19.59 0.17
N GLN C 435 42.59 -19.63 1.00
CA GLN C 435 43.93 -19.20 0.61
C GLN C 435 44.41 -20.00 -0.59
N PRO C 436 44.56 -19.38 -1.74
CA PRO C 436 44.88 -20.13 -2.96
C PRO C 436 46.30 -20.67 -2.94
N THR C 437 46.61 -21.46 -3.96
CA THR C 437 47.92 -22.07 -4.11
C THR C 437 48.58 -21.56 -5.38
N ILE C 438 49.91 -21.54 -5.36
CA ILE C 438 50.68 -21.07 -6.50
C ILE C 438 51.48 -22.23 -7.08
N LYS C 439 51.82 -22.10 -8.36
CA LYS C 439 52.70 -23.05 -9.01
C LYS C 439 53.35 -22.33 -10.19
N TRP C 440 54.64 -22.62 -10.41
CA TRP C 440 55.38 -21.97 -11.47
C TRP C 440 55.48 -22.88 -12.70
N PHE C 441 55.94 -22.29 -13.81
CA PHE C 441 56.05 -23.00 -15.08
C PHE C 441 57.27 -22.48 -15.82
N TRP C 442 57.44 -22.96 -17.06
CA TRP C 442 58.57 -22.60 -17.90
C TRP C 442 58.13 -22.67 -19.36
N HIS C 443 58.79 -21.87 -20.21
CA HIS C 443 58.50 -21.82 -21.63
C HIS C 443 59.72 -21.26 -22.35
N PRO C 444 60.45 -22.09 -23.10
CA PRO C 444 61.64 -21.60 -23.82
C PRO C 444 61.27 -20.86 -25.09
N CYS C 445 62.27 -20.45 -25.89
CA CYS C 445 61.96 -19.70 -27.10
C CYS C 445 63.05 -20.03 -28.14
N ASN C 446 62.74 -20.97 -29.03
CA ASN C 446 63.66 -21.36 -30.09
C ASN C 446 63.19 -20.86 -31.45
N GLU C 461 53.90 -26.43 -23.86
CA GLU C 461 55.27 -26.36 -23.38
C GLU C 461 55.36 -25.69 -22.00
N GLU C 462 54.92 -26.40 -20.97
CA GLU C 462 55.00 -25.92 -19.59
C GLU C 462 55.62 -27.00 -18.72
N SER C 463 56.27 -26.55 -17.64
CA SER C 463 57.03 -27.46 -16.79
C SER C 463 56.86 -27.06 -15.33
N PHE C 464 56.25 -27.95 -14.54
CA PHE C 464 56.19 -27.75 -13.10
C PHE C 464 57.60 -27.87 -12.52
N ILE C 465 57.98 -26.90 -11.69
CA ILE C 465 59.34 -26.80 -11.19
C ILE C 465 59.35 -27.00 -9.68
N LEU C 466 60.37 -27.68 -9.19
CA LEU C 466 60.58 -27.86 -7.75
C LEU C 466 62.07 -27.61 -7.48
N ASP C 467 62.56 -28.04 -6.31
CA ASP C 467 63.95 -27.85 -5.91
C ASP C 467 64.91 -28.87 -6.54
N ALA C 468 64.51 -29.49 -7.66
CA ALA C 468 65.35 -30.43 -8.38
C ALA C 468 64.82 -30.60 -9.80
N ASP C 469 64.27 -29.52 -10.36
CA ASP C 469 63.58 -29.54 -11.63
C ASP C 469 63.97 -28.30 -12.44
N SER C 470 63.86 -28.39 -13.77
CA SER C 470 63.36 -29.57 -14.48
C SER C 470 64.31 -30.03 -15.59
N ASN C 471 65.55 -30.32 -15.20
CA ASN C 471 66.62 -30.72 -16.11
C ASN C 471 66.66 -29.84 -17.38
N MET C 472 66.91 -28.55 -17.20
CA MET C 472 67.02 -27.88 -15.91
C MET C 472 66.45 -26.47 -16.05
N GLY C 473 66.15 -26.09 -17.29
CA GLY C 473 65.73 -24.74 -17.59
C GLY C 473 66.80 -23.74 -17.17
N ASN C 474 66.67 -23.24 -15.94
CA ASN C 474 67.73 -22.49 -15.29
C ASN C 474 67.88 -23.02 -13.88
N ARG C 475 69.08 -22.91 -13.35
CA ARG C 475 69.36 -23.44 -12.02
C ARG C 475 68.47 -22.77 -10.97
N ILE C 476 67.55 -23.55 -10.40
CA ILE C 476 66.59 -23.03 -9.43
C ILE C 476 67.18 -23.13 -8.03
N GLU C 477 67.20 -22.01 -7.31
CA GLU C 477 67.72 -22.00 -5.95
C GLU C 477 66.66 -22.41 -4.92
N SER C 478 65.53 -21.71 -4.90
CA SER C 478 64.53 -21.96 -3.89
C SER C 478 63.17 -21.46 -4.36
N ILE C 479 62.13 -22.26 -4.12
CA ILE C 479 60.75 -21.86 -4.34
C ILE C 479 60.04 -21.99 -3.01
N THR C 480 59.74 -20.87 -2.38
CA THR C 480 59.11 -20.88 -1.07
C THR C 480 58.03 -19.82 -1.01
N GLN C 481 56.90 -20.16 -0.40
CA GLN C 481 55.78 -19.25 -0.23
C GLN C 481 55.68 -18.82 1.23
N ARG C 482 55.05 -17.66 1.44
CA ARG C 482 54.88 -17.11 2.78
C ARG C 482 53.47 -16.54 2.92
N MET C 483 53.09 -16.25 4.17
CA MET C 483 51.76 -15.74 4.51
C MET C 483 51.93 -14.35 5.14
N ALA C 484 51.91 -13.33 4.30
CA ALA C 484 52.10 -11.95 4.74
C ALA C 484 50.76 -11.23 4.80
N ILE C 485 50.57 -10.44 5.86
CA ILE C 485 49.34 -9.69 6.08
C ILE C 485 49.64 -8.24 5.69
N ILE C 486 49.36 -7.90 4.42
CA ILE C 486 49.63 -6.58 3.88
C ILE C 486 48.33 -6.04 3.26
N GLU C 487 48.17 -4.72 3.34
CA GLU C 487 46.97 -4.04 2.83
C GLU C 487 45.70 -4.57 3.51
N GLY C 488 45.81 -4.88 4.80
CA GLY C 488 44.71 -5.39 5.58
C GLY C 488 44.27 -6.81 5.27
N LYS C 489 44.72 -7.38 4.15
CA LYS C 489 44.37 -8.74 3.76
C LYS C 489 45.53 -9.68 4.08
N ASN C 490 45.20 -10.89 4.51
CA ASN C 490 46.19 -11.93 4.75
C ASN C 490 46.53 -12.59 3.42
N LYS C 491 47.40 -11.91 2.67
CA LYS C 491 47.81 -12.36 1.35
C LYS C 491 48.84 -13.49 1.45
N MET C 492 49.16 -14.08 0.29
CA MET C 492 50.17 -15.12 0.19
C MET C 492 51.09 -14.78 -0.97
N ALA C 493 52.40 -14.80 -0.70
CA ALA C 493 53.40 -14.39 -1.69
C ALA C 493 54.44 -15.49 -1.82
N SER C 494 54.58 -16.01 -3.04
CA SER C 494 55.59 -17.01 -3.36
C SER C 494 56.75 -16.36 -4.11
N THR C 495 57.93 -16.96 -3.98
CA THR C 495 59.13 -16.42 -4.59
C THR C 495 59.92 -17.55 -5.23
N LEU C 496 60.09 -17.48 -6.56
CA LEU C 496 60.94 -18.39 -7.31
C LEU C 496 62.30 -17.72 -7.49
N VAL C 497 63.36 -18.42 -7.08
CA VAL C 497 64.70 -17.87 -7.06
C VAL C 497 65.53 -18.62 -8.10
N VAL C 498 65.89 -17.94 -9.19
CA VAL C 498 66.76 -18.52 -10.20
C VAL C 498 68.20 -18.36 -9.72
N ALA C 499 68.88 -19.48 -9.46
CA ALA C 499 70.24 -19.37 -8.95
C ALA C 499 71.22 -18.97 -10.04
N ASP C 500 70.98 -19.39 -11.29
CA ASP C 500 71.91 -19.15 -12.38
C ASP C 500 71.07 -19.01 -13.65
N SER C 501 70.78 -17.77 -14.04
CA SER C 501 70.04 -17.51 -15.27
C SER C 501 70.87 -17.91 -16.47
N ARG C 502 70.39 -18.88 -17.26
CA ARG C 502 71.11 -19.38 -18.42
C ARG C 502 70.29 -19.40 -19.69
N ILE C 503 69.04 -19.84 -19.63
CA ILE C 503 68.20 -19.98 -20.82
C ILE C 503 67.08 -18.95 -20.75
N SER C 504 66.67 -18.48 -21.93
CA SER C 504 65.56 -17.54 -22.04
C SER C 504 64.23 -18.28 -21.92
N GLY C 505 63.53 -18.07 -20.81
CA GLY C 505 62.23 -18.66 -20.60
C GLY C 505 61.17 -17.60 -20.31
N ILE C 506 59.95 -18.08 -20.06
CA ILE C 506 58.81 -17.24 -19.70
C ILE C 506 58.17 -17.92 -18.49
N TYR C 507 58.64 -17.58 -17.30
CA TYR C 507 58.07 -18.15 -16.10
C TYR C 507 56.63 -17.70 -15.94
N ILE C 508 55.74 -18.65 -15.74
CA ILE C 508 54.34 -18.36 -15.46
C ILE C 508 54.08 -18.77 -14.01
N CYS C 509 53.52 -17.85 -13.24
CA CYS C 509 53.05 -18.16 -11.89
C CYS C 509 51.53 -18.23 -11.94
N ILE C 510 50.98 -19.36 -11.51
CA ILE C 510 49.55 -19.61 -11.57
C ILE C 510 49.03 -19.78 -10.15
N ALA C 511 48.13 -18.88 -9.75
CA ALA C 511 47.46 -18.93 -8.45
C ALA C 511 46.03 -19.38 -8.66
N SER C 512 45.59 -20.34 -7.84
CA SER C 512 44.26 -20.91 -8.01
C SER C 512 43.85 -21.60 -6.71
N ASN C 513 42.62 -21.34 -6.28
CA ASN C 513 41.94 -22.03 -5.20
C ASN C 513 40.83 -22.91 -5.79
N LYS C 514 39.74 -23.08 -5.06
CA LYS C 514 38.65 -23.94 -5.51
C LYS C 514 37.49 -23.16 -6.11
N VAL C 515 37.69 -21.89 -6.47
CA VAL C 515 36.60 -21.10 -7.03
C VAL C 515 37.09 -20.24 -8.18
N GLY C 516 38.36 -20.36 -8.53
CA GLY C 516 38.90 -19.58 -9.63
C GLY C 516 40.40 -19.74 -9.74
N THR C 517 40.92 -19.26 -10.88
CA THR C 517 42.34 -19.36 -11.20
C THR C 517 42.78 -18.12 -11.96
N VAL C 518 44.05 -17.77 -11.79
CA VAL C 518 44.63 -16.59 -12.44
C VAL C 518 46.15 -16.76 -12.48
N GLY C 519 46.75 -16.42 -13.61
CA GLY C 519 48.19 -16.54 -13.78
C GLY C 519 48.79 -15.24 -14.28
N ARG C 520 50.11 -15.13 -14.07
CA ARG C 520 50.88 -13.97 -14.46
C ARG C 520 52.15 -14.40 -15.19
N ASN C 521 52.34 -13.86 -16.40
CA ASN C 521 53.49 -14.20 -17.23
C ASN C 521 54.67 -13.31 -16.87
N ILE C 522 55.78 -13.94 -16.47
CA ILE C 522 57.00 -13.23 -16.09
C ILE C 522 57.94 -13.26 -17.28
N SER C 523 57.99 -12.16 -18.03
CA SER C 523 58.89 -12.05 -19.17
C SER C 523 60.35 -12.14 -18.71
N PHE C 524 60.99 -13.27 -19.04
CA PHE C 524 62.37 -13.58 -18.62
C PHE C 524 63.25 -13.72 -19.86
N TYR C 525 63.46 -12.63 -20.59
CA TYR C 525 64.52 -12.64 -21.57
C TYR C 525 65.87 -12.56 -20.86
N ILE C 526 66.91 -12.95 -21.58
CA ILE C 526 68.24 -13.06 -20.98
C ILE C 526 69.29 -12.57 -21.95
N THR C 527 70.33 -11.95 -21.40
CA THR C 527 71.43 -11.40 -22.17
C THR C 527 72.74 -11.90 -21.59
N ASP C 528 73.77 -11.82 -22.41
CA ASP C 528 75.13 -12.20 -22.03
C ASP C 528 76.05 -11.01 -21.82
N VAL C 529 75.62 -9.82 -22.22
CA VAL C 529 76.47 -8.63 -22.24
C VAL C 529 75.93 -7.66 -21.19
N PRO C 530 76.75 -6.76 -20.65
CA PRO C 530 76.27 -5.87 -19.59
C PRO C 530 75.13 -4.98 -20.08
N ASN C 531 74.02 -5.04 -19.34
CA ASN C 531 72.82 -4.24 -19.56
C ASN C 531 72.35 -4.23 -21.02
N GLY C 532 72.76 -5.21 -21.82
CA GLY C 532 72.43 -5.21 -23.24
C GLY C 532 73.08 -4.05 -23.98
N PHE C 533 73.21 -4.17 -25.29
CA PHE C 533 73.71 -3.09 -26.16
C PHE C 533 75.11 -2.61 -25.73
N HIS C 534 76.10 -3.47 -26.01
CA HIS C 534 77.48 -3.24 -25.65
C HIS C 534 78.32 -2.97 -26.90
N VAL C 535 79.39 -2.20 -26.74
CA VAL C 535 80.28 -1.83 -27.83
C VAL C 535 81.71 -2.15 -27.41
N ASN C 536 82.29 -3.19 -28.02
CA ASN C 536 83.65 -3.58 -27.72
C ASN C 536 84.62 -2.70 -28.49
N LEU C 537 85.52 -2.04 -27.78
CA LEU C 537 86.36 -0.99 -28.33
C LEU C 537 87.81 -1.48 -28.35
N GLU C 538 88.40 -1.56 -29.53
CA GLU C 538 89.82 -1.86 -29.71
C GLU C 538 90.39 -0.78 -30.61
N LYS C 539 90.94 0.27 -30.01
CA LYS C 539 91.33 1.47 -30.74
C LYS C 539 92.64 1.20 -31.50
N MET C 540 93.20 2.27 -32.06
CA MET C 540 94.40 2.18 -32.86
C MET C 540 95.51 3.03 -32.26
N PRO C 541 96.78 2.62 -32.42
CA PRO C 541 97.89 3.44 -31.93
C PRO C 541 97.95 4.83 -32.54
N THR C 542 98.19 4.92 -33.84
CA THR C 542 98.29 6.22 -34.52
C THR C 542 97.81 6.04 -35.96
N GLU C 543 98.18 6.99 -36.81
CA GLU C 543 97.75 6.96 -38.21
C GLU C 543 98.31 5.74 -38.93
N GLY C 544 97.47 5.13 -39.75
CA GLY C 544 97.86 3.95 -40.51
C GLY C 544 97.58 2.62 -39.83
N GLU C 545 96.99 2.64 -38.63
CA GLU C 545 96.71 1.41 -37.92
C GLU C 545 95.29 0.92 -38.23
N ASP C 546 94.92 -0.20 -37.65
CA ASP C 546 93.62 -0.82 -37.91
C ASP C 546 92.64 -0.52 -36.79
N LEU C 547 91.36 -0.70 -37.10
CA LEU C 547 90.27 -0.47 -36.17
C LEU C 547 89.41 -1.72 -36.08
N LYS C 548 89.04 -2.11 -34.87
CA LYS C 548 88.18 -3.27 -34.67
C LYS C 548 87.10 -2.89 -33.65
N LEU C 549 85.87 -2.72 -34.13
CA LEU C 549 84.73 -2.41 -33.30
C LEU C 549 83.74 -3.57 -33.35
N SER C 550 83.14 -3.86 -32.21
CA SER C 550 82.15 -4.93 -32.10
C SER C 550 80.95 -4.41 -31.31
N CYS C 551 79.77 -4.53 -31.89
CA CYS C 551 78.53 -4.10 -31.26
C CYS C 551 77.69 -5.33 -30.94
N THR C 552 77.42 -5.55 -29.66
CA THR C 552 76.62 -6.68 -29.20
C THR C 552 75.22 -6.19 -28.84
N VAL C 553 74.21 -6.79 -29.46
CA VAL C 553 72.81 -6.41 -29.29
C VAL C 553 72.06 -7.57 -28.67
N ASN C 554 71.31 -7.32 -27.60
CA ASN C 554 70.69 -8.41 -26.85
C ASN C 554 69.72 -9.19 -27.72
N LYS C 555 69.65 -10.50 -27.43
CA LYS C 555 68.85 -11.54 -28.10
C LYS C 555 68.11 -11.09 -29.34
N PHE C 556 66.77 -11.15 -29.29
CA PHE C 556 65.97 -10.77 -30.44
C PHE C 556 65.09 -9.56 -30.12
N LEU C 557 65.70 -8.53 -29.52
CA LEU C 557 65.18 -7.18 -29.55
C LEU C 557 66.28 -6.27 -30.11
N TYR C 558 65.88 -5.05 -30.46
CA TYR C 558 66.68 -4.15 -31.29
C TYR C 558 66.97 -4.78 -32.66
N ARG C 559 65.95 -4.81 -33.51
CA ARG C 559 66.14 -5.27 -34.88
C ARG C 559 66.79 -4.17 -35.72
N ASP C 560 67.39 -4.58 -36.84
CA ASP C 560 68.00 -3.67 -37.81
C ASP C 560 69.16 -2.90 -37.16
N VAL C 561 70.20 -3.67 -36.82
CA VAL C 561 71.42 -3.10 -36.26
C VAL C 561 72.29 -2.56 -37.38
N THR C 562 72.95 -1.44 -37.11
CA THR C 562 73.84 -0.83 -38.10
C THR C 562 74.74 0.17 -37.40
N TRP C 563 75.67 0.73 -38.16
CA TRP C 563 76.65 1.68 -37.67
C TRP C 563 76.39 3.05 -38.26
N ILE C 564 77.11 4.04 -37.76
CA ILE C 564 76.88 5.43 -38.14
C ILE C 564 78.18 6.20 -37.96
N LEU C 565 78.54 6.98 -38.97
CA LEU C 565 79.59 7.98 -38.85
C LEU C 565 78.96 9.35 -38.92
N LEU C 566 79.63 10.35 -38.34
CA LEU C 566 79.07 11.70 -38.32
C LEU C 566 80.15 12.71 -38.00
N ARG C 567 80.07 13.87 -38.65
CA ARG C 567 80.92 15.00 -38.33
C ARG C 567 80.17 16.27 -38.74
N THR C 568 80.29 17.31 -37.92
CA THR C 568 79.45 18.49 -38.02
C THR C 568 80.29 19.73 -38.24
N VAL C 569 79.74 20.68 -39.00
CA VAL C 569 80.31 22.02 -39.18
C VAL C 569 79.16 23.02 -39.19
N ASN C 570 79.25 24.03 -38.34
CA ASN C 570 78.22 25.09 -38.20
C ASN C 570 76.94 24.43 -37.70
N ASN C 571 75.77 24.80 -38.24
CA ASN C 571 74.50 24.23 -37.77
C ASN C 571 74.02 23.17 -38.75
N ARG C 572 74.68 22.02 -38.71
CA ARG C 572 74.32 20.86 -39.51
C ARG C 572 75.07 19.65 -38.94
N THR C 573 74.45 18.47 -39.06
CA THR C 573 75.03 17.26 -38.50
C THR C 573 74.97 16.10 -39.49
N MET C 574 73.88 15.33 -39.44
CA MET C 574 73.63 14.15 -40.26
C MET C 574 74.62 13.02 -39.96
N HIS C 575 74.18 11.79 -40.21
CA HIS C 575 74.94 10.58 -39.95
C HIS C 575 75.54 10.05 -41.25
N TYR C 576 75.91 8.78 -41.28
CA TYR C 576 76.50 8.20 -42.48
C TYR C 576 76.29 6.68 -42.57
N SER C 577 77.30 5.97 -43.09
CA SER C 577 77.13 4.64 -43.64
C SER C 577 78.52 4.03 -43.87
N ILE C 578 78.70 2.69 -43.79
CA ILE C 578 77.80 1.49 -43.86
C ILE C 578 77.15 1.33 -45.25
N SER C 579 76.77 0.10 -45.62
CA SER C 579 77.15 -1.11 -44.91
C SER C 579 78.35 -1.73 -45.60
N LYS C 580 79.20 -2.39 -44.82
CA LYS C 580 80.36 -3.09 -45.37
C LYS C 580 80.07 -4.57 -45.65
N GLN C 581 78.79 -4.95 -45.70
CA GLN C 581 78.38 -6.32 -46.00
C GLN C 581 78.96 -7.33 -45.03
N LYS C 582 78.98 -6.97 -43.74
CA LYS C 582 79.41 -7.87 -42.68
C LYS C 582 78.24 -8.61 -42.04
N MET C 583 77.10 -8.67 -42.73
CA MET C 583 75.94 -9.42 -42.27
C MET C 583 76.24 -10.91 -42.24
N ALA C 584 75.67 -11.63 -41.25
CA ALA C 584 74.91 -11.10 -40.11
C ALA C 584 74.97 -12.16 -39.01
N ILE C 585 75.80 -11.96 -37.99
CA ILE C 585 76.03 -12.99 -36.98
C ILE C 585 74.98 -12.87 -35.89
N THR C 586 74.04 -13.78 -35.87
CA THR C 586 73.07 -13.90 -34.79
C THR C 586 73.48 -15.01 -33.84
N LYS C 587 73.21 -14.81 -32.56
CA LYS C 587 73.66 -15.75 -31.54
C LYS C 587 72.69 -15.68 -30.37
N GLU C 588 72.35 -16.84 -29.82
CA GLU C 588 71.55 -16.93 -28.60
C GLU C 588 72.48 -17.24 -27.46
N HIS C 589 72.61 -16.31 -26.52
CA HIS C 589 71.85 -15.06 -26.52
C HIS C 589 72.68 -13.88 -26.99
N SER C 590 72.01 -12.83 -27.47
CA SER C 590 72.62 -11.58 -27.91
C SER C 590 73.39 -11.72 -29.22
N ILE C 591 72.91 -11.05 -30.27
CA ILE C 591 73.59 -11.06 -31.57
C ILE C 591 74.76 -10.08 -31.55
N THR C 592 75.53 -10.06 -32.64
CA THR C 592 76.74 -9.24 -32.72
C THR C 592 76.85 -8.62 -34.11
N LEU C 593 77.53 -7.49 -34.18
CA LEU C 593 77.86 -6.84 -35.45
C LEU C 593 79.23 -6.18 -35.26
N ASN C 594 80.26 -6.87 -35.74
CA ASN C 594 81.63 -6.37 -35.65
C ASN C 594 81.96 -5.56 -36.90
N LEU C 595 82.32 -4.29 -36.70
CA LEU C 595 82.75 -3.40 -37.77
C LEU C 595 84.26 -3.21 -37.64
N THR C 596 84.99 -3.57 -38.70
CA THR C 596 86.45 -3.48 -38.72
C THR C 596 86.89 -2.68 -39.93
N ILE C 597 87.78 -1.72 -39.70
CA ILE C 597 88.32 -0.84 -40.75
C ILE C 597 89.83 -1.03 -40.79
N MET C 598 90.37 -1.25 -41.99
CA MET C 598 91.80 -1.52 -42.17
C MET C 598 92.52 -0.23 -42.57
N ASN C 599 93.58 0.11 -41.84
CA ASN C 599 94.44 1.24 -42.16
C ASN C 599 93.67 2.55 -42.18
N VAL C 600 93.51 3.16 -41.01
CA VAL C 600 92.77 4.41 -40.87
C VAL C 600 93.72 5.58 -41.00
N SER C 601 93.35 6.56 -41.83
CA SER C 601 94.13 7.77 -41.99
C SER C 601 93.58 8.85 -41.06
N LEU C 602 93.86 10.12 -41.35
CA LEU C 602 93.39 11.21 -40.50
C LEU C 602 91.92 11.53 -40.73
N GLN C 603 91.44 11.35 -41.96
CA GLN C 603 90.05 11.66 -42.31
C GLN C 603 89.12 10.48 -42.12
N ASP C 604 89.63 9.26 -41.98
CA ASP C 604 88.82 8.07 -41.75
C ASP C 604 88.51 7.86 -40.27
N SER C 605 88.55 8.92 -39.46
CA SER C 605 88.30 8.85 -38.02
C SER C 605 87.36 9.96 -37.60
N GLY C 606 86.45 9.63 -36.67
CA GLY C 606 85.47 10.59 -36.21
C GLY C 606 84.62 10.10 -35.03
N THR C 607 83.33 9.90 -35.28
CA THR C 607 82.38 9.46 -34.26
C THR C 607 81.60 8.28 -34.80
N TYR C 608 81.68 7.14 -34.12
CA TYR C 608 81.06 5.91 -34.56
C TYR C 608 79.98 5.51 -33.58
N ALA C 609 78.82 5.11 -34.09
CA ALA C 609 77.70 4.76 -33.25
C ALA C 609 76.99 3.53 -33.80
N CYS C 610 76.37 2.78 -32.90
CA CYS C 610 75.64 1.56 -33.24
C CYS C 610 74.15 1.82 -33.10
N ARG C 611 73.47 1.96 -34.23
CA ARG C 611 72.05 2.32 -34.26
C ARG C 611 71.20 1.08 -34.49
N ALA C 612 70.34 0.75 -33.54
CA ALA C 612 69.47 -0.40 -33.65
C ALA C 612 68.04 0.00 -33.30
N ARG C 613 67.07 -0.53 -34.03
CA ARG C 613 65.67 -0.24 -33.77
C ARG C 613 65.23 -0.90 -32.47
N ASN C 614 63.95 -1.24 -32.38
CA ASN C 614 63.47 -2.07 -31.27
C ASN C 614 62.01 -2.39 -31.50
N VAL C 615 61.57 -3.49 -30.90
CA VAL C 615 60.15 -3.80 -30.85
C VAL C 615 59.55 -3.15 -29.61
N TYR C 616 58.22 -3.05 -29.59
CA TYR C 616 57.48 -2.34 -28.54
C TYR C 616 57.94 -0.88 -28.51
N THR C 617 59.05 -0.63 -27.83
CA THR C 617 59.78 0.63 -27.94
C THR C 617 60.18 0.83 -29.42
N GLY C 618 60.73 2.00 -29.78
CA GLY C 618 61.34 3.01 -28.94
C GLY C 618 62.84 2.86 -29.13
N GLU C 619 63.34 3.44 -30.21
CA GLU C 619 64.66 3.14 -30.74
C GLU C 619 65.78 3.61 -29.80
N GLU C 620 66.89 2.85 -29.81
CA GLU C 620 68.09 3.14 -29.01
C GLU C 620 69.30 3.32 -29.92
N ILE C 621 70.38 3.87 -29.34
CA ILE C 621 71.64 4.05 -30.06
C ILE C 621 72.76 4.41 -29.08
N LEU C 622 73.94 3.79 -29.26
CA LEU C 622 75.09 3.98 -28.39
C LEU C 622 76.27 4.48 -29.21
N GLN C 623 76.81 5.63 -28.81
CA GLN C 623 77.80 6.38 -29.58
C GLN C 623 79.21 6.01 -29.14
N LYS C 624 80.19 6.60 -29.85
CA LYS C 624 81.61 6.48 -29.56
C LYS C 624 82.40 7.46 -30.43
N LYS C 625 83.26 8.27 -29.80
CA LYS C 625 84.04 9.29 -30.49
C LYS C 625 85.52 8.98 -30.31
N GLU C 626 86.24 8.95 -31.43
CA GLU C 626 87.70 8.80 -31.40
C GLU C 626 88.26 9.29 -32.72
N ILE C 627 89.37 10.02 -32.64
CA ILE C 627 90.05 10.58 -33.81
C ILE C 627 91.52 10.20 -33.72
N THR C 628 92.11 9.86 -34.87
CA THR C 628 93.52 9.49 -34.91
C THR C 628 94.36 10.46 -35.74
N ASP D 5 -41.46 56.36 46.84
CA ASP D 5 -41.38 57.71 46.29
C ASP D 5 -42.48 58.03 45.25
N PRO D 6 -42.75 57.13 44.30
CA PRO D 6 -43.86 57.37 43.36
C PRO D 6 -45.20 57.00 44.00
N GLU D 7 -46.05 58.00 44.17
CA GLU D 7 -47.38 57.78 44.75
C GLU D 7 -48.38 57.54 43.62
N LEU D 8 -49.22 56.53 43.80
CA LEU D 8 -50.14 56.09 42.77
C LEU D 8 -51.58 56.34 43.22
N SER D 9 -52.46 56.55 42.23
CA SER D 9 -53.87 56.85 42.51
C SER D 9 -54.60 55.61 43.02
N LEU D 10 -54.81 54.63 42.15
CA LEU D 10 -55.50 53.40 42.53
C LEU D 10 -54.65 52.57 43.48
N LYS D 11 -54.80 52.78 44.79
CA LYS D 11 -53.96 52.10 45.76
C LYS D 11 -54.25 50.60 45.77
N GLY D 12 -53.19 49.81 45.87
CA GLY D 12 -53.28 48.36 45.86
C GLY D 12 -52.48 47.76 44.72
N THR D 13 -52.55 46.42 44.65
CA THR D 13 -51.89 45.66 43.60
C THR D 13 -52.84 45.06 42.58
N GLN D 14 -54.10 44.86 42.94
CA GLN D 14 -55.12 44.32 42.06
C GLN D 14 -56.03 45.45 41.56
N HIS D 15 -56.74 45.18 40.47
CA HIS D 15 -57.74 46.10 39.97
C HIS D 15 -58.72 45.34 39.10
N ILE D 16 -59.97 45.80 39.08
CA ILE D 16 -61.03 45.21 38.28
C ILE D 16 -61.54 46.27 37.32
N MET D 17 -61.81 45.86 36.08
CA MET D 17 -62.28 46.80 35.07
C MET D 17 -62.96 46.01 33.97
N GLN D 18 -63.95 46.63 33.33
CA GLN D 18 -64.70 45.98 32.27
C GLN D 18 -64.44 46.67 30.94
N ALA D 19 -64.98 46.09 29.88
CA ALA D 19 -64.77 46.59 28.53
C ALA D 19 -65.56 47.89 28.30
N GLY D 20 -65.04 48.73 27.41
CA GLY D 20 -65.66 50.00 27.09
C GLY D 20 -65.41 51.12 28.09
N GLN D 21 -64.80 50.83 29.23
CA GLN D 21 -64.56 51.84 30.24
C GLN D 21 -63.26 52.58 29.95
N THR D 22 -62.80 53.39 30.89
CA THR D 22 -61.60 54.19 30.70
C THR D 22 -60.70 54.06 31.93
N LEU D 23 -59.43 54.36 31.74
CA LEU D 23 -58.46 54.33 32.84
C LEU D 23 -58.12 55.75 33.26
N HIS D 24 -57.99 55.94 34.57
CA HIS D 24 -57.65 57.24 35.14
C HIS D 24 -56.65 56.99 36.26
N LEU D 25 -55.37 57.26 35.97
CA LEU D 25 -54.30 56.99 36.92
C LEU D 25 -53.50 58.26 37.19
N GLN D 26 -53.06 58.42 38.43
CA GLN D 26 -52.29 59.56 38.87
C GLN D 26 -50.92 59.10 39.36
N CYS D 27 -49.94 59.99 39.26
CA CYS D 27 -48.62 59.72 39.84
C CYS D 27 -48.01 61.08 40.22
N ARG D 28 -48.00 61.36 41.52
CA ARG D 28 -47.54 62.65 42.03
C ARG D 28 -46.14 62.50 42.61
N GLY D 29 -45.23 63.35 42.16
CA GLY D 29 -43.89 63.35 42.69
C GLY D 29 -43.26 64.71 42.50
N GLU D 30 -41.93 64.74 42.54
CA GLU D 30 -41.19 65.98 42.36
C GLU D 30 -40.63 66.13 40.95
N ALA D 31 -39.98 65.10 40.44
CA ALA D 31 -39.37 65.14 39.12
C ALA D 31 -40.31 64.49 38.11
N ALA D 32 -39.88 64.38 36.85
CA ALA D 32 -40.71 63.73 35.83
C ALA D 32 -40.85 62.24 36.10
N HIS D 33 -41.95 61.67 35.62
CA HIS D 33 -42.26 60.26 35.81
C HIS D 33 -42.28 59.52 34.48
N LYS D 34 -41.75 58.31 34.47
CA LYS D 34 -41.77 57.44 33.31
C LYS D 34 -42.84 56.38 33.53
N TRP D 35 -43.73 56.24 32.56
CA TRP D 35 -44.85 55.29 32.66
C TRP D 35 -44.48 53.99 31.97
N SER D 36 -44.51 52.89 32.72
CA SER D 36 -44.21 51.57 32.18
C SER D 36 -45.52 50.90 31.77
N LEU D 37 -45.65 50.61 30.46
CA LEU D 37 -46.87 50.03 29.92
C LEU D 37 -46.59 48.66 29.33
N PRO D 38 -47.52 47.72 29.47
CA PRO D 38 -47.32 46.41 28.83
C PRO D 38 -47.42 46.46 27.32
N GLU D 39 -48.23 47.38 26.79
CA GLU D 39 -48.45 47.48 25.35
C GLU D 39 -48.89 48.92 25.06
N MET D 40 -47.95 49.74 24.63
CA MET D 40 -48.25 51.10 24.17
C MET D 40 -48.89 51.01 22.79
N VAL D 41 -50.15 51.42 22.68
CA VAL D 41 -50.89 51.28 21.44
C VAL D 41 -50.30 52.21 20.38
N SER D 42 -50.68 53.48 20.39
CA SER D 42 -50.22 54.46 19.41
C SER D 42 -50.78 55.84 19.73
N LYS D 43 -51.46 56.44 18.74
CA LYS D 43 -52.18 57.69 18.92
C LYS D 43 -53.61 57.44 19.39
N GLU D 44 -53.81 56.48 20.29
CA GLU D 44 -55.13 56.13 20.80
C GLU D 44 -55.41 56.82 22.13
N SER D 45 -54.56 56.58 23.13
CA SER D 45 -54.72 57.17 24.45
C SER D 45 -53.92 58.47 24.56
N GLU D 46 -54.05 59.12 25.71
CA GLU D 46 -53.44 60.43 25.95
C GLU D 46 -52.81 60.45 27.33
N ARG D 47 -51.96 61.44 27.57
CA ARG D 47 -51.33 61.62 28.87
C ARG D 47 -50.85 63.05 29.00
N LEU D 48 -50.86 63.56 30.23
CA LEU D 48 -50.41 64.92 30.51
C LEU D 48 -49.84 64.98 31.91
N SER D 49 -49.08 66.04 32.18
CA SER D 49 -48.42 66.23 33.46
C SER D 49 -48.29 67.72 33.76
N ILE D 50 -48.61 68.11 34.98
CA ILE D 50 -48.52 69.50 35.41
C ILE D 50 -47.67 69.65 36.66
N GLY D 59 -45.91 74.26 48.82
CA GLY D 59 -45.67 74.89 47.54
C GLY D 59 -46.39 74.22 46.38
N LYS D 60 -45.70 74.10 45.26
CA LYS D 60 -46.25 73.50 44.05
C LYS D 60 -45.64 72.12 43.86
N GLN D 61 -46.51 71.10 43.83
CA GLN D 61 -46.09 69.71 43.69
C GLN D 61 -46.39 69.21 42.29
N PHE D 62 -45.40 68.57 41.66
CA PHE D 62 -45.57 68.05 40.32
C PHE D 62 -46.55 66.87 40.32
N CYS D 63 -47.51 66.91 39.41
CA CYS D 63 -48.54 65.88 39.32
C CYS D 63 -48.60 65.35 37.89
N SER D 64 -48.58 64.02 37.76
CA SER D 64 -48.62 63.35 36.47
C SER D 64 -49.80 62.40 36.41
N THR D 65 -50.55 62.45 35.31
CA THR D 65 -51.75 61.65 35.14
C THR D 65 -51.72 60.89 33.83
N LEU D 66 -52.65 59.95 33.71
CA LEU D 66 -52.71 59.06 32.55
C LEU D 66 -54.16 58.67 32.31
N THR D 67 -54.62 58.86 31.08
CA THR D 67 -56.00 58.61 30.69
C THR D 67 -56.05 57.48 29.66
N LEU D 68 -57.27 57.13 29.26
CA LEU D 68 -57.49 56.05 28.31
C LEU D 68 -58.87 56.22 27.69
N ASN D 69 -58.96 56.02 26.38
CA ASN D 69 -60.23 56.05 25.66
C ASN D 69 -60.59 54.62 25.29
N THR D 70 -61.84 54.23 25.59
CA THR D 70 -62.34 52.87 25.40
C THR D 70 -61.49 51.86 26.16
N ALA D 71 -61.87 50.59 26.12
CA ALA D 71 -61.19 49.56 26.89
C ALA D 71 -61.11 48.28 26.07
N GLN D 72 -59.90 47.76 25.92
CA GLN D 72 -59.64 46.57 25.14
C GLN D 72 -58.84 45.59 25.97
N ALA D 73 -59.14 44.30 25.83
CA ALA D 73 -58.49 43.27 26.63
C ALA D 73 -56.99 43.19 26.37
N ASN D 74 -56.50 43.79 25.27
CA ASN D 74 -55.08 43.71 24.93
C ASN D 74 -54.18 44.44 25.92
N HIS D 75 -54.75 45.23 26.82
CA HIS D 75 -53.96 46.11 27.67
C HIS D 75 -53.87 45.62 29.10
N THR D 76 -54.13 44.33 29.34
CA THR D 76 -53.90 43.75 30.66
C THR D 76 -52.40 43.61 30.90
N GLY D 77 -51.95 43.97 32.09
CA GLY D 77 -50.57 43.75 32.41
C GLY D 77 -50.06 44.74 33.45
N PHE D 78 -48.74 44.93 33.43
CA PHE D 78 -48.03 45.71 34.43
C PHE D 78 -48.14 47.19 34.08
N TYR D 79 -48.84 47.96 34.92
CA TYR D 79 -48.90 49.41 34.83
C TYR D 79 -48.08 49.99 35.97
N SER D 80 -46.96 50.63 35.64
CA SER D 80 -46.01 51.09 36.63
C SER D 80 -45.60 52.53 36.36
N CYS D 81 -45.42 53.29 37.44
CA CYS D 81 -44.91 54.65 37.39
C CYS D 81 -43.49 54.63 37.94
N LYS D 82 -42.51 54.76 37.06
CA LYS D 82 -41.10 54.68 37.44
C LYS D 82 -40.59 56.07 37.80
N TYR D 83 -40.06 56.19 39.01
CA TYR D 83 -39.43 57.43 39.47
C TYR D 83 -37.91 57.39 39.31
N LEU D 84 -37.43 56.71 38.27
CA LEU D 84 -36.00 56.61 37.98
C LEU D 84 -35.56 57.61 36.90
N ALA D 85 -36.38 58.60 36.60
CA ALA D 85 -36.07 59.57 35.57
C ALA D 85 -35.06 60.62 36.05
N VAL D 86 -34.26 60.26 37.05
CA VAL D 86 -33.24 61.14 37.60
C VAL D 86 -31.91 60.39 37.63
N PRO D 87 -30.81 60.99 37.14
CA PRO D 87 -29.52 60.30 37.20
C PRO D 87 -29.03 60.04 38.62
N THR D 88 -29.43 60.88 39.58
CA THR D 88 -29.03 60.69 40.97
C THR D 88 -29.87 59.65 41.69
N SER D 89 -31.10 59.40 41.21
CA SER D 89 -31.98 58.42 41.83
C SER D 89 -31.53 56.99 41.51
N THR D 94 -36.99 53.73 43.85
CA THR D 94 -38.31 53.27 44.23
C THR D 94 -39.23 53.28 43.01
N GLU D 95 -40.18 52.35 42.98
CA GLU D 95 -41.05 52.17 41.82
C GLU D 95 -42.39 51.62 42.30
N SER D 96 -43.48 52.17 41.76
CA SER D 96 -44.81 51.69 42.06
C SER D 96 -45.41 51.03 40.82
N ALA D 97 -46.20 49.98 41.05
CA ALA D 97 -46.76 49.21 39.95
C ALA D 97 -48.07 48.57 40.39
N ILE D 98 -48.93 48.30 39.40
CA ILE D 98 -50.22 47.67 39.67
C ILE D 98 -50.69 47.04 38.36
N TYR D 99 -51.47 45.97 38.49
CA TYR D 99 -52.00 45.26 37.34
C TYR D 99 -53.42 45.73 37.03
N ILE D 100 -53.65 46.06 35.77
CA ILE D 100 -54.96 46.45 35.28
C ILE D 100 -55.53 45.25 34.52
N PHE D 101 -56.67 44.76 34.97
CA PHE D 101 -57.34 43.62 34.34
C PHE D 101 -58.54 44.14 33.56
N ILE D 102 -58.44 44.11 32.24
CA ILE D 102 -59.53 44.51 31.37
C ILE D 102 -60.17 43.24 30.82
N SER D 103 -61.39 42.94 31.26
CA SER D 103 -62.09 41.71 30.92
C SER D 103 -63.09 41.93 29.79
N ASP D 104 -63.64 40.83 29.29
CA ASP D 104 -64.62 40.84 28.21
C ASP D 104 -65.24 39.46 28.12
N THR D 105 -66.56 39.43 27.91
CA THR D 105 -67.25 38.16 27.75
C THR D 105 -66.87 37.55 26.41
N GLY D 106 -65.63 37.06 26.30
CA GLY D 106 -65.14 36.55 25.04
C GLY D 106 -64.45 37.62 24.21
N ARG D 107 -63.13 37.50 24.04
CA ARG D 107 -62.38 36.38 24.62
C ARG D 107 -61.51 36.85 25.78
N PRO D 108 -61.35 35.99 26.79
CA PRO D 108 -60.66 36.37 28.02
C PRO D 108 -59.15 36.14 28.01
N PHE D 109 -58.56 35.71 26.91
CA PHE D 109 -57.11 35.61 26.79
C PHE D 109 -56.58 36.91 26.19
N VAL D 110 -55.47 37.39 26.75
CA VAL D 110 -54.86 38.61 26.24
C VAL D 110 -54.36 38.39 24.82
N GLU D 111 -53.45 37.44 24.63
CA GLU D 111 -52.90 37.10 23.33
C GLU D 111 -53.48 35.75 22.92
N MET D 112 -54.39 35.76 21.94
CA MET D 112 -55.09 34.57 21.48
C MET D 112 -54.45 34.07 20.20
N TYR D 113 -53.91 32.85 20.24
CA TYR D 113 -53.32 32.19 19.08
C TYR D 113 -54.18 30.99 18.74
N SER D 114 -55.23 31.23 17.95
CA SER D 114 -56.14 30.15 17.58
C SER D 114 -55.59 29.35 16.41
N GLU D 115 -55.38 30.01 15.26
CA GLU D 115 -54.85 29.34 14.09
C GLU D 115 -53.39 28.95 14.26
N ILE D 116 -52.50 29.94 14.24
CA ILE D 116 -51.07 29.72 14.28
C ILE D 116 -50.60 29.86 15.72
N PRO D 117 -49.99 28.84 16.32
CA PRO D 117 -49.44 29.00 17.68
C PRO D 117 -48.21 29.88 17.68
N GLU D 118 -47.86 30.37 18.87
CA GLU D 118 -46.70 31.25 19.01
C GLU D 118 -45.47 30.42 19.39
N ILE D 119 -44.34 30.77 18.77
CA ILE D 119 -43.09 30.05 18.98
C ILE D 119 -42.41 30.57 20.23
N ILE D 120 -41.91 29.65 21.06
CA ILE D 120 -41.24 29.98 22.32
C ILE D 120 -39.88 29.31 22.30
N HIS D 121 -38.84 30.08 21.98
CA HIS D 121 -37.48 29.57 22.08
C HIS D 121 -37.16 29.26 23.54
N MET D 122 -36.84 28.01 23.83
CA MET D 122 -36.59 27.62 25.22
C MET D 122 -35.26 26.90 25.35
N THR D 123 -35.00 26.33 26.53
CA THR D 123 -33.76 25.60 26.78
C THR D 123 -34.03 24.56 27.85
N GLU D 124 -33.59 23.33 27.59
CA GLU D 124 -33.80 22.23 28.53
C GLU D 124 -33.05 22.49 29.83
N GLY D 125 -33.75 22.33 30.95
CA GLY D 125 -33.17 22.47 32.27
C GLY D 125 -33.30 23.86 32.87
N ARG D 126 -33.66 24.85 32.08
CA ARG D 126 -33.82 26.22 32.55
C ARG D 126 -35.30 26.52 32.78
N GLU D 127 -35.64 27.79 32.87
CA GLU D 127 -37.01 28.22 33.15
C GLU D 127 -37.79 28.40 31.85
N LEU D 128 -39.08 28.07 31.91
CA LEU D 128 -39.98 28.23 30.78
C LEU D 128 -41.27 28.90 31.26
N VAL D 129 -41.65 29.99 30.61
CA VAL D 129 -42.84 30.77 30.97
C VAL D 129 -43.77 30.83 29.77
N ILE D 130 -44.97 30.29 29.93
CA ILE D 130 -45.96 30.28 28.85
C ILE D 130 -46.78 31.56 28.93
N PRO D 131 -46.73 32.42 27.93
CA PRO D 131 -47.41 33.73 27.99
C PRO D 131 -48.89 33.67 27.66
N CYS D 132 -49.63 32.79 28.33
CA CYS D 132 -51.08 32.73 28.19
C CYS D 132 -51.70 33.29 29.48
N ARG D 133 -51.76 34.61 29.56
CA ARG D 133 -52.33 35.32 30.69
C ARG D 133 -53.76 35.74 30.38
N VAL D 134 -54.63 35.68 31.39
CA VAL D 134 -56.04 35.98 31.23
C VAL D 134 -56.36 37.35 31.81
N THR D 135 -57.64 37.72 31.78
CA THR D 135 -58.11 39.02 32.27
C THR D 135 -58.63 38.94 33.69
N SER D 136 -59.56 38.05 33.97
CA SER D 136 -60.06 37.89 35.33
C SER D 136 -59.11 37.01 36.14
N PRO D 137 -58.72 37.43 37.35
CA PRO D 137 -57.82 36.59 38.15
C PRO D 137 -58.47 35.30 38.65
N ASN D 138 -59.80 35.21 38.62
CA ASN D 138 -60.51 34.01 39.04
C ASN D 138 -60.78 33.04 37.90
N ILE D 139 -60.17 33.25 36.74
CA ILE D 139 -60.38 32.37 35.60
C ILE D 139 -59.57 31.10 35.79
N THR D 140 -60.19 29.96 35.52
CA THR D 140 -59.54 28.66 35.63
C THR D 140 -59.01 28.24 34.26
N VAL D 141 -57.70 28.08 34.15
CA VAL D 141 -57.03 27.76 32.90
C VAL D 141 -56.37 26.39 33.03
N THR D 142 -56.61 25.53 32.05
CA THR D 142 -56.01 24.21 31.98
C THR D 142 -54.92 24.22 30.93
N LEU D 143 -53.77 23.63 31.25
CA LEU D 143 -52.65 23.52 30.33
C LEU D 143 -52.55 22.09 29.82
N LYS D 144 -52.53 21.93 28.50
CA LYS D 144 -52.49 20.62 27.87
C LYS D 144 -51.27 20.51 26.96
N LYS D 145 -50.70 19.31 26.92
CA LYS D 145 -49.55 19.01 26.07
C LYS D 145 -49.96 18.00 25.01
N PHE D 146 -49.83 18.39 23.74
CA PHE D 146 -50.13 17.48 22.66
C PHE D 146 -49.20 16.26 22.74
N PRO D 147 -49.71 15.04 22.43
CA PRO D 147 -51.07 14.72 21.99
C PRO D 147 -52.13 14.84 23.09
N LEU D 148 -52.13 13.92 24.04
CA LEU D 148 -53.13 13.87 25.11
C LEU D 148 -52.40 13.83 26.46
N ASP D 149 -52.21 15.00 27.06
CA ASP D 149 -51.59 15.11 28.38
C ASP D 149 -52.00 16.45 28.99
N THR D 150 -52.01 16.49 30.32
CA THR D 150 -52.43 17.67 31.05
C THR D 150 -51.48 17.89 32.23
N LEU D 151 -50.98 19.11 32.36
CA LEU D 151 -50.10 19.49 33.47
C LEU D 151 -50.93 20.16 34.56
N ILE D 152 -50.84 19.63 35.77
CA ILE D 152 -51.56 20.18 36.93
C ILE D 152 -50.59 21.05 37.71
N PRO D 153 -50.89 22.35 37.88
CA PRO D 153 -49.98 23.20 38.66
C PRO D 153 -49.97 22.78 40.13
N ASP D 154 -48.75 22.67 40.69
CA ASP D 154 -48.58 22.27 42.08
C ASP D 154 -48.01 23.38 42.96
N GLY D 155 -47.59 24.51 42.39
CA GLY D 155 -47.03 25.60 43.14
C GLY D 155 -45.51 25.61 43.23
N LYS D 156 -44.85 24.51 42.89
CA LYS D 156 -43.39 24.42 42.94
C LYS D 156 -42.80 24.23 41.55
N ARG D 157 -42.99 23.06 40.93
CA ARG D 157 -42.48 22.85 39.58
C ARG D 157 -43.34 23.56 38.55
N ILE D 158 -44.65 23.55 38.73
CA ILE D 158 -45.60 24.21 37.84
C ILE D 158 -46.40 25.21 38.66
N ILE D 159 -46.25 26.49 38.36
CA ILE D 159 -46.92 27.56 39.09
C ILE D 159 -47.84 28.30 38.13
N TRP D 160 -49.06 28.59 38.60
CA TRP D 160 -50.04 29.33 37.83
C TRP D 160 -50.10 30.78 38.28
N ASP D 161 -50.22 31.68 37.31
CA ASP D 161 -50.26 33.12 37.57
C ASP D 161 -51.14 33.74 36.51
N SER D 162 -52.32 34.24 36.90
CA SER D 162 -53.26 34.82 35.95
C SER D 162 -52.77 36.14 35.37
N ARG D 163 -51.59 36.61 35.77
CA ARG D 163 -51.02 37.85 35.28
C ARG D 163 -49.95 37.65 34.22
N LYS D 164 -49.23 36.53 34.27
CA LYS D 164 -48.20 36.20 33.29
C LYS D 164 -48.51 34.92 32.52
N GLY D 165 -48.78 33.82 33.22
CA GLY D 165 -49.10 32.56 32.57
C GLY D 165 -48.70 31.37 33.40
N PHE D 166 -48.04 30.39 32.77
CA PHE D 166 -47.57 29.19 33.47
C PHE D 166 -46.06 29.24 33.58
N ILE D 167 -45.56 29.09 34.82
CA ILE D 167 -44.14 29.13 35.11
C ILE D 167 -43.68 27.71 35.43
N ILE D 168 -42.64 27.27 34.73
CA ILE D 168 -42.13 25.91 34.84
C ILE D 168 -40.66 25.97 35.23
N SER D 169 -40.36 25.47 36.42
CA SER D 169 -38.98 25.35 36.87
C SER D 169 -38.42 23.99 36.49
N ASN D 170 -37.16 23.98 36.05
CA ASN D 170 -36.53 22.78 35.52
C ASN D 170 -37.37 22.20 34.38
N ALA D 171 -37.17 22.71 33.17
CA ALA D 171 -37.90 22.25 31.99
C ALA D 171 -37.20 21.01 31.45
N THR D 172 -37.88 19.86 31.51
CA THR D 172 -37.32 18.60 31.03
C THR D 172 -37.60 18.47 29.54
N TYR D 173 -37.47 17.25 29.01
CA TYR D 173 -37.76 17.03 27.60
C TYR D 173 -39.26 17.02 27.30
N LYS D 174 -40.09 16.77 28.32
CA LYS D 174 -41.52 16.65 28.10
C LYS D 174 -42.19 17.98 27.78
N GLU D 175 -41.45 19.09 27.87
CA GLU D 175 -41.98 20.42 27.59
C GLU D 175 -41.62 20.91 26.20
N ILE D 176 -41.13 20.03 25.33
CA ILE D 176 -40.75 20.40 23.97
C ILE D 176 -41.86 19.90 23.04
N GLY D 177 -42.71 20.82 22.61
CA GLY D 177 -43.82 20.46 21.74
C GLY D 177 -44.84 21.58 21.66
N LEU D 178 -46.10 21.20 21.44
CA LEU D 178 -47.20 22.14 21.29
C LEU D 178 -48.00 22.18 22.59
N LEU D 179 -47.95 23.32 23.28
CA LEU D 179 -48.69 23.53 24.51
C LEU D 179 -49.94 24.36 24.23
N THR D 180 -51.01 24.03 24.96
CA THR D 180 -52.28 24.72 24.77
C THR D 180 -52.85 25.07 26.13
N CYS D 181 -53.19 26.35 26.31
CA CYS D 181 -53.92 26.81 27.48
C CYS D 181 -55.40 26.94 27.10
N GLU D 182 -56.26 26.34 27.92
CA GLU D 182 -57.70 26.30 27.67
C GLU D 182 -58.45 26.97 28.81
N ALA D 183 -59.59 27.56 28.47
CA ALA D 183 -60.45 28.21 29.46
C ALA D 183 -61.88 28.17 28.97
N THR D 184 -62.82 28.02 29.91
CA THR D 184 -64.25 27.95 29.62
C THR D 184 -64.96 29.15 30.23
N VAL D 185 -65.67 29.91 29.40
CA VAL D 185 -66.40 31.09 29.84
C VAL D 185 -67.77 31.07 29.15
N ASN D 186 -68.84 31.08 29.96
CA ASN D 186 -70.21 31.12 29.47
C ASN D 186 -70.52 29.92 28.56
N GLY D 187 -70.14 28.74 29.03
CA GLY D 187 -70.41 27.52 28.31
C GLY D 187 -69.65 27.35 27.01
N HIS D 188 -68.80 28.29 26.63
CA HIS D 188 -68.00 28.21 25.42
C HIS D 188 -66.55 27.96 25.80
N LEU D 189 -65.84 27.18 24.99
CA LEU D 189 -64.46 26.79 25.26
C LEU D 189 -63.52 27.52 24.30
N TYR D 190 -62.55 28.22 24.87
CA TYR D 190 -61.50 28.90 24.11
C TYR D 190 -60.14 28.29 24.47
N LYS D 191 -59.19 28.43 23.55
CA LYS D 191 -57.88 27.85 23.74
C LYS D 191 -56.85 28.59 22.90
N THR D 192 -55.65 28.76 23.46
CA THR D 192 -54.52 29.34 22.75
C THR D 192 -53.35 28.35 22.78
N ASN D 193 -52.60 28.30 21.68
CA ASN D 193 -51.59 27.29 21.47
C ASN D 193 -50.20 27.91 21.39
N TYR D 194 -49.23 27.25 22.02
CA TYR D 194 -47.84 27.68 22.04
C TYR D 194 -46.94 26.49 21.71
N LEU D 195 -45.89 26.75 20.94
CA LEU D 195 -45.02 25.71 20.40
C LEU D 195 -43.59 25.93 20.89
N THR D 196 -43.22 25.24 21.97
CA THR D 196 -41.87 25.34 22.50
C THR D 196 -40.88 24.74 21.51
N HIS D 197 -39.80 25.48 21.24
CA HIS D 197 -38.84 25.13 20.20
C HIS D 197 -37.42 25.31 20.75
N ARG D 198 -36.79 24.22 21.15
CA ARG D 198 -35.40 24.27 21.59
C ARG D 198 -34.49 24.47 20.37
N GLN D 199 -33.54 25.39 20.49
CA GLN D 199 -32.64 25.69 19.38
C GLN D 199 -31.39 26.39 19.92
N THR D 200 -30.24 25.98 19.42
CA THR D 200 -28.95 26.62 19.69
C THR D 200 -28.46 27.30 18.41
N ASN D 201 -27.20 27.72 18.41
CA ASN D 201 -26.62 28.36 17.24
C ASN D 201 -25.12 28.42 17.35
N THR D 202 -24.48 27.25 17.50
CA THR D 202 -23.05 27.15 17.74
C THR D 202 -22.37 26.58 16.50
N ILE D 203 -21.87 27.46 15.63
CA ILE D 203 -21.07 27.03 14.48
C ILE D 203 -19.71 26.61 15.01
N ILE D 204 -19.51 25.29 15.16
CA ILE D 204 -18.29 24.73 15.75
C ILE D 204 -17.10 25.03 14.85
N ASP D 205 -17.06 24.42 13.67
CA ASP D 205 -15.96 24.65 12.75
C ASP D 205 -16.42 24.41 11.32
N VAL D 206 -15.64 24.96 10.39
CA VAL D 206 -15.83 24.74 8.96
C VAL D 206 -14.49 24.40 8.35
N GLN D 207 -14.55 23.76 7.18
CA GLN D 207 -13.34 23.31 6.50
C GLN D 207 -13.64 23.13 5.02
N ILE D 208 -12.75 23.66 4.18
CA ILE D 208 -12.82 23.49 2.74
C ILE D 208 -11.88 22.35 2.36
N SER D 209 -12.36 21.46 1.49
CA SER D 209 -11.61 20.27 1.09
C SER D 209 -11.37 20.32 -0.41
N THR D 210 -10.12 20.41 -0.82
CA THR D 210 -8.97 20.49 0.10
C THR D 210 -8.46 21.93 0.17
N PRO D 211 -7.81 22.30 1.28
CA PRO D 211 -7.29 23.68 1.42
C PRO D 211 -6.12 24.00 0.52
N ARG D 212 -5.66 23.06 -0.31
CA ARG D 212 -4.52 23.29 -1.17
C ARG D 212 -4.86 24.29 -2.27
N PRO D 213 -3.88 25.07 -2.73
CA PRO D 213 -4.11 25.93 -3.90
C PRO D 213 -4.44 25.11 -5.12
N VAL D 214 -5.74 24.96 -5.39
CA VAL D 214 -6.18 24.05 -6.45
C VAL D 214 -5.70 24.57 -7.80
N LYS D 215 -5.24 23.65 -8.64
CA LYS D 215 -4.89 23.94 -10.01
C LYS D 215 -5.86 23.23 -10.93
N LEU D 216 -6.20 23.86 -12.05
CA LEU D 216 -7.09 23.26 -13.04
C LEU D 216 -6.71 23.75 -14.43
N LEU D 217 -7.37 23.16 -15.43
CA LEU D 217 -7.11 23.46 -16.82
C LEU D 217 -8.06 24.54 -17.32
N ARG D 218 -7.60 25.30 -18.32
CA ARG D 218 -8.45 26.27 -18.99
C ARG D 218 -9.56 25.56 -19.75
N GLY D 219 -10.67 25.27 -19.07
CA GLY D 219 -11.78 24.58 -19.69
C GLY D 219 -12.26 23.39 -18.90
N HIS D 220 -11.64 23.14 -17.76
CA HIS D 220 -12.03 22.05 -16.88
C HIS D 220 -13.23 22.45 -16.03
N THR D 221 -13.60 21.60 -15.09
CA THR D 221 -14.74 21.85 -14.20
C THR D 221 -14.23 21.93 -12.77
N LEU D 222 -14.57 23.02 -12.09
CA LEU D 222 -14.19 23.23 -10.71
C LEU D 222 -15.28 22.74 -9.78
N VAL D 223 -14.88 22.00 -8.74
CA VAL D 223 -15.79 21.46 -7.74
C VAL D 223 -15.14 21.65 -6.38
N LEU D 224 -15.79 22.40 -5.50
CA LEU D 224 -15.24 22.74 -4.20
C LEU D 224 -16.19 22.27 -3.11
N ASN D 225 -15.61 21.73 -2.03
CA ASN D 225 -16.38 21.29 -0.88
C ASN D 225 -16.20 22.27 0.27
N CYS D 226 -17.21 22.33 1.12
CA CYS D 226 -17.16 23.14 2.33
C CYS D 226 -18.02 22.44 3.36
N THR D 227 -17.42 22.01 4.45
CA THR D 227 -18.12 21.24 5.47
C THR D 227 -18.31 22.10 6.71
N ALA D 228 -19.52 22.10 7.25
CA ALA D 228 -19.86 22.85 8.44
C ALA D 228 -20.36 21.89 9.52
N THR D 229 -19.91 22.11 10.76
CA THR D 229 -20.24 21.26 11.88
C THR D 229 -20.99 22.07 12.93
N THR D 230 -22.20 21.64 13.26
CA THR D 230 -23.03 22.26 14.29
C THR D 230 -23.66 21.17 15.14
N PRO D 231 -24.00 21.47 16.41
CA PRO D 231 -24.71 20.48 17.22
C PRO D 231 -26.16 20.32 16.79
N LEU D 232 -26.98 19.72 17.63
CA LEU D 232 -28.36 19.50 17.25
C LEU D 232 -29.17 20.79 17.38
N ASN D 233 -30.27 20.85 16.64
CA ASN D 233 -31.23 21.95 16.72
C ASN D 233 -30.58 23.28 16.33
N THR D 234 -30.02 23.31 15.13
CA THR D 234 -29.41 24.53 14.62
C THR D 234 -29.14 24.35 13.14
N ARG D 235 -29.21 25.46 12.41
CA ARG D 235 -28.93 25.48 10.98
C ARG D 235 -27.82 26.49 10.69
N VAL D 236 -27.38 26.50 9.42
CA VAL D 236 -26.36 27.42 8.95
C VAL D 236 -26.77 27.94 7.57
N GLN D 237 -26.04 28.93 7.10
CA GLN D 237 -26.27 29.52 5.78
C GLN D 237 -24.90 29.70 5.14
N MET D 238 -24.61 28.88 4.13
CA MET D 238 -23.28 28.84 3.53
C MET D 238 -23.31 29.53 2.17
N THR D 239 -22.23 30.23 1.86
CA THR D 239 -22.13 30.92 0.59
C THR D 239 -20.67 30.92 0.12
N TRP D 240 -20.49 31.20 -1.16
CA TRP D 240 -19.17 31.25 -1.77
C TRP D 240 -18.90 32.65 -2.29
N SER D 241 -17.69 33.13 -2.06
CA SER D 241 -17.26 34.47 -2.49
C SER D 241 -16.17 34.31 -3.55
N TYR D 242 -16.57 34.44 -4.83
CA TYR D 242 -15.69 34.37 -5.98
C TYR D 242 -15.51 35.75 -6.63
N PRO D 243 -14.38 36.00 -7.28
CA PRO D 243 -14.13 37.36 -7.76
C PRO D 243 -14.95 37.75 -8.99
N ASP D 244 -15.29 36.80 -9.85
CA ASP D 244 -15.98 37.12 -11.11
C ASP D 244 -17.47 37.30 -10.86
N GLU D 245 -18.25 37.41 -11.93
CA GLU D 245 -19.68 37.56 -11.85
C GLU D 245 -20.33 36.17 -11.93
N LYS D 246 -21.66 36.14 -12.10
CA LYS D 246 -22.43 34.90 -12.07
C LYS D 246 -21.94 33.87 -13.08
N ASN D 247 -21.31 32.80 -12.60
CA ASN D 247 -20.76 31.77 -13.47
C ASN D 247 -21.72 30.61 -13.64
N LYS D 248 -21.68 29.65 -12.72
CA LYS D 248 -22.51 28.45 -12.80
C LYS D 248 -23.16 28.18 -11.45
N ARG D 249 -23.59 26.94 -11.25
CA ARG D 249 -24.46 26.58 -10.13
C ARG D 249 -23.65 26.33 -8.87
N ALA D 250 -24.35 25.89 -7.82
CA ALA D 250 -23.76 25.58 -6.52
C ALA D 250 -24.79 24.94 -5.61
N SER D 251 -24.76 23.62 -5.50
CA SER D 251 -25.76 22.89 -4.73
C SER D 251 -25.37 22.83 -3.26
N VAL D 252 -26.37 22.53 -2.42
CA VAL D 252 -26.19 22.39 -0.98
C VAL D 252 -27.08 21.25 -0.48
N ARG D 253 -26.75 20.73 0.70
CA ARG D 253 -27.48 19.62 1.32
C ARG D 253 -27.03 19.51 2.77
N ARG D 254 -27.80 18.72 3.55
CA ARG D 254 -27.55 18.54 4.97
C ARG D 254 -27.56 17.05 5.32
N ARG D 255 -26.67 16.66 6.25
CA ARG D 255 -26.55 15.28 6.68
C ARG D 255 -26.44 15.22 8.20
N ILE D 256 -27.09 14.23 8.82
CA ILE D 256 -27.05 14.05 10.26
C ILE D 256 -26.28 12.78 10.58
N ASP D 257 -25.46 12.82 11.64
CA ASP D 257 -24.73 11.64 12.04
C ASP D 257 -25.65 10.57 12.61
N GLN D 258 -26.75 10.99 13.23
CA GLN D 258 -27.70 10.03 13.78
C GLN D 258 -28.74 9.61 12.73
N SER D 261 -25.50 9.51 18.64
CA SER D 261 -24.92 10.67 19.32
C SER D 261 -25.71 11.93 18.99
N HIS D 262 -24.98 13.01 18.69
CA HIS D 262 -25.64 14.30 18.42
C HIS D 262 -24.67 15.17 17.63
N ALA D 263 -24.95 15.37 16.35
CA ALA D 263 -24.12 16.20 15.50
C ALA D 263 -24.81 16.42 14.16
N ASN D 264 -24.55 17.58 13.57
CA ASN D 264 -25.06 17.96 12.26
C ASN D 264 -23.90 18.36 11.37
N ILE D 265 -24.01 18.00 10.09
CA ILE D 265 -22.99 18.32 9.10
C ILE D 265 -23.69 18.91 7.88
N PHE D 266 -23.20 20.05 7.40
CA PHE D 266 -23.80 20.73 6.27
C PHE D 266 -22.79 20.76 5.12
N TYR D 267 -23.27 20.56 3.89
CA TYR D 267 -22.39 20.48 2.73
C TYR D 267 -22.71 21.60 1.74
N SER D 268 -21.66 22.15 1.14
CA SER D 268 -21.77 23.21 0.14
C SER D 268 -20.87 22.86 -1.03
N VAL D 269 -21.45 22.62 -2.19
CA VAL D 269 -20.71 22.15 -3.37
C VAL D 269 -20.79 23.23 -4.43
N LEU D 270 -19.73 24.00 -4.59
CA LEU D 270 -19.65 24.97 -5.67
C LEU D 270 -19.17 24.28 -6.95
N THR D 271 -19.75 24.66 -8.07
CA THR D 271 -19.46 24.02 -9.35
C THR D 271 -19.43 25.05 -10.46
N ILE D 272 -18.36 25.07 -11.23
CA ILE D 272 -18.22 25.94 -12.40
C ILE D 272 -17.79 25.06 -13.56
N ASP D 273 -18.70 24.80 -14.50
CA ASP D 273 -18.40 23.87 -15.58
C ASP D 273 -17.41 24.48 -16.58
N LYS D 274 -17.51 25.77 -16.84
CA LYS D 274 -16.64 26.45 -17.80
C LYS D 274 -15.64 27.31 -17.02
N MET D 275 -14.40 26.84 -16.96
CA MET D 275 -13.33 27.53 -16.25
C MET D 275 -12.49 28.35 -17.23
N GLN D 276 -12.23 29.61 -16.87
CA GLN D 276 -11.46 30.52 -17.71
C GLN D 276 -10.34 31.14 -16.88
N ASN D 277 -9.58 32.04 -17.52
CA ASN D 277 -8.47 32.69 -16.83
C ASN D 277 -8.95 33.73 -15.81
N LYS D 278 -10.11 34.33 -16.06
CA LYS D 278 -10.64 35.33 -15.14
C LYS D 278 -11.13 34.69 -13.84
N ASP D 279 -11.53 33.42 -13.89
CA ASP D 279 -12.01 32.73 -12.71
C ASP D 279 -10.92 32.53 -11.65
N LYS D 280 -9.65 32.73 -12.00
CA LYS D 280 -8.57 32.59 -11.06
C LYS D 280 -8.65 33.68 -9.99
N GLY D 281 -8.63 33.27 -8.73
CA GLY D 281 -8.73 34.23 -7.64
C GLY D 281 -8.92 33.54 -6.31
N LEU D 282 -9.66 34.20 -5.43
CA LEU D 282 -9.92 33.71 -4.09
C LEU D 282 -11.37 33.26 -3.96
N TYR D 283 -11.58 32.17 -3.22
CA TYR D 283 -12.90 31.61 -2.98
C TYR D 283 -13.06 31.40 -1.49
N THR D 284 -14.06 32.05 -0.91
CA THR D 284 -14.28 32.03 0.54
C THR D 284 -15.66 31.46 0.84
N CYS D 285 -15.69 30.40 1.64
CA CYS D 285 -16.94 29.83 2.12
C CYS D 285 -17.31 30.52 3.42
N ARG D 286 -18.42 31.24 3.42
CA ARG D 286 -18.85 32.08 4.54
C ARG D 286 -20.11 31.47 5.15
N VAL D 287 -19.94 30.81 6.28
CA VAL D 287 -21.04 30.16 7.00
C VAL D 287 -21.55 31.11 8.06
N ARG D 288 -22.80 31.53 7.92
CA ARG D 288 -23.43 32.48 8.84
C ARG D 288 -24.61 31.81 9.52
N SER D 289 -24.88 32.22 10.78
CA SER D 289 -26.08 31.73 11.44
C SER D 289 -26.68 32.75 12.40
N GLY D 290 -26.36 34.03 12.27
CA GLY D 290 -26.78 35.03 13.22
C GLY D 290 -25.62 35.51 14.06
N PRO D 291 -25.60 35.13 15.35
CA PRO D 291 -24.52 35.54 16.25
C PRO D 291 -23.16 35.00 15.87
N SER D 292 -23.11 33.69 15.64
CA SER D 292 -21.87 33.01 15.32
C SER D 292 -21.63 33.04 13.81
N PHE D 293 -20.37 33.22 13.44
CA PHE D 293 -19.97 33.30 12.03
C PHE D 293 -18.55 32.77 11.86
N LYS D 294 -18.34 32.05 10.76
CA LYS D 294 -17.03 31.53 10.39
C LYS D 294 -16.83 31.73 8.89
N SER D 295 -15.56 31.82 8.48
CA SER D 295 -15.24 32.03 7.06
C SER D 295 -13.93 31.32 6.76
N VAL D 296 -14.00 30.25 5.96
CA VAL D 296 -12.83 29.53 5.51
C VAL D 296 -12.65 29.80 4.03
N ASN D 297 -11.41 30.07 3.63
CA ASN D 297 -11.12 30.49 2.26
C ASN D 297 -10.00 29.63 1.69
N THR D 298 -9.85 29.72 0.36
CA THR D 298 -8.80 28.99 -0.34
C THR D 298 -8.62 29.61 -1.72
N SER D 299 -7.45 29.36 -2.31
CA SER D 299 -7.08 29.97 -3.59
C SER D 299 -7.16 28.95 -4.71
N VAL D 300 -7.28 29.45 -5.93
CA VAL D 300 -7.38 28.62 -7.13
C VAL D 300 -6.57 29.24 -8.24
N HIS D 301 -5.69 28.44 -8.86
CA HIS D 301 -4.88 28.85 -9.99
C HIS D 301 -5.27 28.03 -11.21
N ILE D 302 -5.04 28.60 -12.40
CA ILE D 302 -5.49 27.99 -13.64
C ILE D 302 -4.62 28.50 -14.80
N TYR D 303 -5.16 28.49 -16.03
CA TYR D 303 -4.55 28.98 -17.26
C TYR D 303 -3.59 27.96 -17.87
N ASP D 304 -2.95 27.15 -17.04
CA ASP D 304 -2.02 26.14 -17.54
C ASP D 304 -2.74 25.12 -18.42
N LYS D 305 -2.00 24.56 -19.37
CA LYS D 305 -2.53 23.62 -20.34
C LYS D 305 -1.91 22.23 -20.23
N ALA D 306 -0.58 22.14 -20.24
CA ALA D 306 0.10 20.86 -20.07
C ALA D 306 1.50 21.20 -19.55
N PHE D 307 1.61 21.28 -18.22
CA PHE D 307 2.78 21.87 -17.58
C PHE D 307 3.82 20.80 -17.26
N ILE D 308 4.98 20.88 -17.90
CA ILE D 308 6.17 20.10 -17.54
C ILE D 308 7.38 21.01 -17.70
N THR D 309 7.97 21.43 -16.59
CA THR D 309 9.15 22.29 -16.61
C THR D 309 10.11 21.80 -15.53
N VAL D 310 11.29 21.33 -15.94
CA VAL D 310 12.24 20.68 -15.06
C VAL D 310 13.59 21.39 -15.18
N LYS D 311 14.10 21.87 -14.05
CA LYS D 311 15.45 22.40 -13.93
C LYS D 311 16.14 21.69 -12.76
N HIS D 312 17.39 22.05 -12.49
CA HIS D 312 18.13 21.41 -11.42
C HIS D 312 18.83 22.43 -10.52
N ARG D 313 20.00 22.05 -10.00
CA ARG D 313 20.77 22.91 -9.11
C ARG D 313 22.10 23.30 -9.73
N LYS D 314 22.99 22.34 -10.00
CA LYS D 314 24.30 22.59 -10.60
C LYS D 314 24.58 21.69 -11.79
N GLN D 315 23.54 21.07 -12.36
CA GLN D 315 23.66 20.30 -13.59
C GLN D 315 24.38 21.11 -14.66
N GLN D 316 25.31 20.48 -15.37
CA GLN D 316 25.62 19.06 -15.23
C GLN D 316 27.09 18.80 -14.90
N VAL D 317 27.62 19.54 -13.93
CA VAL D 317 29.01 19.34 -13.52
C VAL D 317 29.03 18.65 -12.17
N LEU D 318 28.20 17.61 -12.01
CA LEU D 318 28.16 16.85 -10.77
C LEU D 318 29.43 16.01 -10.64
N GLU D 319 30.23 16.30 -9.60
CA GLU D 319 31.53 15.69 -9.41
C GLU D 319 31.62 15.18 -7.97
N THR D 320 31.04 14.00 -7.74
CA THR D 320 31.18 13.32 -6.45
C THR D 320 32.53 12.58 -6.40
N VAL D 321 32.77 11.88 -5.30
CA VAL D 321 34.00 11.10 -5.13
C VAL D 321 33.60 9.66 -4.78
N ALA D 322 34.38 8.70 -5.26
CA ALA D 322 34.10 7.30 -4.99
C ALA D 322 34.22 7.01 -3.50
N GLY D 323 33.60 5.91 -3.08
CA GLY D 323 33.52 5.58 -1.67
C GLY D 323 32.50 6.39 -0.90
N LYS D 324 31.81 7.33 -1.56
CA LYS D 324 30.81 8.14 -0.88
C LYS D 324 29.60 7.29 -0.53
N ARG D 325 29.16 7.38 0.73
CA ARG D 325 28.01 6.64 1.20
C ARG D 325 26.79 7.57 1.16
N SER D 326 25.76 7.15 0.44
CA SER D 326 24.50 7.89 0.30
C SER D 326 24.74 9.28 -0.30
N TYR D 327 24.96 9.28 -1.61
CA TYR D 327 24.98 10.50 -2.39
C TYR D 327 23.62 10.70 -3.04
N ARG D 328 23.25 11.97 -3.20
CA ARG D 328 21.87 12.33 -3.54
C ARG D 328 21.87 13.42 -4.60
N LEU D 329 21.42 13.06 -5.80
CA LEU D 329 21.09 14.05 -6.80
C LEU D 329 19.64 14.46 -6.68
N SER D 330 19.27 15.54 -7.36
CA SER D 330 17.88 15.98 -7.38
C SER D 330 17.74 17.00 -8.49
N MET D 331 16.49 17.40 -8.74
CA MET D 331 16.18 18.45 -9.70
C MET D 331 14.75 18.91 -9.49
N LYS D 332 14.53 20.21 -9.58
CA LYS D 332 13.20 20.78 -9.36
C LYS D 332 12.29 20.47 -10.54
N VAL D 333 11.06 20.06 -10.22
CA VAL D 333 10.07 19.68 -11.23
C VAL D 333 8.82 20.53 -11.01
N LYS D 334 8.56 21.46 -11.93
CA LYS D 334 7.32 22.22 -11.94
C LYS D 334 6.44 21.60 -13.01
N ALA D 335 5.44 20.83 -12.59
CA ALA D 335 4.62 20.06 -13.53
C ALA D 335 3.18 20.01 -13.04
N PHE D 336 2.26 19.88 -14.00
CA PHE D 336 0.83 19.74 -13.76
C PHE D 336 0.16 19.05 -14.95
N PRO D 337 -0.53 17.91 -14.73
CA PRO D 337 -0.75 17.27 -13.43
C PRO D 337 0.42 16.42 -12.93
N SER D 338 0.11 15.38 -12.18
CA SER D 338 1.14 14.50 -11.61
C SER D 338 1.82 13.71 -12.73
N PRO D 339 3.14 13.79 -12.86
CA PRO D 339 3.84 13.01 -13.88
C PRO D 339 4.30 11.66 -13.37
N GLU D 340 4.52 10.75 -14.31
CA GLU D 340 5.14 9.46 -14.04
C GLU D 340 6.62 9.58 -14.39
N VAL D 341 7.48 9.49 -13.39
CA VAL D 341 8.90 9.77 -13.54
C VAL D 341 9.68 8.46 -13.56
N VAL D 342 10.57 8.34 -14.53
CA VAL D 342 11.46 7.20 -14.66
C VAL D 342 12.88 7.72 -14.86
N TRP D 343 13.83 7.12 -14.17
CA TRP D 343 15.23 7.54 -14.19
C TRP D 343 16.07 6.63 -15.07
N LEU D 344 17.10 7.21 -15.67
CA LEU D 344 17.92 6.53 -16.67
C LEU D 344 19.38 6.85 -16.42
N LYS D 345 20.27 5.98 -16.93
CA LYS D 345 21.71 6.16 -16.78
C LYS D 345 22.42 5.67 -18.03
N ASP D 346 23.23 6.55 -18.64
CA ASP D 346 23.93 6.26 -19.90
C ASP D 346 22.94 5.73 -20.94
N GLY D 347 22.08 6.65 -21.38
CA GLY D 347 20.76 6.22 -21.81
C GLY D 347 20.01 5.70 -20.59
N LEU D 348 19.38 4.54 -20.73
CA LEU D 348 19.18 3.85 -21.99
C LEU D 348 17.80 3.16 -21.92
N PRO D 349 17.53 2.30 -20.89
CA PRO D 349 16.13 2.12 -20.47
C PRO D 349 15.66 2.96 -19.27
N ALA D 350 16.30 2.97 -18.08
CA ALA D 350 17.49 2.21 -17.69
C ALA D 350 17.17 0.80 -17.11
N THR D 351 16.24 0.65 -16.16
CA THR D 351 15.58 1.70 -15.39
C THR D 351 16.22 1.73 -14.01
N GLU D 352 15.99 0.66 -13.27
CA GLU D 352 16.75 0.40 -12.06
C GLU D 352 17.62 -0.83 -12.33
N LYS D 353 18.47 -0.73 -13.35
CA LYS D 353 19.23 -1.89 -13.80
C LYS D 353 20.23 -2.35 -12.73
N SER D 354 20.89 -1.40 -12.07
CA SER D 354 21.90 -1.72 -11.07
C SER D 354 21.30 -2.15 -9.73
N ALA D 355 20.02 -2.50 -9.70
CA ALA D 355 19.33 -2.97 -8.51
C ALA D 355 19.31 -1.92 -7.41
N ARG D 356 20.48 -1.43 -6.99
CA ARG D 356 20.56 -0.37 -6.01
C ARG D 356 20.13 0.96 -6.62
N TYR D 357 20.50 2.06 -5.98
CA TYR D 357 20.05 3.39 -6.37
C TYR D 357 18.54 3.50 -6.22
N LEU D 358 18.08 4.01 -5.09
CA LEU D 358 16.64 4.12 -4.90
C LEU D 358 16.11 5.35 -5.63
N THR D 359 14.78 5.50 -5.63
CA THR D 359 14.14 6.63 -6.29
C THR D 359 13.26 7.42 -5.32
N ARG D 360 12.05 7.75 -5.76
CA ARG D 360 11.08 8.52 -5.00
C ARG D 360 11.55 9.95 -4.72
N GLY D 361 10.60 10.87 -4.62
CA GLY D 361 10.92 12.25 -4.32
C GLY D 361 11.58 13.02 -5.43
N TYR D 362 11.41 12.58 -6.68
CA TYR D 362 12.01 13.24 -7.84
C TYR D 362 13.52 13.40 -7.68
N SER D 363 14.11 12.50 -6.90
CA SER D 363 15.51 12.54 -6.56
C SER D 363 16.19 11.30 -7.13
N LEU D 364 17.52 11.33 -7.11
CA LEU D 364 18.34 10.22 -7.58
C LEU D 364 19.41 9.97 -6.53
N ILE D 365 19.17 8.96 -5.68
CA ILE D 365 20.04 8.69 -4.55
C ILE D 365 20.87 7.45 -4.86
N ILE D 366 22.20 7.63 -4.88
CA ILE D 366 23.13 6.53 -5.02
C ILE D 366 23.54 6.09 -3.61
N LYS D 367 23.54 4.79 -3.36
CA LYS D 367 23.93 4.32 -2.02
C LYS D 367 25.44 4.40 -1.84
N ASP D 368 26.17 3.51 -2.49
CA ASP D 368 27.64 3.49 -2.45
C ASP D 368 28.17 3.81 -3.84
N VAL D 369 28.93 4.88 -3.94
CA VAL D 369 29.40 5.37 -5.23
C VAL D 369 30.70 4.66 -5.60
N THR D 370 30.79 4.21 -6.85
CA THR D 370 32.02 3.68 -7.42
C THR D 370 32.29 4.36 -8.75
N GLU D 371 33.52 4.21 -9.25
CA GLU D 371 33.92 4.88 -10.48
C GLU D 371 33.17 4.36 -11.70
N GLU D 372 32.48 3.23 -11.58
CA GLU D 372 31.64 2.73 -12.65
C GLU D 372 30.29 3.43 -12.69
N ASP D 373 30.03 4.39 -11.79
CA ASP D 373 28.73 5.03 -11.73
C ASP D 373 28.64 6.29 -12.57
N ALA D 374 29.76 6.76 -13.11
CA ALA D 374 29.75 7.99 -13.89
C ALA D 374 28.87 7.85 -15.11
N GLY D 375 28.46 8.98 -15.65
CA GLY D 375 27.62 8.96 -16.83
C GLY D 375 26.61 10.09 -16.79
N ASN D 376 26.04 10.34 -17.96
CA ASN D 376 25.02 11.38 -18.12
C ASN D 376 23.67 10.76 -17.76
N TYR D 377 23.30 10.92 -16.49
CA TYR D 377 22.01 10.43 -15.99
C TYR D 377 20.88 11.22 -16.62
N THR D 378 20.06 10.55 -17.42
CA THR D 378 18.88 11.13 -18.04
C THR D 378 17.65 10.75 -17.22
N ILE D 379 16.63 11.60 -17.28
CA ILE D 379 15.38 11.37 -16.56
C ILE D 379 14.22 11.69 -17.49
N LEU D 380 13.25 10.78 -17.55
CA LEU D 380 12.09 10.93 -18.43
C LEU D 380 10.85 11.15 -17.57
N LEU D 381 10.21 12.30 -17.74
CA LEU D 381 8.99 12.66 -17.01
C LEU D 381 7.80 12.57 -17.96
N SER D 382 6.89 11.65 -17.66
CA SER D 382 5.81 11.30 -18.57
C SER D 382 4.48 11.69 -17.94
N ILE D 383 3.81 12.67 -18.53
CA ILE D 383 2.43 13.01 -18.19
C ILE D 383 1.56 12.45 -19.31
N LYS D 384 0.86 11.36 -19.01
CA LYS D 384 0.00 10.72 -20.00
C LYS D 384 -1.29 11.52 -20.16
N GLN D 385 -2.28 10.92 -20.81
CA GLN D 385 -3.58 11.52 -21.10
C GLN D 385 -3.49 12.76 -21.99
N SER D 386 -2.29 13.07 -22.51
CA SER D 386 -2.10 14.22 -23.38
C SER D 386 -0.86 14.05 -24.22
N ASN D 387 -0.13 12.95 -23.99
CA ASN D 387 1.09 12.63 -24.73
C ASN D 387 2.09 13.79 -24.65
N VAL D 388 2.48 14.12 -23.43
CA VAL D 388 3.44 15.20 -23.16
C VAL D 388 4.55 14.63 -22.30
N PHE D 389 5.71 14.39 -22.90
CA PHE D 389 6.89 13.89 -22.19
C PHE D 389 8.00 14.93 -22.25
N LYS D 390 8.92 14.86 -21.29
CA LYS D 390 10.11 15.71 -21.28
C LYS D 390 11.27 14.96 -20.65
N ASN D 391 12.37 14.86 -21.37
CA ASN D 391 13.61 14.26 -20.89
C ASN D 391 14.57 15.34 -20.40
N LEU D 392 15.60 14.90 -19.67
CA LEU D 392 16.59 15.85 -19.18
C LEU D 392 17.88 15.11 -18.86
N THR D 393 19.01 15.67 -19.29
CA THR D 393 20.32 15.04 -19.16
C THR D 393 21.12 15.74 -18.06
N ALA D 394 21.73 14.94 -17.18
CA ALA D 394 22.60 15.47 -16.13
C ALA D 394 23.79 14.54 -15.97
N THR D 395 24.99 15.09 -16.05
CA THR D 395 26.23 14.30 -16.11
C THR D 395 26.87 14.17 -14.74
N LEU D 396 27.29 12.95 -14.41
CA LEU D 396 27.93 12.63 -13.16
C LEU D 396 29.34 12.13 -13.43
N ILE D 397 30.33 12.71 -12.73
CA ILE D 397 31.71 12.28 -12.77
C ILE D 397 32.11 11.91 -11.36
N VAL D 398 32.75 10.74 -11.20
CA VAL D 398 33.12 10.22 -9.90
C VAL D 398 34.65 10.25 -9.77
N ASN D 399 35.14 10.90 -8.71
CA ASN D 399 36.56 10.94 -8.39
C ASN D 399 36.97 9.68 -7.64
N VAL D 400 38.19 9.22 -7.87
CA VAL D 400 38.51 7.84 -7.48
C VAL D 400 39.46 7.85 -6.29
N LYS D 401 40.26 8.93 -6.22
CA LYS D 401 41.33 9.13 -5.24
C LYS D 401 42.50 8.24 -5.62
N PRO D 402 43.72 8.65 -5.32
CA PRO D 402 44.89 7.89 -5.78
C PRO D 402 45.12 6.62 -4.95
N GLN D 403 45.87 5.71 -5.54
CA GLN D 403 46.21 4.44 -4.90
C GLN D 403 47.45 3.87 -5.57
N ILE D 404 48.51 3.64 -4.79
CA ILE D 404 49.75 3.08 -5.29
C ILE D 404 49.65 1.56 -5.31
N TYR D 405 49.87 0.96 -6.48
CA TYR D 405 49.73 -0.48 -6.64
C TYR D 405 50.93 -1.27 -6.12
N GLU D 406 52.13 -0.66 -6.09
CA GLU D 406 53.31 -1.30 -5.53
C GLU D 406 53.14 -1.62 -4.06
N LYS D 407 52.19 -0.99 -3.39
CA LYS D 407 51.93 -1.29 -1.98
C LYS D 407 51.12 -2.57 -1.83
N ALA D 408 50.26 -2.88 -2.81
CA ALA D 408 49.43 -4.08 -2.74
C ALA D 408 50.27 -5.34 -2.87
N VAL D 409 51.31 -5.32 -3.70
CA VAL D 409 52.17 -6.47 -3.86
C VAL D 409 53.05 -6.63 -2.63
N SER D 410 53.16 -7.88 -2.16
CA SER D 410 53.99 -8.21 -1.00
C SER D 410 55.37 -8.59 -1.49
N SER D 411 56.23 -7.59 -1.64
CA SER D 411 57.60 -7.80 -2.08
C SER D 411 58.37 -8.48 -0.95
N PHE D 412 58.57 -9.80 -1.08
CA PHE D 412 59.41 -10.51 -0.12
C PHE D 412 60.85 -10.05 -0.12
N PRO D 413 61.54 -9.91 -1.27
CA PRO D 413 62.92 -9.44 -1.23
C PRO D 413 63.06 -7.96 -1.49
N ASP D 414 63.28 -7.14 -0.46
CA ASP D 414 63.44 -7.55 0.92
C ASP D 414 63.19 -6.30 1.75
N PRO D 415 63.68 -6.26 2.98
CA PRO D 415 64.26 -5.00 3.45
C PRO D 415 65.34 -4.63 2.44
N ALA D 416 64.92 -3.99 1.35
CA ALA D 416 65.68 -4.00 0.11
C ALA D 416 67.04 -3.30 0.24
N LEU D 417 68.11 -4.04 -0.03
CA LEU D 417 69.46 -3.47 -0.08
C LEU D 417 70.04 -3.62 -1.48
N TYR D 418 70.99 -2.76 -1.80
CA TYR D 418 71.51 -2.71 -3.15
C TYR D 418 73.03 -2.66 -3.13
N PRO D 419 73.69 -3.21 -4.14
CA PRO D 419 75.15 -3.19 -4.18
C PRO D 419 75.67 -1.78 -4.38
N LEU D 420 76.78 -1.48 -3.70
CA LEU D 420 77.37 -0.14 -3.77
C LEU D 420 77.69 0.23 -5.21
N GLY D 421 77.51 1.51 -5.53
CA GLY D 421 77.89 2.02 -6.83
C GLY D 421 77.10 1.43 -7.98
N SER D 422 75.82 1.17 -7.77
CA SER D 422 74.99 0.52 -8.76
C SER D 422 73.84 1.42 -9.18
N ARG D 423 73.53 1.41 -10.47
CA ARG D 423 72.34 2.08 -10.96
C ARG D 423 71.11 1.29 -10.54
N GLN D 424 70.23 1.94 -9.78
CA GLN D 424 68.98 1.34 -9.33
C GLN D 424 67.80 2.11 -9.90
N ILE D 425 66.73 1.40 -10.23
CA ILE D 425 65.52 2.01 -10.74
C ILE D 425 64.38 1.69 -9.79
N LEU D 426 63.63 2.72 -9.40
CA LEU D 426 62.52 2.61 -8.46
C LEU D 426 61.27 3.12 -9.15
N THR D 427 60.18 2.35 -9.04
CA THR D 427 58.96 2.66 -9.77
C THR D 427 57.78 2.75 -8.80
N CYS D 428 56.89 3.72 -9.04
CA CYS D 428 55.62 3.81 -8.33
C CYS D 428 54.52 3.99 -9.35
N THR D 429 53.51 3.13 -9.31
CA THR D 429 52.35 3.19 -10.19
C THR D 429 51.10 3.50 -9.38
N ALA D 430 50.40 4.57 -9.77
CA ALA D 430 49.19 5.01 -9.08
C ALA D 430 48.17 5.48 -10.10
N TYR D 431 46.90 5.46 -9.70
CA TYR D 431 45.80 5.91 -10.54
C TYR D 431 44.70 6.49 -9.67
N GLY D 432 44.01 7.49 -10.22
CA GLY D 432 42.89 8.10 -9.54
C GLY D 432 42.33 9.19 -10.42
N ILE D 433 41.15 9.68 -10.02
CA ILE D 433 40.50 10.79 -10.68
C ILE D 433 40.43 11.95 -9.69
N PRO D 434 40.94 13.13 -10.03
CA PRO D 434 41.66 13.42 -11.29
C PRO D 434 43.02 12.74 -11.32
N GLN D 435 43.73 12.83 -12.45
CA GLN D 435 45.02 12.19 -12.64
C GLN D 435 46.01 12.60 -11.57
N PRO D 436 46.40 11.69 -10.68
CA PRO D 436 47.22 12.07 -9.52
C PRO D 436 48.60 12.56 -9.89
N THR D 437 49.38 13.00 -8.91
CA THR D 437 50.72 13.51 -9.13
C THR D 437 51.68 12.79 -8.19
N ILE D 438 52.83 12.39 -8.72
CA ILE D 438 53.84 11.65 -7.96
C ILE D 438 55.03 12.55 -7.69
N LYS D 439 55.69 12.29 -6.56
CA LYS D 439 56.87 13.06 -6.19
C LYS D 439 57.70 12.25 -5.21
N TRP D 440 59.01 12.37 -5.31
CA TRP D 440 59.95 11.59 -4.51
C TRP D 440 60.69 12.49 -3.52
N PHE D 441 61.00 11.94 -2.36
CA PHE D 441 61.68 12.71 -1.31
C PHE D 441 62.94 11.95 -0.90
N TRP D 442 63.43 12.20 0.32
CA TRP D 442 64.63 11.55 0.79
C TRP D 442 64.63 11.57 2.33
N HIS D 443 65.37 10.61 2.91
CA HIS D 443 65.54 10.52 4.36
C HIS D 443 66.68 9.56 4.68
N PRO D 444 67.81 10.04 5.26
CA PRO D 444 68.87 9.12 5.72
C PRO D 444 68.52 8.44 7.04
N CYS D 445 69.51 7.89 7.75
CA CYS D 445 69.21 7.24 9.03
C CYS D 445 70.17 7.71 10.12
N ASN D 446 71.48 7.54 9.89
CA ASN D 446 72.55 8.04 10.77
C ASN D 446 72.52 7.40 12.16
N HIS D 447 73.44 6.46 12.39
CA HIS D 447 73.62 5.84 13.71
C HIS D 447 72.33 5.21 14.24
N GLU D 461 59.13 18.05 7.25
CA GLU D 461 60.59 18.13 7.09
C GLU D 461 61.04 17.31 5.89
N GLU D 462 60.68 17.75 4.69
CA GLU D 462 61.06 17.04 3.47
C GLU D 462 61.28 18.05 2.36
N SER D 463 61.95 17.59 1.29
CA SER D 463 62.30 18.44 0.16
C SER D 463 62.11 17.66 -1.13
N PHE D 464 61.79 18.39 -2.20
CA PHE D 464 61.59 17.79 -3.50
C PHE D 464 62.93 17.48 -4.17
N ILE D 465 62.91 16.51 -5.09
CA ILE D 465 64.10 16.08 -5.79
C ILE D 465 63.83 16.13 -7.29
N LEU D 466 64.82 16.60 -8.05
CA LEU D 466 64.74 16.64 -9.51
C LEU D 466 66.07 16.23 -10.13
N ASP D 467 66.37 16.77 -11.32
CA ASP D 467 67.53 16.34 -12.10
C ASP D 467 68.78 17.14 -11.76
N ALA D 468 68.96 17.52 -10.50
CA ALA D 468 70.16 18.20 -10.05
C ALA D 468 70.20 18.19 -8.54
N ASP D 469 69.14 17.67 -7.94
CA ASP D 469 68.91 17.71 -6.50
C ASP D 469 69.33 16.40 -5.85
N SER D 470 69.64 16.43 -4.55
CA SER D 470 69.55 17.62 -3.71
C SER D 470 70.76 17.78 -2.78
N ASN D 471 71.95 17.73 -3.37
CA ASN D 471 73.23 17.80 -2.67
C ASN D 471 73.25 16.91 -1.41
N MET D 472 73.18 15.59 -1.62
CA MET D 472 72.91 14.96 -2.91
C MET D 472 72.03 13.74 -2.67
N GLY D 473 71.98 13.31 -1.41
CA GLY D 473 71.38 12.02 -1.09
C GLY D 473 72.11 10.91 -1.81
N ASN D 474 71.67 10.65 -3.04
CA ASN D 474 72.37 9.74 -3.94
C ASN D 474 72.45 10.40 -5.30
N ARG D 475 73.39 9.94 -6.12
CA ARG D 475 73.57 10.49 -7.46
C ARG D 475 72.32 10.24 -8.29
N ILE D 476 71.39 11.19 -8.28
CA ILE D 476 70.14 11.01 -8.99
C ILE D 476 70.37 11.18 -10.48
N GLU D 477 69.78 10.27 -11.28
CA GLU D 477 69.92 10.32 -12.72
C GLU D 477 68.66 10.90 -13.35
N SER D 478 67.65 10.05 -13.55
CA SER D 478 66.46 10.41 -14.31
C SER D 478 65.22 10.04 -13.51
N ILE D 479 64.31 11.00 -13.36
CA ILE D 479 63.00 10.77 -12.78
C ILE D 479 61.99 11.11 -13.86
N THR D 480 61.35 10.09 -14.42
CA THR D 480 60.40 10.32 -15.50
C THR D 480 59.19 9.43 -15.31
N GLN D 481 58.01 10.00 -15.57
CA GLN D 481 56.75 9.28 -15.50
C GLN D 481 56.17 9.11 -16.90
N ARG D 482 55.27 8.13 -17.03
CA ARG D 482 54.70 7.78 -18.32
C ARG D 482 53.28 7.27 -18.13
N MET D 483 52.50 7.35 -19.21
CA MET D 483 51.08 7.00 -19.19
C MET D 483 50.91 5.62 -19.83
N ALA D 484 50.80 4.60 -18.99
CA ALA D 484 50.64 3.22 -19.42
C ALA D 484 49.23 2.74 -19.10
N ILE D 485 48.61 2.04 -20.04
CA ILE D 485 47.26 1.55 -19.90
C ILE D 485 47.34 0.09 -19.48
N ILE D 486 47.22 -0.17 -18.18
CA ILE D 486 47.30 -1.52 -17.64
C ILE D 486 46.08 -1.79 -16.77
N GLU D 487 45.60 -3.04 -16.80
CA GLU D 487 44.45 -3.48 -16.01
C GLU D 487 43.17 -2.70 -16.38
N GLY D 488 43.09 -2.21 -17.61
CA GLY D 488 41.92 -1.49 -18.07
C GLY D 488 41.88 -0.01 -17.74
N LYS D 489 42.58 0.43 -16.70
CA LYS D 489 42.64 1.84 -16.31
C LYS D 489 43.87 2.49 -16.93
N ASN D 490 43.76 3.79 -17.22
CA ASN D 490 44.89 4.55 -17.76
C ASN D 490 45.71 5.08 -16.58
N LYS D 491 46.56 4.20 -16.04
CA LYS D 491 47.35 4.52 -14.86
C LYS D 491 48.56 5.37 -15.23
N MET D 492 49.25 5.86 -14.20
CA MET D 492 50.40 6.72 -14.37
C MET D 492 51.49 6.26 -13.41
N ALA D 493 52.66 5.93 -13.96
CA ALA D 493 53.76 5.36 -13.20
C ALA D 493 55.00 6.23 -13.34
N SER D 494 55.65 6.51 -12.21
CA SER D 494 56.91 7.24 -12.15
C SER D 494 58.05 6.27 -11.87
N THR D 495 59.23 6.59 -12.39
CA THR D 495 60.43 5.77 -12.17
C THR D 495 61.57 6.67 -11.74
N LEU D 496 62.11 6.42 -10.53
CA LEU D 496 63.23 7.16 -9.99
C LEU D 496 64.50 6.31 -10.14
N VAL D 497 65.44 6.80 -10.95
CA VAL D 497 66.62 6.05 -11.37
C VAL D 497 67.84 6.67 -10.70
N VAL D 498 68.45 5.95 -9.77
CA VAL D 498 69.67 6.42 -9.11
C VAL D 498 70.86 6.00 -9.94
N ALA D 499 71.79 6.93 -10.18
CA ALA D 499 72.96 6.62 -10.99
C ALA D 499 74.11 6.05 -10.18
N ASP D 500 74.14 6.26 -8.87
CA ASP D 500 75.30 5.84 -8.07
C ASP D 500 74.87 5.86 -6.61
N SER D 501 74.41 4.71 -6.11
CA SER D 501 73.96 4.60 -4.73
C SER D 501 75.17 4.66 -3.81
N ARG D 502 75.27 5.72 -3.01
CA ARG D 502 76.39 5.91 -2.11
C ARG D 502 76.01 6.06 -0.65
N ILE D 503 74.83 6.61 -0.35
CA ILE D 503 74.39 6.84 1.01
C ILE D 503 73.05 6.14 1.21
N SER D 504 72.85 5.59 2.40
CA SER D 504 71.63 4.87 2.72
C SER D 504 70.50 5.86 3.00
N GLY D 505 69.40 5.74 2.25
CA GLY D 505 68.25 6.59 2.48
C GLY D 505 66.93 5.88 2.31
N ILE D 506 65.83 6.63 2.27
CA ILE D 506 64.51 6.07 2.03
C ILE D 506 63.81 7.01 1.04
N TYR D 507 63.62 6.55 -0.19
CA TYR D 507 62.94 7.35 -1.20
C TYR D 507 61.43 7.15 -1.10
N ILE D 508 60.72 8.22 -0.73
CA ILE D 508 59.27 8.16 -0.56
C ILE D 508 58.61 8.76 -1.79
N CYS D 509 57.75 7.97 -2.43
CA CYS D 509 56.92 8.43 -3.54
C CYS D 509 55.52 8.69 -3.00
N ILE D 510 54.94 9.81 -3.39
CA ILE D 510 53.64 10.24 -2.88
C ILE D 510 52.76 10.58 -4.08
N ALA D 511 51.55 10.02 -4.12
CA ALA D 511 50.56 10.32 -5.14
C ALA D 511 49.36 10.98 -4.48
N SER D 512 48.88 12.08 -5.07
CA SER D 512 47.82 12.85 -4.45
C SER D 512 47.13 13.71 -5.49
N ASN D 513 45.83 13.51 -5.67
CA ASN D 513 45.02 14.42 -6.46
C ASN D 513 44.29 15.37 -5.50
N LYS D 514 43.19 15.98 -5.96
CA LYS D 514 42.49 16.97 -5.17
C LYS D 514 41.49 16.36 -4.20
N VAL D 515 41.34 15.04 -4.17
CA VAL D 515 40.37 14.39 -3.30
C VAL D 515 41.02 13.44 -2.30
N GLY D 516 42.33 13.30 -2.32
CA GLY D 516 43.01 12.40 -1.41
C GLY D 516 44.48 12.20 -1.72
N THR D 517 45.23 11.69 -0.75
CA THR D 517 46.67 11.50 -0.87
C THR D 517 47.06 10.11 -0.38
N VAL D 518 48.12 9.57 -0.98
CA VAL D 518 48.66 8.27 -0.61
C VAL D 518 50.15 8.25 -0.93
N GLY D 519 50.97 7.90 0.06
CA GLY D 519 52.39 7.83 -0.13
C GLY D 519 52.92 6.48 0.29
N ARG D 520 54.07 6.13 -0.29
CA ARG D 520 54.77 4.89 0.00
C ARG D 520 56.25 5.20 0.12
N ASN D 521 56.86 4.81 1.24
CA ASN D 521 58.29 4.98 1.43
C ASN D 521 59.00 3.70 1.01
N ILE D 522 59.93 3.83 0.07
CA ILE D 522 60.71 2.71 -0.46
C ILE D 522 62.02 2.67 0.30
N SER D 523 62.25 1.59 1.04
CA SER D 523 63.49 1.43 1.80
C SER D 523 64.65 1.17 0.84
N PHE D 524 65.67 2.02 0.91
CA PHE D 524 66.80 2.04 -0.04
C PHE D 524 68.09 1.94 0.74
N TYR D 525 68.39 0.75 1.24
CA TYR D 525 69.67 0.51 1.90
C TYR D 525 70.78 0.38 0.87
N ILE D 526 72.01 0.20 1.35
CA ILE D 526 73.18 0.10 0.48
C ILE D 526 74.21 -0.78 1.16
N THR D 527 74.75 -1.72 0.40
CA THR D 527 75.79 -2.62 0.90
C THR D 527 77.10 -2.33 0.19
N ASP D 528 78.19 -2.42 0.95
CA ASP D 528 79.54 -2.29 0.43
C ASP D 528 80.13 -3.64 0.04
N VAL D 529 79.41 -4.72 0.29
CA VAL D 529 79.93 -6.07 0.13
C VAL D 529 78.90 -6.93 -0.57
N PRO D 530 79.35 -7.97 -1.29
CA PRO D 530 78.40 -8.85 -2.01
C PRO D 530 77.19 -9.28 -1.17
N ASN D 531 76.00 -8.91 -1.66
CA ASN D 531 74.70 -9.30 -1.09
C ASN D 531 74.63 -9.10 0.43
N GLY D 532 75.32 -8.09 0.94
CA GLY D 532 75.22 -7.78 2.37
C GLY D 532 76.07 -8.61 3.30
N PHE D 533 76.02 -9.93 3.15
CA PHE D 533 76.80 -10.84 3.98
C PHE D 533 78.05 -11.29 3.23
N HIS D 534 79.18 -11.31 3.93
CA HIS D 534 80.45 -11.69 3.31
C HIS D 534 81.32 -12.43 4.31
N VAL D 535 82.20 -13.27 3.77
CA VAL D 535 83.19 -13.95 4.59
C VAL D 535 84.52 -13.90 3.84
N ASN D 536 85.42 -13.02 4.29
CA ASN D 536 86.72 -12.90 3.64
C ASN D 536 87.59 -14.09 4.02
N LEU D 537 88.02 -14.86 3.02
CA LEU D 537 88.67 -16.15 3.23
C LEU D 537 90.16 -16.02 2.88
N GLU D 538 90.99 -15.94 3.91
CA GLU D 538 92.44 -15.97 3.77
C GLU D 538 92.92 -17.25 4.45
N LYS D 539 93.08 -18.31 3.65
CA LYS D 539 93.34 -19.64 4.19
C LYS D 539 94.77 -19.80 4.65
N MET D 540 95.20 -21.05 4.81
CA MET D 540 96.48 -21.38 5.39
C MET D 540 97.26 -22.31 4.46
N PRO D 541 98.59 -22.12 4.35
CA PRO D 541 99.39 -23.03 3.54
C PRO D 541 99.32 -24.48 4.01
N THR D 542 99.74 -24.74 5.24
CA THR D 542 99.74 -26.11 5.77
C THR D 542 99.61 -26.03 7.29
N GLU D 543 99.93 -27.14 7.96
CA GLU D 543 99.85 -27.20 9.41
C GLU D 543 100.84 -26.23 10.04
N GLY D 544 100.46 -25.68 11.19
CA GLY D 544 101.32 -24.74 11.88
C GLY D 544 101.29 -23.33 11.35
N GLU D 545 100.37 -23.03 10.43
CA GLU D 545 100.22 -21.71 9.88
C GLU D 545 99.13 -20.96 10.65
N ASP D 546 98.73 -19.79 10.14
CA ASP D 546 97.74 -18.94 10.79
C ASP D 546 96.48 -18.85 9.93
N LEU D 547 95.43 -18.31 10.54
CA LEU D 547 94.13 -18.15 9.89
C LEU D 547 93.61 -16.76 10.17
N LYS D 548 93.19 -16.06 9.12
CA LYS D 548 92.62 -14.72 9.23
C LYS D 548 91.26 -14.73 8.53
N LEU D 549 90.20 -14.83 9.32
CA LEU D 549 88.83 -14.78 8.81
C LEU D 549 88.20 -13.43 9.09
N SER D 550 87.35 -12.99 8.17
CA SER D 550 86.69 -11.70 8.28
C SER D 550 85.23 -11.85 7.86
N CYS D 551 84.32 -11.46 8.76
CA CYS D 551 82.89 -11.48 8.52
C CYS D 551 82.40 -10.04 8.35
N THR D 552 81.83 -9.74 7.20
CA THR D 552 81.30 -8.42 6.89
C THR D 552 79.78 -8.46 6.93
N VAL D 553 79.20 -7.68 7.84
CA VAL D 553 77.75 -7.59 8.06
C VAL D 553 77.28 -6.18 7.71
N ASN D 554 76.06 -6.08 7.18
CA ASN D 554 75.56 -4.79 6.71
C ASN D 554 75.16 -3.90 7.90
N LYS D 555 74.96 -2.61 7.59
CA LYS D 555 74.75 -1.53 8.56
C LYS D 555 73.93 -1.96 9.76
N PHE D 556 72.59 -1.96 9.60
CA PHE D 556 71.68 -2.28 10.69
C PHE D 556 70.61 -3.24 10.15
N LEU D 557 71.02 -4.47 9.87
CA LEU D 557 70.07 -5.53 9.59
C LEU D 557 70.44 -6.86 10.23
N TYR D 558 71.69 -7.08 10.60
CA TYR D 558 72.09 -8.24 11.40
C TYR D 558 72.94 -7.73 12.56
N ARG D 559 72.56 -8.09 13.77
CA ARG D 559 73.27 -7.68 14.97
C ARG D 559 73.67 -8.93 15.77
N ASP D 560 74.47 -8.72 16.81
CA ASP D 560 74.95 -9.80 17.67
C ASP D 560 75.72 -10.84 16.84
N VAL D 561 76.72 -10.35 16.11
CA VAL D 561 77.49 -11.20 15.21
C VAL D 561 78.52 -11.99 16.01
N THR D 562 78.73 -13.25 15.60
CA THR D 562 79.58 -14.17 16.35
C THR D 562 80.21 -15.16 15.38
N TRP D 563 81.02 -16.07 15.95
CA TRP D 563 81.67 -17.12 15.18
C TRP D 563 81.37 -18.48 15.80
N ILE D 564 81.18 -19.48 14.94
CA ILE D 564 80.84 -20.83 15.36
C ILE D 564 81.85 -21.80 14.76
N LEU D 565 82.05 -22.92 15.45
CA LEU D 565 82.74 -24.07 14.88
C LEU D 565 81.89 -25.32 15.09
N LEU D 566 82.02 -26.27 14.17
CA LEU D 566 81.15 -27.44 14.18
C LEU D 566 81.89 -28.71 14.59
N ARG D 567 82.15 -29.59 13.62
CA ARG D 567 82.74 -30.90 13.84
C ARG D 567 81.85 -31.79 14.70
N THR D 568 81.63 -33.02 14.27
CA THR D 568 80.68 -33.89 14.94
C THR D 568 81.08 -35.34 14.73
N VAL D 569 80.95 -36.14 15.79
CA VAL D 569 81.16 -37.58 15.74
C VAL D 569 79.81 -38.24 15.99
N ASN D 570 79.16 -38.70 14.93
CA ASN D 570 77.81 -39.26 14.95
C ASN D 570 76.77 -38.19 15.31
N ASN D 571 75.91 -38.45 16.30
CA ASN D 571 74.74 -37.63 16.54
C ASN D 571 74.94 -36.58 17.63
N ARG D 572 76.18 -36.21 17.94
CA ARG D 572 76.47 -35.08 18.81
C ARG D 572 77.18 -34.02 17.99
N THR D 573 76.75 -32.76 18.14
CA THR D 573 77.19 -31.70 17.23
C THR D 573 77.38 -30.38 17.96
N MET D 574 76.39 -29.50 17.81
CA MET D 574 76.29 -28.23 18.54
C MET D 574 77.35 -27.22 18.11
N HIS D 575 77.30 -26.03 18.72
CA HIS D 575 78.07 -24.86 18.31
C HIS D 575 79.19 -24.60 19.30
N TYR D 576 79.89 -23.48 19.09
CA TYR D 576 80.93 -23.06 20.01
C TYR D 576 81.06 -21.54 20.10
N SER D 577 82.28 -21.01 19.98
CA SER D 577 82.58 -19.68 20.49
C SER D 577 83.98 -19.29 20.01
N ILE D 578 84.34 -17.97 19.99
CA ILE D 578 83.67 -16.72 20.42
C ILE D 578 83.69 -16.62 21.97
N SER D 579 83.38 -15.47 22.57
CA SER D 579 83.38 -14.15 21.95
C SER D 579 84.51 -13.36 22.60
N LYS D 580 85.45 -14.10 23.18
CA LYS D 580 86.57 -13.51 23.90
C LYS D 580 87.43 -12.66 22.97
N GLN D 581 86.91 -11.50 22.57
CA GLN D 581 87.66 -10.50 21.81
C GLN D 581 87.96 -11.01 20.39
N LYS D 582 88.39 -10.16 19.46
CA LYS D 582 88.83 -8.78 19.67
C LYS D 582 87.84 -7.71 19.20
N MET D 583 86.95 -7.30 20.11
CA MET D 583 86.07 -6.14 19.91
C MET D 583 85.21 -6.29 18.66
N ALA D 584 84.70 -5.18 18.14
CA ALA D 584 83.88 -5.17 16.92
C ALA D 584 83.87 -3.76 16.38
N ILE D 585 84.38 -3.57 15.16
CA ILE D 585 84.53 -2.25 14.57
C ILE D 585 83.33 -1.98 13.67
N THR D 586 82.55 -0.97 14.03
CA THR D 586 81.39 -0.56 13.26
C THR D 586 81.81 0.56 12.31
N LYS D 587 81.75 0.29 11.01
CA LYS D 587 82.21 1.22 9.98
C LYS D 587 81.08 1.43 8.98
N GLU D 588 80.54 2.65 8.93
CA GLU D 588 79.43 2.94 8.02
C GLU D 588 79.94 3.12 6.60
N HIS D 589 79.32 2.41 5.66
CA HIS D 589 78.22 1.48 5.95
C HIS D 589 78.72 0.05 6.08
N SER D 590 77.99 -0.77 6.84
CA SER D 590 78.26 -2.19 7.01
C SER D 590 79.47 -2.46 7.90
N ILE D 591 79.24 -3.10 9.05
CA ILE D 591 80.27 -3.40 10.03
C ILE D 591 81.11 -4.59 9.57
N THR D 592 82.22 -4.85 10.28
CA THR D 592 83.10 -5.97 9.96
C THR D 592 83.58 -6.63 11.25
N LEU D 593 83.79 -7.96 11.18
CA LEU D 593 84.26 -8.76 12.30
C LEU D 593 85.50 -9.53 11.88
N ASN D 594 86.65 -9.20 12.49
CA ASN D 594 87.91 -9.84 12.18
C ASN D 594 88.26 -10.88 13.25
N LEU D 595 88.38 -12.14 12.84
CA LEU D 595 88.84 -13.23 13.70
C LEU D 595 90.16 -13.74 13.17
N THR D 596 91.15 -13.87 14.06
CA THR D 596 92.47 -14.39 13.71
C THR D 596 92.87 -15.47 14.71
N ILE D 597 93.34 -16.61 14.19
CA ILE D 597 93.80 -17.73 15.00
C ILE D 597 95.27 -17.96 14.70
N MET D 598 96.06 -18.20 15.75
CA MET D 598 97.49 -18.40 15.64
C MET D 598 97.86 -19.87 15.84
N ASN D 599 98.73 -20.37 14.97
CA ASN D 599 99.25 -21.75 15.02
C ASN D 599 98.11 -22.77 14.99
N VAL D 600 97.55 -22.90 13.78
CA VAL D 600 96.45 -23.83 13.55
C VAL D 600 97.02 -25.24 13.41
N SER D 601 96.62 -26.14 14.29
CA SER D 601 97.07 -27.52 14.26
C SER D 601 96.07 -28.37 13.46
N LEU D 602 96.19 -29.69 13.59
CA LEU D 602 95.29 -30.59 12.88
C LEU D 602 93.90 -30.59 13.50
N GLN D 603 93.77 -30.19 14.77
CA GLN D 603 92.48 -30.12 15.44
C GLN D 603 91.91 -28.71 15.51
N ASP D 604 92.71 -27.68 15.22
CA ASP D 604 92.25 -26.31 15.23
C ASP D 604 91.66 -25.88 13.89
N SER D 605 91.12 -26.81 13.10
CA SER D 605 90.58 -26.48 11.79
C SER D 605 89.44 -27.45 11.46
N GLY D 606 88.25 -26.91 11.23
CA GLY D 606 87.10 -27.73 10.91
C GLY D 606 86.11 -27.04 10.00
N THR D 607 84.97 -26.60 10.55
CA THR D 607 83.93 -25.91 9.79
C THR D 607 83.52 -24.66 10.59
N TYR D 608 83.97 -23.50 10.13
CA TYR D 608 83.69 -22.23 10.78
C TYR D 608 82.53 -21.50 10.09
N ALA D 609 81.82 -20.70 10.87
CA ALA D 609 80.64 -20.00 10.38
C ALA D 609 80.48 -18.68 11.11
N CYS D 610 79.79 -17.75 10.45
CA CYS D 610 79.48 -16.44 11.00
C CYS D 610 77.97 -16.36 11.25
N ARG D 611 77.60 -16.33 12.52
CA ARG D 611 76.20 -16.27 12.95
C ARG D 611 75.84 -14.82 13.22
N ALA D 612 74.72 -14.36 12.64
CA ALA D 612 74.32 -12.98 12.78
C ALA D 612 72.81 -12.93 13.01
N ARG D 613 72.41 -12.63 14.24
CA ARG D 613 71.00 -12.52 14.59
C ARG D 613 70.41 -11.23 14.00
N ASN D 614 69.09 -11.08 14.10
CA ASN D 614 68.40 -9.90 13.60
C ASN D 614 67.01 -9.83 14.20
N VAL D 615 66.40 -8.65 14.08
CA VAL D 615 65.15 -8.37 14.77
C VAL D 615 64.06 -8.28 13.70
N TYR D 616 64.47 -7.93 12.48
CA TYR D 616 63.53 -7.89 11.38
C TYR D 616 62.94 -9.28 11.13
N THR D 617 63.78 -10.21 10.72
CA THR D 617 63.43 -11.60 10.63
C THR D 617 64.63 -12.42 11.06
N GLY D 618 64.39 -13.43 11.88
CA GLY D 618 65.47 -14.04 12.64
C GLY D 618 66.43 -14.87 11.78
N GLU D 619 67.71 -14.79 12.14
CA GLU D 619 68.79 -15.70 11.75
C GLU D 619 69.29 -15.56 10.30
N GLU D 620 70.60 -15.57 10.16
CA GLU D 620 71.25 -15.63 8.85
C GLU D 620 72.70 -16.02 9.09
N ILE D 621 73.04 -17.27 8.77
CA ILE D 621 74.35 -17.83 9.08
C ILE D 621 75.02 -18.28 7.79
N LEU D 622 76.29 -17.92 7.65
CA LEU D 622 77.08 -18.27 6.48
C LEU D 622 78.25 -19.14 6.94
N GLN D 623 78.34 -20.35 6.39
CA GLN D 623 79.32 -21.33 6.83
C GLN D 623 80.56 -21.36 5.93
N LYS D 624 81.59 -22.04 6.43
CA LYS D 624 82.84 -22.30 5.70
C LYS D 624 83.65 -23.44 6.33
N LYS D 625 84.06 -24.43 5.54
CA LYS D 625 84.79 -25.58 6.07
C LYS D 625 86.19 -25.62 5.48
N GLU D 626 87.19 -25.71 6.35
CA GLU D 626 88.57 -25.92 5.92
C GLU D 626 89.32 -26.58 7.06
N ILE D 627 90.15 -27.56 6.70
CA ILE D 627 90.92 -28.33 7.68
C ILE D 627 92.36 -28.38 7.21
N THR D 628 93.29 -28.27 8.16
CA THR D 628 94.71 -28.42 7.86
C THR D 628 95.32 -29.59 8.62
C1 NAG E . -66.12 -34.72 -3.57
C2 NAG E . -65.39 -35.79 -2.75
C3 NAG E . -65.26 -35.39 -1.27
C4 NAG E . -66.60 -35.00 -0.65
C5 NAG E . -67.53 -34.40 -1.69
C6 NAG E . -68.45 -33.35 -1.12
C7 NAG E . -65.95 -37.88 -3.95
C8 NAG E . -66.69 -39.18 -3.87
N2 NAG E . -66.04 -37.09 -2.87
O3 NAG E . -64.35 -34.29 -1.16
O4 NAG E . -67.21 -36.13 -0.04
O5 NAG E . -66.74 -33.77 -2.69
O6 NAG E . -69.73 -33.88 -0.81
O7 NAG E . -65.31 -37.55 -4.95
C1 NAG E . -67.10 -36.04 1.40
C2 NAG E . -68.10 -37.00 2.04
C3 NAG E . -67.95 -36.97 3.56
C4 NAG E . -66.50 -37.24 3.97
C5 NAG E . -65.57 -36.25 3.25
C6 NAG E . -64.11 -36.53 3.52
C7 NAG E . -70.12 -35.57 1.93
C8 NAG E . -71.52 -35.49 1.42
N2 NAG E . -69.46 -36.71 1.65
O3 NAG E . -68.82 -37.94 4.15
O4 NAG E . -66.36 -37.09 5.38
O5 NAG E . -65.77 -36.36 1.84
O6 NAG E . -63.93 -37.55 4.49
O7 NAG E . -69.59 -34.66 2.56
C1 NAG F . -33.49 19.22 36.37
C2 NAG F . -32.30 19.00 37.31
C3 NAG F . -31.94 17.52 37.37
C4 NAG F . -33.09 16.73 37.98
C5 NAG F . -34.40 17.06 37.25
C6 NAG F . -35.45 17.70 38.14
C7 NAG F . -31.03 21.09 37.13
C8 NAG F . -29.78 21.74 36.62
N2 NAG F . -31.15 19.79 36.90
O3 NAG F . -30.77 17.34 38.15
O4 NAG F . -32.83 15.34 37.88
O5 NAG F . -34.18 17.94 36.14
O6 NAG F . -34.88 18.18 39.36
O7 NAG F . -31.90 21.73 37.72
C1 NAG F . -33.49 14.50 38.87
C2 NAG F . -33.23 15.06 40.28
C3 NAG F . -33.98 14.22 41.33
C4 NAG F . -35.45 14.10 40.97
C5 NAG F . -35.61 13.55 39.56
C6 NAG F . -37.05 13.50 39.11
C7 NAG F . -31.18 16.20 41.01
C8 NAG F . -29.71 16.05 41.26
N2 NAG F . -31.81 15.10 40.58
O3 NAG F . -33.83 14.81 42.61
O4 NAG F . -36.11 13.22 41.89
O5 NAG F . -34.92 14.40 38.63
O6 NAG F . -37.19 13.82 37.73
O7 NAG F . -31.77 17.26 41.16
C1 NAG G . -44.18 -11.76 19.19
C2 NAG G . -42.84 -11.08 19.56
C3 NAG G . -42.19 -11.78 20.77
C4 NAG G . -41.90 -13.24 20.47
C5 NAG G . -42.84 -13.78 19.40
C6 NAG G . -43.05 -15.27 19.48
C7 NAG G . -42.11 -10.30 17.34
C8 NAG G . -41.02 -10.39 16.30
N2 NAG G . -41.92 -11.03 18.45
O3 NAG G . -43.06 -11.66 21.89
O4 NAG G . -40.55 -13.39 20.04
O5 NAG G . -44.13 -13.16 19.54
O6 NAG G . -42.11 -15.98 18.71
O7 NAG G . -43.10 -9.60 17.18
C1 NAG H . -44.97 19.45 -6.20
C2 NAG H . -43.81 18.52 -5.89
C3 NAG H . -42.72 18.65 -6.95
C4 NAG H . -43.33 18.45 -8.34
C5 NAG H . -44.55 19.34 -8.55
C6 NAG H . -45.27 19.07 -9.85
C7 NAG H . -42.44 17.93 -3.93
C8 NAG H . -41.97 18.36 -2.57
N2 NAG H . -43.26 18.78 -4.56
O3 NAG H . -41.69 17.71 -6.72
O4 NAG H . -42.35 18.74 -9.33
O5 NAG H . -45.50 19.14 -7.49
O6 NAG H . -45.33 17.68 -10.14
O7 NAG H . -42.06 16.88 -4.44
C1 NAG I . -44.11 -11.15 -24.88
C2 NAG I . -43.11 -10.96 -26.01
C3 NAG I . -42.47 -9.58 -25.92
C4 NAG I . -43.55 -8.52 -26.17
C5 NAG I . -44.75 -8.74 -25.26
C6 NAG I . -46.02 -9.05 -26.04
C7 NAG I . -41.66 -12.64 -27.06
C8 NAG I . -40.59 -13.67 -26.84
N2 NAG I . -42.08 -11.99 -25.98
O3 NAG I . -41.43 -9.45 -26.87
O4 NAG I . -43.01 -7.22 -25.92
O5 NAG I . -44.54 -9.83 -24.34
O6 NAG I . -46.27 -8.08 -27.04
O7 NAG I . -42.11 -12.42 -28.18
C1 NAG J . -18.36 -13.07 8.18
C2 NAG J . -17.12 -12.23 8.47
C3 NAG J . -17.39 -11.23 9.60
C4 NAG J . -18.63 -10.40 9.27
C5 NAG J . -19.81 -11.32 8.96
C6 NAG J . -21.05 -10.58 8.54
C7 NAG J . -14.96 -13.31 8.00
C8 NAG J . -13.88 -14.22 8.54
N2 NAG J . -15.99 -13.09 8.82
O3 NAG J . -16.26 -10.39 9.75
O4 NAG J . -18.96 -9.59 10.39
O5 NAG J . -19.46 -12.21 7.88
O6 NAG J . -21.00 -9.21 8.90
O7 NAG J . -14.88 -12.80 6.89
C1 NAG K . -13.73 -31.53 -0.78
C2 NAG K . -14.55 -32.78 -1.07
C3 NAG K . -13.91 -33.59 -2.21
C4 NAG K . -13.72 -32.70 -3.42
C5 NAG K . -12.94 -31.43 -3.05
C6 NAG K . -12.82 -30.46 -4.19
C7 NAG K . -13.94 -34.24 0.92
C8 NAG K . -12.48 -34.12 0.60
N2 NAG K . -14.82 -33.61 0.11
O3 NAG K . -14.76 -34.69 -2.54
O4 NAG K . -12.99 -33.41 -4.42
O5 NAG K . -13.62 -30.74 -1.98
O6 NAG K . -12.62 -31.14 -5.42
O7 NAG K . -14.33 -34.90 1.88
C1 NAG L . 28.91 -13.85 16.03
C2 NAG L . 28.11 -13.69 17.36
C3 NAG L . 28.96 -13.85 18.66
C4 NAG L . 30.48 -13.73 18.51
C5 NAG L . 30.96 -13.70 17.07
C6 NAG L . 32.36 -14.24 16.90
C7 NAG L . 27.56 -11.21 17.43
C8 NAG L . 29.01 -10.84 17.33
N2 NAG L . 27.23 -12.52 17.41
O3 NAG L . 28.62 -15.08 19.29
O4 NAG L . 30.94 -12.59 19.20
O5 NAG L . 30.10 -14.50 16.27
O6 NAG L . 33.24 -13.76 17.90
O7 NAG L . 26.69 -10.35 17.51
C1 NAG M . 17.38 -14.55 22.06
C2 NAG M . 18.37 -13.67 22.82
C3 NAG M . 17.68 -12.89 23.94
C4 NAG M . 16.65 -13.75 24.68
C5 NAG M . 15.71 -14.47 23.73
C6 NAG M . 14.26 -14.08 23.91
C7 NAG M . 20.64 -14.59 22.71
C8 NAG M . 21.66 -15.44 23.41
N2 NAG M . 19.48 -14.46 23.35
O3 NAG M . 17.03 -11.74 23.39
O4 NAG M . 17.34 -14.71 25.50
O5 NAG M . 16.05 -14.16 22.37
O6 NAG M . 13.62 -14.87 24.90
O7 NAG M . 20.87 -14.06 21.63
C1 NAG N . 51.08 -16.12 -21.11
C2 NAG N . 49.83 -15.58 -21.80
C3 NAG N . 49.04 -16.72 -22.43
C4 NAG N . 49.94 -17.54 -23.35
C5 NAG N . 51.18 -18.00 -22.60
C6 NAG N . 52.18 -18.73 -23.48
C7 NAG N . 48.22 -13.82 -21.24
C8 NAG N . 47.42 -13.17 -20.15
N2 NAG N . 49.00 -14.83 -20.86
O3 NAG N . 47.94 -16.18 -23.17
O4 NAG N . 49.23 -18.68 -23.85
O5 NAG N . 51.86 -16.87 -22.05
O6 NAG N . 51.57 -19.21 -24.67
O7 NAG N . 48.14 -13.45 -22.41
C1 NAG O . 97.68 -1.59 -42.23
C2 NAG O . 98.22 -2.43 -43.40
C3 NAG O . 99.20 -3.48 -42.92
C4 NAG O . 100.30 -2.84 -42.07
C5 NAG O . 99.67 -2.06 -40.93
C6 NAG O . 100.70 -1.33 -40.09
C7 NAG O . 96.28 -3.96 -43.67
C8 NAG O . 95.25 -4.47 -44.62
N2 NAG O . 97.14 -3.04 -44.16
O3 NAG O . 99.78 -4.15 -44.03
O4 NAG O . 101.16 -3.84 -41.54
O5 NAG O . 98.78 -1.06 -41.46
O6 NAG O . 102.00 -1.83 -40.31
O7 NAG O . 96.34 -4.35 -42.50
C1 NAG P . 18.66 -17.36 27.89
C2 NAG P . 19.77 -16.92 26.94
C3 NAG P . 20.92 -16.28 27.73
C4 NAG P . 20.39 -15.17 28.62
C5 NAG P . 19.26 -15.68 29.50
C6 NAG P . 18.60 -14.60 30.33
C7 NAG P . 19.97 -18.22 24.86
C8 NAG P . 20.56 -19.44 24.21
N2 NAG P . 20.26 -18.04 26.15
O3 NAG P . 21.89 -15.76 26.82
O4 NAG P . 21.43 -14.67 29.46
O5 NAG P . 18.23 -16.24 28.67
O6 NAG P . 19.22 -14.48 31.61
O7 NAG P . 19.26 -17.43 24.24
C1 NAG Q . -57.04 44.56 20.49
C2 NAG Q . -58.42 45.11 20.85
C3 NAG Q . -59.11 45.67 19.62
C4 NAG Q . -58.32 46.86 19.10
C5 NAG Q . -56.86 46.45 18.84
C6 NAG Q . -55.86 47.26 19.62
C7 NAG Q . -59.66 42.94 20.94
C8 NAG Q . -60.51 42.06 21.80
N2 NAG Q . -59.25 44.09 21.50
O3 NAG Q . -60.43 46.09 19.95
O4 NAG Q . -58.89 47.34 17.89
O5 NAG Q . -56.63 45.06 19.16
O6 NAG Q . -54.62 46.58 19.75
O7 NAG Q . -59.37 42.64 19.78
C1 NAG R . -61.50 35.19 43.40
C2 NAG R . -62.77 35.80 43.97
C3 NAG R . -62.47 36.55 45.26
C4 NAG R . -61.75 35.64 46.25
C5 NAG R . -60.53 35.01 45.60
C6 NAG R . -59.84 34.00 46.48
C7 NAG R . -64.55 36.40 42.37
C8 NAG R . -65.05 37.43 41.40
N2 NAG R . -63.40 36.69 42.99
O3 NAG R . -63.69 37.01 45.84
O4 NAG R . -61.35 36.37 47.39
O5 NAG R . -60.90 34.34 44.39
O6 NAG R . -60.16 34.21 47.85
O7 NAG R . -65.16 35.35 42.58
C1 NAG S . -17.50 16.47 -0.82
C2 NAG S . -16.59 15.33 -1.29
C3 NAG S . -17.43 14.14 -1.74
C4 NAG S . -18.40 13.73 -0.64
C5 NAG S . -19.23 14.94 -0.19
C6 NAG S . -20.11 14.62 1.00
C7 NAG S . -14.37 15.83 -2.23
C8 NAG S . -13.62 16.30 -3.44
N2 NAG S . -15.70 15.77 -2.36
O3 NAG S . -16.58 13.05 -2.07
O4 NAG S . -19.27 12.72 -1.12
O5 NAG S . -18.35 16.00 0.22
O6 NAG S . -19.43 13.83 1.96
O7 NAG S . -13.81 15.51 -1.19
C1 NAG T . -8.38 33.03 4.99
C2 NAG T . -8.49 34.36 5.73
C3 NAG T . -7.17 34.68 6.43
C4 NAG T . -6.73 33.53 7.31
C5 NAG T . -6.72 32.22 6.52
C6 NAG T . -6.44 31.01 7.38
C7 NAG T . -8.22 35.86 3.78
C8 NAG T . -8.84 36.98 3.01
N2 NAG T . -8.90 35.44 4.85
O3 NAG T . -7.32 35.86 7.21
O4 NAG T . -5.43 33.77 7.83
O5 NAG T . -7.99 32.00 5.90
O6 NAG T . -6.87 31.20 8.72
O7 NAG T . -7.15 35.35 3.44
C1 NAG U . 26.10 12.45 -22.37
C2 NAG U . 25.07 12.95 -23.40
C3 NAG U . 25.64 14.13 -24.19
C4 NAG U . 26.14 15.21 -23.23
C5 NAG U . 27.13 14.61 -22.23
C6 NAG U . 27.62 15.61 -21.21
C7 NAG U . 23.65 11.06 -24.10
C8 NAG U . 23.40 10.02 -25.15
N2 NAG U . 24.69 11.88 -24.31
O3 NAG U . 24.64 14.66 -25.04
O4 NAG U . 26.77 16.25 -23.97
O5 NAG U . 26.50 13.54 -21.52
O6 NAG U . 27.15 16.92 -21.48
O7 NAG U . 22.95 11.16 -23.10
C1 NAG V . 12.91 11.58 -24.98
C2 NAG V . 13.16 12.36 -26.27
C3 NAG V . 12.25 11.85 -27.38
C4 NAG V . 12.40 10.35 -27.54
C5 NAG V . 12.17 9.65 -26.20
C6 NAG V . 12.42 8.15 -26.27
C7 NAG V . 13.98 14.66 -25.97
C8 NAG V . 13.59 16.09 -25.76
N2 NAG V . 12.96 13.78 -26.06
O3 NAG V . 12.58 12.51 -28.60
O4 NAG V . 11.44 9.87 -28.49
O5 NAG V . 13.08 10.18 -25.22
O6 NAG V . 13.70 7.80 -25.77
O7 NAG V . 15.14 14.31 -26.06
C1 NAG W . 57.22 4.63 6.33
C2 NAG W . 56.21 5.68 6.80
C3 NAG W . 55.64 5.31 8.16
C4 NAG W . 55.09 3.89 8.14
C5 NAG W . 56.13 2.91 7.59
C6 NAG W . 55.59 1.51 7.43
C7 NAG W . 56.17 8.13 6.61
C8 NAG W . 56.96 9.40 6.71
N2 NAG W . 56.84 7.00 6.85
O3 NAG W . 54.62 6.22 8.51
O4 NAG W . 54.72 3.49 9.45
O5 NAG W . 56.57 3.35 6.30
O6 NAG W . 55.85 0.71 8.57
O7 NAG W . 54.98 8.14 6.31
C1 NAG X . 102.87 -19.80 14.69
C2 NAG X . 103.50 -18.93 15.76
C3 NAG X . 104.62 -18.09 15.16
C4 NAG X . 105.62 -18.97 14.44
C5 NAG X . 104.91 -19.88 13.43
C6 NAG X . 105.83 -20.88 12.78
C7 NAG X . 102.60 -17.69 17.70
C8 NAG X . 101.49 -16.82 18.20
N2 NAG X . 102.52 -18.08 16.41
O3 NAG X . 105.27 -17.34 16.19
O4 NAG X . 106.58 -18.17 13.75
O5 NAG X . 103.87 -20.63 14.07
O6 NAG X . 106.96 -21.18 13.60
O7 NAG X . 103.53 -18.04 18.41
C1 NAG Y . -3.69 35.39 10.65
C2 NAG Y . -4.94 35.50 11.53
C3 NAG Y . -4.74 36.58 12.60
C4 NAG Y . -3.46 36.34 13.38
C5 NAG Y . -2.28 36.21 12.41
C6 NAG Y . -0.99 35.87 13.10
C7 NAG Y . -7.12 34.92 10.57
C8 NAG Y . -6.99 33.61 11.29
N2 NAG Y . -6.12 35.78 10.73
O3 NAG Y . -5.86 36.58 13.50
O4 NAG Y . -3.22 37.41 14.28
O5 NAG Y . -2.54 35.15 11.47
O6 NAG Y . -0.20 37.04 13.33
O7 NAG Y . -8.11 35.18 9.88
#